data_3WPC
#
_entry.id   3WPC
#
_cell.length_a   68.762
_cell.length_b   81.624
_cell.length_c   81.519
_cell.angle_alpha   87.50
_cell.angle_beta   83.50
_cell.angle_gamma   85.98
#
_symmetry.space_group_name_H-M   'P 1'
#
loop_
_entity.id
_entity.type
_entity.pdbx_description
1 polymer 'Toll-like receptor 9'
2 polymer "DNA (5'-D(*CP*AP*TP*GP*AP*CP*GP*TP*TP*CP*CP*T)-3')"
3 branched 2-acetamido-2-deoxy-beta-D-glucopyranose-(1-4)-2-acetamido-2-deoxy-beta-D-glucopyranose
4 non-polymer 2-acetamido-2-deoxy-beta-D-glucopyranose
5 non-polymer 'SULFATE ION'
6 non-polymer 'SODIUM ION'
7 non-polymer GLYCEROL
8 water water
#
loop_
_entity_poly.entity_id
_entity_poly.type
_entity_poly.pdbx_seq_one_letter_code
_entity_poly.pdbx_strand_id
1 'polypeptide(L)'
;RSPWQGTLPPFLPCELQPHGLVNCNWLFLKSVPHFSAAAPRDNVTSLSLLSNRIHHLHDSDFAQLSNLQKLNLKWNCPPA
GLSPMHFPCHMTIEPNTFLAVPTLEELNLSYNGITTVPALPSSLVSLILSRTNILQLDPTSLTGLHALRFLYMDGNCYYK
NPCGRALEVAPGALLGLGNLTHLSLKYNNLTTVPRSLPPSLEYLLLSYNHIVTLAPEDLANLTALRVLDVGGNCRRCDHA
RNPCVECPHKFPQLHSDTFSHLSRLEGLVLKDSSLYQLNPRWFRGLGNLTVLDLSENFLYDCITKTKAFQGLAQLRRLNL
SFNYHKKVSFAHLTLAPSFGSLLSLQELDMHGIFFRSLSQKTLQPLARLPMLQRLYLQMNFINQAQLGIFKDFPGLRYID
LSDNRISGAVEPVATTGEVDGGKKVWLTSRDLTPGPLDTPSSEDFMPSCKNLSFTLDLSRNNLVTVQPEMFAQLSRLQCL
RLSHNSISQAVNGSQFVPLTSLQVLDLSHNKLDLYHGRSFTELPRLEALDLSYNSQPFSMRGVGHNLSFVAQLPTLRYLS
LAHNGIHSRVSQQLCSTSLWALDFSGNSLSQMWAEGDLYLRFFQGLRSLIRLDLSQNRLHTLLPCTLGNLPKSLQLLRLR
NNYLAFFNWSSLTLLPNLETLDLAGNQLKALSNGSLPSGTQLQRLDVSRNSIIFVVPGFFALATRLRELNLSANALRTVE
PSWFGFLAGSLEVLDVSANPLHCACGAAFVDFLLQVQAAVPGLPSRVKCGSPGQLQGRSIFAQDLRLCLDESLSWDEFLV
PR
;
A,B
2 'polydeoxyribonucleotide' (DC)(DA)(DT)(DG)(DA)(DC)(DG)(DT)(DT)(DC)(DC)(DT) F,E
#
# COMPACT_ATOMS: atom_id res chain seq x y z
N THR A 7 -10.43 -18.50 -38.93
CA THR A 7 -11.63 -17.63 -39.17
C THR A 7 -11.60 -16.38 -38.31
N LEU A 8 -11.69 -15.24 -38.96
CA LEU A 8 -11.70 -13.97 -38.22
C LEU A 8 -12.84 -13.80 -37.24
N PRO A 9 -12.61 -13.10 -36.10
CA PRO A 9 -13.80 -12.74 -35.31
C PRO A 9 -14.84 -12.02 -36.18
N PRO A 10 -16.11 -12.38 -35.99
CA PRO A 10 -17.15 -12.06 -36.96
C PRO A 10 -17.59 -10.59 -37.08
N PHE A 11 -17.33 -9.78 -36.06
CA PHE A 11 -17.77 -8.37 -36.00
C PHE A 11 -16.65 -7.36 -35.65
N LEU A 12 -15.40 -7.68 -36.00
CA LEU A 12 -14.33 -6.72 -35.88
C LEU A 12 -14.78 -5.34 -36.33
N PRO A 13 -14.37 -4.28 -35.58
CA PRO A 13 -13.47 -4.23 -34.43
C PRO A 13 -14.11 -4.64 -33.08
N CYS A 14 -15.40 -5.00 -33.09
CA CYS A 14 -16.16 -5.29 -31.90
C CYS A 14 -16.02 -6.74 -31.51
N GLU A 15 -16.63 -7.11 -30.39
CA GLU A 15 -16.59 -8.46 -29.80
C GLU A 15 -17.96 -9.06 -29.60
N LEU A 16 -18.15 -10.28 -30.12
CA LEU A 16 -19.42 -10.99 -29.98
C LEU A 16 -19.45 -11.61 -28.61
N GLN A 17 -20.48 -11.30 -27.83
CA GLN A 17 -20.58 -11.76 -26.46
C GLN A 17 -21.89 -12.55 -26.34
N PRO A 18 -22.14 -13.17 -25.17
CA PRO A 18 -23.34 -14.02 -25.08
C PRO A 18 -24.70 -13.34 -25.35
N HIS A 19 -25.68 -14.14 -25.75
CA HIS A 19 -27.05 -13.68 -26.00
C HIS A 19 -27.14 -12.61 -27.11
N GLY A 20 -26.31 -12.74 -28.14
CA GLY A 20 -26.41 -11.90 -29.32
C GLY A 20 -25.98 -10.44 -29.11
N LEU A 21 -25.14 -10.22 -28.08
CA LEU A 21 -24.55 -8.93 -27.82
C LEU A 21 -23.28 -8.67 -28.65
N VAL A 22 -23.32 -7.65 -29.50
CA VAL A 22 -22.13 -7.15 -30.17
C VAL A 22 -21.66 -5.96 -29.37
N ASN A 23 -20.49 -6.13 -28.75
CA ASN A 23 -19.92 -5.14 -27.87
C ASN A 23 -18.82 -4.37 -28.58
N CYS A 24 -19.14 -3.11 -28.89
CA CYS A 24 -18.27 -2.16 -29.54
C CYS A 24 -17.84 -1.09 -28.55
N ASN A 25 -17.98 -1.32 -27.24
CA ASN A 25 -17.67 -0.25 -26.26
C ASN A 25 -16.20 0.19 -26.26
N TRP A 26 -15.98 1.48 -26.04
CA TRP A 26 -14.62 2.01 -25.73
C TRP A 26 -13.60 1.67 -26.83
N LEU A 27 -14.00 1.82 -28.10
CA LEU A 27 -13.15 1.56 -29.28
C LEU A 27 -12.75 2.85 -30.02
N PHE A 28 -13.06 3.99 -29.41
CA PHE A 28 -12.82 5.30 -29.96
C PHE A 28 -13.33 5.48 -31.38
N LEU A 29 -14.46 4.84 -31.70
CA LEU A 29 -15.03 4.95 -33.03
C LEU A 29 -15.69 6.32 -33.27
N LYS A 30 -15.54 6.80 -34.51
CA LYS A 30 -16.15 8.08 -34.92
C LYS A 30 -17.36 7.83 -35.75
N SER A 31 -17.60 6.59 -36.14
CA SER A 31 -18.81 6.22 -36.85
C SER A 31 -19.27 4.79 -36.51
N VAL A 32 -20.55 4.52 -36.65
CA VAL A 32 -21.03 3.16 -36.39
C VAL A 32 -20.33 2.18 -37.35
N PRO A 33 -19.76 1.07 -36.84
CA PRO A 33 -19.13 0.11 -37.76
C PRO A 33 -20.08 -0.44 -38.83
N HIS A 34 -19.51 -0.63 -40.01
CA HIS A 34 -20.12 -1.47 -41.04
C HIS A 34 -19.28 -2.73 -41.06
N PHE A 35 -19.90 -3.78 -40.54
CA PHE A 35 -19.26 -5.07 -40.36
C PHE A 35 -19.00 -5.74 -41.71
N SER A 36 -18.34 -6.90 -41.72
CA SER A 36 -18.04 -7.59 -42.97
C SER A 36 -19.30 -8.03 -43.71
N ALA A 37 -19.16 -8.29 -45.01
CA ALA A 37 -20.30 -8.71 -45.84
C ALA A 37 -20.92 -10.01 -45.34
N ALA A 38 -20.06 -10.90 -44.84
CA ALA A 38 -20.45 -12.22 -44.37
C ALA A 38 -20.92 -12.27 -42.92
N ALA A 39 -20.87 -11.15 -42.20
CA ALA A 39 -21.16 -11.12 -40.77
C ALA A 39 -22.57 -11.64 -40.50
N PRO A 40 -22.75 -12.41 -39.40
CA PRO A 40 -24.05 -13.02 -39.08
C PRO A 40 -24.97 -12.00 -38.38
N ARG A 41 -25.41 -11.03 -39.16
CA ARG A 41 -26.10 -9.88 -38.61
C ARG A 41 -27.42 -10.19 -37.91
N ASP A 42 -28.08 -11.27 -38.32
CA ASP A 42 -29.32 -11.70 -37.68
C ASP A 42 -29.10 -12.25 -36.27
N ASN A 43 -27.86 -12.59 -35.94
CA ASN A 43 -27.52 -12.93 -34.56
C ASN A 43 -27.45 -11.68 -33.65
N VAL A 44 -27.44 -10.46 -34.21
CA VAL A 44 -27.24 -9.25 -33.40
C VAL A 44 -28.57 -8.81 -32.82
N THR A 45 -28.77 -9.08 -31.54
CA THR A 45 -29.98 -8.63 -30.89
C THR A 45 -29.69 -7.42 -29.99
N SER A 46 -28.42 -7.23 -29.64
CA SER A 46 -28.01 -6.05 -28.86
C SER A 46 -26.70 -5.51 -29.44
N LEU A 47 -26.63 -4.20 -29.67
CA LEU A 47 -25.41 -3.52 -30.13
C LEU A 47 -25.07 -2.45 -29.12
N SER A 48 -23.91 -2.57 -28.47
N SER A 48 -23.90 -2.53 -28.49
CA SER A 48 -23.45 -1.58 -27.49
CA SER A 48 -23.50 -1.55 -27.51
C SER A 48 -22.31 -0.79 -28.12
C SER A 48 -22.30 -0.78 -28.06
N LEU A 49 -22.47 0.54 -28.09
CA LEU A 49 -21.48 1.48 -28.61
C LEU A 49 -21.07 2.50 -27.54
N LEU A 50 -21.07 2.08 -26.28
CA LEU A 50 -20.81 2.97 -25.15
C LEU A 50 -19.47 3.65 -25.27
N SER A 51 -19.47 4.97 -25.10
CA SER A 51 -18.28 5.76 -24.88
C SER A 51 -17.32 5.76 -26.07
N ASN A 52 -17.86 5.64 -27.27
CA ASN A 52 -17.09 5.93 -28.48
C ASN A 52 -17.18 7.44 -28.72
N ARG A 53 -16.86 7.93 -29.91
CA ARG A 53 -16.88 9.36 -30.22
C ARG A 53 -17.68 9.57 -31.51
N ILE A 54 -18.85 8.93 -31.55
CA ILE A 54 -19.75 9.01 -32.67
C ILE A 54 -20.65 10.25 -32.51
N HIS A 55 -20.43 11.24 -33.38
CA HIS A 55 -21.14 12.53 -33.27
C HIS A 55 -22.18 12.67 -34.34
N HIS A 56 -22.21 11.73 -35.25
CA HIS A 56 -23.12 11.82 -36.40
C HIS A 56 -23.70 10.43 -36.67
N LEU A 57 -25.03 10.32 -36.61
CA LEU A 57 -25.70 9.08 -36.89
C LEU A 57 -26.45 9.22 -38.20
N HIS A 58 -26.44 8.12 -38.96
CA HIS A 58 -26.88 8.15 -40.35
C HIS A 58 -28.03 7.16 -40.57
N ASP A 59 -28.89 7.45 -41.56
CA ASP A 59 -29.99 6.53 -41.90
C ASP A 59 -29.64 5.05 -42.11
N SER A 60 -28.45 4.80 -42.63
CA SER A 60 -27.99 3.47 -43.00
C SER A 60 -27.25 2.74 -41.84
N ASP A 61 -27.03 3.45 -40.72
CA ASP A 61 -26.18 2.89 -39.65
C ASP A 61 -26.64 1.53 -39.14
N PHE A 62 -27.95 1.37 -38.88
CA PHE A 62 -28.48 0.17 -38.23
C PHE A 62 -29.46 -0.61 -39.11
N ALA A 63 -29.57 -0.16 -40.36
CA ALA A 63 -30.59 -0.63 -41.28
C ALA A 63 -30.48 -2.12 -41.70
N GLN A 64 -29.30 -2.74 -41.56
CA GLN A 64 -29.17 -4.16 -41.90
C GLN A 64 -29.31 -5.10 -40.68
N LEU A 65 -29.49 -4.53 -39.49
CA LEU A 65 -29.56 -5.31 -38.25
C LEU A 65 -31.02 -5.66 -37.99
N SER A 66 -31.49 -6.66 -38.73
CA SER A 66 -32.93 -7.00 -38.79
C SER A 66 -33.58 -7.54 -37.51
N ASN A 67 -32.81 -8.12 -36.59
CA ASN A 67 -33.34 -8.60 -35.32
C ASN A 67 -32.93 -7.75 -34.10
N LEU A 68 -32.46 -6.52 -34.36
CA LEU A 68 -31.89 -5.71 -33.30
C LEU A 68 -32.97 -5.27 -32.34
N GLN A 69 -32.76 -5.58 -31.07
CA GLN A 69 -33.71 -5.24 -30.03
C GLN A 69 -33.19 -4.14 -29.09
N LYS A 70 -31.87 -4.09 -28.86
CA LYS A 70 -31.30 -3.17 -27.87
C LYS A 70 -30.12 -2.41 -28.48
N LEU A 71 -30.06 -1.09 -28.26
CA LEU A 71 -29.03 -0.25 -28.84
C LEU A 71 -28.56 0.75 -27.79
N ASN A 72 -27.26 0.69 -27.48
CA ASN A 72 -26.72 1.57 -26.48
C ASN A 72 -25.71 2.52 -27.13
N LEU A 73 -26.09 3.81 -27.18
CA LEU A 73 -25.23 4.89 -27.73
C LEU A 73 -24.77 5.91 -26.68
N LYS A 74 -24.83 5.52 -25.42
CA LYS A 74 -24.46 6.39 -24.31
C LYS A 74 -22.99 6.93 -24.40
N TRP A 75 -22.83 8.20 -24.07
CA TRP A 75 -21.53 8.86 -23.86
C TRP A 75 -20.72 9.12 -25.15
N ASN A 76 -21.38 9.10 -26.31
CA ASN A 76 -20.68 9.29 -27.56
C ASN A 76 -20.34 10.75 -27.86
N CYS A 77 -21.11 11.67 -27.27
CA CYS A 77 -21.01 13.09 -27.63
C CYS A 77 -21.46 13.94 -26.44
N PRO A 78 -20.73 13.86 -25.32
CA PRO A 78 -21.31 14.43 -24.11
C PRO A 78 -21.46 15.91 -24.19
N PRO A 79 -22.54 16.43 -23.58
CA PRO A 79 -22.63 17.90 -23.41
C PRO A 79 -21.37 18.44 -22.72
N ALA A 80 -21.03 19.70 -23.01
CA ALA A 80 -19.79 20.30 -22.46
C ALA A 80 -19.61 20.12 -20.96
N GLY A 81 -20.71 20.26 -20.19
CA GLY A 81 -20.57 20.17 -18.75
C GLY A 81 -20.17 18.84 -18.24
N LEU A 82 -20.49 17.80 -19.01
CA LEU A 82 -20.19 16.42 -18.72
C LEU A 82 -18.91 15.84 -19.36
N SER A 83 -18.43 16.49 -20.39
CA SER A 83 -17.14 16.20 -21.05
C SER A 83 -15.98 16.38 -20.03
N PRO A 84 -15.09 15.40 -19.91
CA PRO A 84 -13.96 15.58 -18.99
C PRO A 84 -13.19 16.89 -19.20
N MET A 85 -13.11 17.38 -20.45
CA MET A 85 -12.42 18.65 -20.77
C MET A 85 -13.32 19.81 -21.10
N HIS A 86 -14.61 19.65 -20.83
CA HIS A 86 -15.57 20.64 -21.19
C HIS A 86 -15.57 21.00 -22.68
N PHE A 87 -15.28 20.02 -23.54
CA PHE A 87 -15.42 20.26 -24.96
C PHE A 87 -16.91 20.19 -25.31
N PRO A 88 -17.39 21.16 -26.10
CA PRO A 88 -18.76 21.03 -26.56
C PRO A 88 -18.94 19.86 -27.53
N CYS A 89 -20.14 19.31 -27.53
CA CYS A 89 -20.52 18.35 -28.55
C CYS A 89 -21.99 18.46 -28.90
N HIS A 90 -22.25 18.44 -30.20
CA HIS A 90 -23.60 18.32 -30.73
C HIS A 90 -23.68 17.07 -31.61
N MET A 91 -24.61 16.18 -31.27
CA MET A 91 -24.84 14.98 -32.02
C MET A 91 -25.93 15.21 -33.06
N THR A 92 -25.60 14.94 -34.31
CA THR A 92 -26.58 14.99 -35.38
C THR A 92 -27.14 13.59 -35.67
N ILE A 93 -28.43 13.55 -35.97
CA ILE A 93 -29.12 12.28 -36.18
C ILE A 93 -29.97 12.41 -37.43
N GLU A 94 -29.68 11.60 -38.44
CA GLU A 94 -30.46 11.62 -39.70
C GLU A 94 -31.91 11.13 -39.46
N PRO A 95 -32.85 11.67 -40.23
CA PRO A 95 -34.25 11.43 -39.94
C PRO A 95 -34.70 9.99 -39.68
N ASN A 96 -34.20 9.02 -40.45
CA ASN A 96 -34.64 7.63 -40.36
C ASN A 96 -33.66 6.69 -39.62
N THR A 97 -32.68 7.27 -38.93
CA THR A 97 -31.64 6.46 -38.20
C THR A 97 -32.26 5.33 -37.40
N PHE A 98 -33.32 5.61 -36.62
CA PHE A 98 -34.01 4.59 -35.81
C PHE A 98 -35.27 3.95 -36.40
N LEU A 99 -35.98 4.67 -37.27
CA LEU A 99 -37.16 4.09 -37.94
C LEU A 99 -36.72 2.90 -38.78
N ALA A 100 -35.46 2.93 -39.24
CA ALA A 100 -34.87 1.84 -40.01
C ALA A 100 -34.70 0.52 -39.20
N VAL A 101 -34.97 0.59 -37.90
CA VAL A 101 -34.92 -0.56 -37.02
C VAL A 101 -36.30 -0.79 -36.37
N PRO A 102 -37.26 -1.27 -37.16
CA PRO A 102 -38.60 -1.54 -36.66
C PRO A 102 -38.74 -2.65 -35.60
N THR A 103 -37.65 -3.34 -35.27
CA THR A 103 -37.61 -4.32 -34.18
C THR A 103 -37.05 -3.70 -32.83
N LEU A 104 -36.62 -2.46 -32.88
CA LEU A 104 -35.89 -1.87 -31.72
C LEU A 104 -36.84 -1.71 -30.54
N GLU A 105 -36.45 -2.31 -29.41
CA GLU A 105 -37.17 -2.24 -28.13
C GLU A 105 -36.58 -1.33 -27.06
N GLU A 106 -35.25 -1.16 -27.04
CA GLU A 106 -34.61 -0.44 -25.95
C GLU A 106 -33.54 0.43 -26.55
N LEU A 107 -33.58 1.72 -26.27
CA LEU A 107 -32.61 2.65 -26.79
C LEU A 107 -32.03 3.50 -25.66
N ASN A 108 -30.72 3.63 -25.67
CA ASN A 108 -30.06 4.50 -24.74
C ASN A 108 -29.29 5.57 -25.49
N LEU A 109 -29.80 6.78 -25.39
CA LEU A 109 -29.20 7.96 -26.06
C LEU A 109 -28.62 8.95 -25.06
N SER A 110 -28.37 8.52 -23.83
CA SER A 110 -27.96 9.45 -22.76
C SER A 110 -26.53 9.93 -22.94
N TYR A 111 -26.24 11.09 -22.37
CA TYR A 111 -24.89 11.64 -22.35
C TYR A 111 -24.47 12.00 -23.77
N ASN A 112 -25.41 12.56 -24.51
CA ASN A 112 -25.23 13.04 -25.89
C ASN A 112 -25.89 14.41 -26.07
N GLY A 113 -25.23 15.27 -26.83
CA GLY A 113 -25.66 16.64 -27.05
C GLY A 113 -26.70 16.78 -28.13
N ILE A 114 -27.92 16.39 -27.79
CA ILE A 114 -29.05 16.48 -28.67
C ILE A 114 -30.10 17.35 -28.01
N THR A 115 -30.82 18.11 -28.83
CA THR A 115 -31.80 19.06 -28.32
C THR A 115 -33.24 18.70 -28.66
N THR A 116 -33.42 17.71 -29.52
CA THR A 116 -34.71 17.20 -29.84
C THR A 116 -34.72 15.68 -29.87
N VAL A 117 -35.89 15.10 -29.66
CA VAL A 117 -36.10 13.66 -29.71
C VAL A 117 -36.21 13.27 -31.19
N PRO A 118 -35.41 12.28 -31.61
CA PRO A 118 -35.53 11.76 -32.97
C PRO A 118 -36.81 10.97 -33.16
N ALA A 119 -37.21 10.79 -34.41
CA ALA A 119 -38.28 9.87 -34.73
C ALA A 119 -37.88 8.45 -34.31
N LEU A 120 -38.81 7.76 -33.67
CA LEU A 120 -38.54 6.43 -33.13
C LEU A 120 -39.58 5.37 -33.55
N PRO A 121 -39.15 4.09 -33.71
CA PRO A 121 -40.07 3.04 -34.13
C PRO A 121 -41.12 2.70 -33.07
N SER A 122 -42.33 2.29 -33.49
CA SER A 122 -43.42 2.02 -32.58
C SER A 122 -43.26 0.76 -31.73
N SER A 123 -42.24 -0.05 -32.03
CA SER A 123 -41.81 -1.18 -31.20
C SER A 123 -41.17 -0.81 -29.85
N LEU A 124 -40.78 0.44 -29.69
CA LEU A 124 -39.92 0.86 -28.56
C LEU A 124 -40.63 0.71 -27.23
N VAL A 125 -39.93 0.03 -26.32
CA VAL A 125 -40.39 -0.25 -24.97
C VAL A 125 -39.65 0.61 -23.94
N SER A 126 -38.34 0.83 -24.12
CA SER A 126 -37.57 1.61 -23.16
C SER A 126 -36.72 2.67 -23.86
N LEU A 127 -36.72 3.88 -23.29
CA LEU A 127 -36.06 5.05 -23.91
C LEU A 127 -35.34 5.84 -22.82
N ILE A 128 -34.01 5.96 -22.96
CA ILE A 128 -33.22 6.71 -22.03
C ILE A 128 -32.63 7.93 -22.74
N LEU A 129 -33.01 9.13 -22.29
CA LEU A 129 -32.61 10.42 -22.90
C LEU A 129 -31.92 11.32 -21.87
N SER A 130 -31.45 10.75 -20.79
CA SER A 130 -30.79 11.52 -19.73
C SER A 130 -29.46 12.17 -20.16
N ARG A 131 -29.12 13.25 -19.47
CA ARG A 131 -27.91 14.01 -19.76
C ARG A 131 -27.79 14.28 -21.25
N THR A 132 -28.89 14.74 -21.82
CA THR A 132 -28.94 15.36 -23.16
C THR A 132 -29.27 16.82 -22.95
N ASN A 133 -29.54 17.51 -24.04
CA ASN A 133 -29.96 18.90 -23.99
C ASN A 133 -31.39 19.12 -24.53
N ILE A 134 -32.23 18.11 -24.32
CA ILE A 134 -33.65 18.15 -24.67
C ILE A 134 -34.41 18.89 -23.56
N LEU A 135 -34.93 20.11 -23.85
CA LEU A 135 -35.51 20.96 -22.80
C LEU A 135 -37.02 21.16 -22.96
N GLN A 136 -37.60 20.41 -23.88
CA GLN A 136 -39.05 20.38 -24.07
C GLN A 136 -39.53 18.99 -24.46
N LEU A 137 -40.70 18.65 -23.94
CA LEU A 137 -41.42 17.50 -24.45
C LEU A 137 -42.81 17.99 -24.75
N ASP A 138 -43.28 17.71 -25.95
N ASP A 138 -43.25 17.64 -25.94
CA ASP A 138 -44.67 18.01 -26.29
CA ASP A 138 -44.54 18.03 -26.48
C ASP A 138 -45.24 16.82 -27.04
C ASP A 138 -45.25 16.75 -26.99
N PRO A 139 -46.56 16.82 -27.29
CA PRO A 139 -47.19 15.62 -27.85
C PRO A 139 -46.53 15.06 -29.14
N THR A 140 -45.90 15.92 -29.94
CA THR A 140 -45.16 15.50 -31.13
C THR A 140 -43.73 14.97 -30.84
N SER A 141 -43.28 14.99 -29.60
CA SER A 141 -41.92 14.52 -29.29
C SER A 141 -41.80 13.01 -29.35
N LEU A 142 -42.82 12.29 -28.90
CA LEU A 142 -42.79 10.86 -28.73
C LEU A 142 -43.95 10.19 -29.49
N THR A 143 -44.22 10.71 -30.69
CA THR A 143 -45.40 10.30 -31.47
C THR A 143 -45.37 8.81 -31.74
N GLY A 144 -46.49 8.15 -31.46
CA GLY A 144 -46.70 6.77 -31.87
C GLY A 144 -46.02 5.69 -31.05
N LEU A 145 -45.41 6.05 -29.93
CA LEU A 145 -44.75 5.03 -29.09
C LEU A 145 -45.72 4.39 -28.08
N HIS A 146 -46.69 3.65 -28.61
CA HIS A 146 -47.75 3.09 -27.80
C HIS A 146 -47.36 1.92 -26.93
N ALA A 147 -46.19 1.33 -27.17
CA ALA A 147 -45.65 0.24 -26.36
C ALA A 147 -44.62 0.73 -25.30
N LEU A 148 -44.35 2.03 -25.29
CA LEU A 148 -43.29 2.56 -24.41
C LEU A 148 -43.75 2.39 -22.93
N ARG A 149 -42.92 1.70 -22.18
CA ARG A 149 -43.15 1.50 -20.76
C ARG A 149 -42.21 2.34 -19.88
N PHE A 150 -41.02 2.63 -20.40
CA PHE A 150 -40.02 3.36 -19.63
C PHE A 150 -39.51 4.60 -20.36
N LEU A 151 -39.55 5.73 -19.66
CA LEU A 151 -38.95 6.96 -20.16
C LEU A 151 -38.13 7.59 -19.05
N TYR A 152 -36.79 7.55 -19.25
CA TYR A 152 -35.81 8.18 -18.32
C TYR A 152 -35.21 9.36 -19.01
N MET A 153 -35.43 10.54 -18.43
CA MET A 153 -34.79 11.75 -18.92
C MET A 153 -34.41 12.66 -17.77
N ASP A 154 -33.33 12.25 -17.14
CA ASP A 154 -32.79 12.89 -15.95
C ASP A 154 -31.60 13.71 -16.35
N GLY A 155 -31.41 14.86 -15.71
CA GLY A 155 -30.15 15.54 -15.79
C GLY A 155 -29.96 16.36 -17.04
N ASN A 156 -31.04 16.91 -17.59
CA ASN A 156 -30.94 17.77 -18.75
C ASN A 156 -30.82 19.22 -18.34
N CYS A 157 -30.91 19.52 -17.04
CA CYS A 157 -30.71 20.91 -16.61
C CYS A 157 -30.35 20.98 -15.18
N TYR A 158 -29.05 20.97 -14.88
CA TYR A 158 -28.56 21.05 -13.51
C TYR A 158 -27.09 21.48 -13.54
N TYR A 159 -26.40 21.49 -12.39
CA TYR A 159 -25.08 22.13 -12.37
C TYR A 159 -24.03 21.53 -13.32
N LYS A 160 -24.11 20.22 -13.58
CA LYS A 160 -23.17 19.59 -14.50
C LYS A 160 -23.57 19.69 -15.99
N ASN A 161 -24.76 20.25 -16.23
CA ASN A 161 -25.31 20.29 -17.57
C ASN A 161 -26.36 21.39 -17.57
N PRO A 162 -25.93 22.66 -17.42
CA PRO A 162 -26.87 23.76 -17.21
C PRO A 162 -27.60 24.15 -18.47
N CYS A 163 -28.74 24.82 -18.33
CA CYS A 163 -29.56 25.18 -19.45
C CYS A 163 -30.15 26.60 -19.36
N GLY A 164 -30.17 27.19 -18.17
CA GLY A 164 -30.69 28.55 -17.95
C GLY A 164 -32.22 28.68 -17.82
N ARG A 165 -32.95 27.56 -17.82
CA ARG A 165 -34.43 27.58 -17.66
C ARG A 165 -34.90 26.20 -17.17
N ALA A 166 -36.20 26.04 -16.94
CA ALA A 166 -36.77 24.73 -16.58
C ALA A 166 -37.04 23.91 -17.85
N LEU A 167 -36.82 22.60 -17.76
CA LEU A 167 -37.39 21.65 -18.69
C LEU A 167 -38.88 21.95 -18.76
N GLU A 168 -39.43 21.94 -19.96
CA GLU A 168 -40.84 22.25 -20.19
C GLU A 168 -41.52 21.01 -20.75
N VAL A 169 -42.31 20.33 -19.92
CA VAL A 169 -43.16 19.23 -20.38
C VAL A 169 -44.56 19.77 -20.48
N ALA A 170 -45.05 19.89 -21.71
CA ALA A 170 -46.32 20.51 -21.97
C ALA A 170 -47.41 19.74 -21.25
N PRO A 171 -48.48 20.43 -20.82
CA PRO A 171 -49.60 19.73 -20.20
C PRO A 171 -50.16 18.65 -21.13
N GLY A 172 -50.30 17.44 -20.60
CA GLY A 172 -50.73 16.29 -21.38
C GLY A 172 -49.80 15.82 -22.47
N ALA A 173 -48.54 16.29 -22.49
CA ALA A 173 -47.57 15.92 -23.57
C ALA A 173 -47.36 14.41 -23.73
N LEU A 174 -47.46 13.65 -22.63
CA LEU A 174 -47.20 12.23 -22.61
C LEU A 174 -48.44 11.33 -22.59
N LEU A 175 -49.62 11.93 -22.75
CA LEU A 175 -50.86 11.14 -22.61
C LEU A 175 -51.00 10.05 -23.67
N GLY A 176 -50.37 10.22 -24.83
CA GLY A 176 -50.40 9.17 -25.86
C GLY A 176 -49.55 7.97 -25.56
N LEU A 177 -48.75 8.07 -24.49
CA LEU A 177 -47.95 6.94 -23.99
C LEU A 177 -48.81 6.10 -23.04
N GLY A 178 -49.78 5.40 -23.65
CA GLY A 178 -50.75 4.62 -22.90
C GLY A 178 -50.27 3.42 -22.11
N ASN A 179 -49.04 2.99 -22.34
CA ASN A 179 -48.43 1.90 -21.60
C ASN A 179 -47.31 2.35 -20.61
N LEU A 180 -47.13 3.65 -20.46
CA LEU A 180 -45.99 4.15 -19.67
C LEU A 180 -46.16 3.84 -18.18
N THR A 181 -45.19 3.11 -17.63
CA THR A 181 -45.19 2.73 -16.25
C THR A 181 -44.08 3.38 -15.42
N HIS A 182 -42.99 3.79 -16.06
CA HIS A 182 -41.85 4.37 -15.37
C HIS A 182 -41.49 5.69 -16.01
N LEU A 183 -41.49 6.79 -15.22
CA LEU A 183 -41.09 8.10 -15.68
C LEU A 183 -40.10 8.68 -14.68
N SER A 184 -38.91 9.08 -15.17
CA SER A 184 -37.89 9.69 -14.35
C SER A 184 -37.47 11.00 -14.97
N LEU A 185 -37.62 12.07 -14.18
CA LEU A 185 -37.35 13.43 -14.64
C LEU A 185 -36.57 14.19 -13.54
N LYS A 186 -35.56 13.55 -12.98
CA LYS A 186 -34.69 14.08 -11.93
C LYS A 186 -33.74 15.12 -12.54
N TYR A 187 -33.23 16.06 -11.72
CA TYR A 187 -32.14 16.98 -12.12
C TYR A 187 -32.45 17.78 -13.41
N ASN A 188 -33.66 18.35 -13.47
CA ASN A 188 -34.18 19.05 -14.67
C ASN A 188 -34.64 20.49 -14.41
N ASN A 189 -34.35 20.99 -13.23
CA ASN A 189 -34.60 22.34 -12.83
C ASN A 189 -36.11 22.65 -12.85
N LEU A 190 -36.96 21.64 -12.64
CA LEU A 190 -38.42 21.82 -12.62
C LEU A 190 -38.81 22.57 -11.34
N THR A 191 -39.87 23.38 -11.46
CA THR A 191 -40.47 23.99 -10.29
C THR A 191 -41.91 23.49 -10.07
N THR A 192 -42.52 22.77 -11.02
CA THR A 192 -43.84 22.20 -10.86
C THR A 192 -43.83 20.83 -11.51
N VAL A 193 -44.76 19.98 -11.09
CA VAL A 193 -44.94 18.69 -11.67
C VAL A 193 -45.68 18.91 -13.01
N PRO A 194 -45.19 18.29 -14.10
CA PRO A 194 -45.92 18.38 -15.37
C PRO A 194 -47.37 17.94 -15.21
N ARG A 195 -48.27 18.63 -15.92
CA ARG A 195 -49.71 18.38 -15.82
C ARG A 195 -50.16 17.18 -16.62
N SER A 196 -51.18 16.46 -16.13
CA SER A 196 -51.85 15.38 -16.88
C SER A 196 -50.86 14.36 -17.43
N LEU A 197 -50.17 13.70 -16.51
CA LEU A 197 -49.26 12.62 -16.87
C LEU A 197 -50.06 11.34 -17.10
N PRO A 198 -49.43 10.32 -17.71
CA PRO A 198 -50.19 9.10 -18.02
C PRO A 198 -50.71 8.37 -16.76
N PRO A 199 -52.02 8.05 -16.70
CA PRO A 199 -52.52 7.38 -15.49
C PRO A 199 -52.02 5.96 -15.31
N SER A 200 -51.37 5.41 -16.34
CA SER A 200 -50.73 4.10 -16.25
C SER A 200 -49.45 4.13 -15.38
N LEU A 201 -48.98 5.32 -15.07
CA LEU A 201 -47.70 5.37 -14.32
C LEU A 201 -47.72 4.60 -13.02
N GLU A 202 -46.64 3.86 -12.78
CA GLU A 202 -46.42 3.12 -11.57
C GLU A 202 -45.19 3.73 -10.82
N TYR A 203 -44.24 4.31 -11.53
CA TYR A 203 -43.03 4.89 -10.89
C TYR A 203 -42.85 6.26 -11.45
N LEU A 204 -42.87 7.26 -10.56
CA LEU A 204 -42.67 8.64 -10.95
C LEU A 204 -41.55 9.24 -10.09
N LEU A 205 -40.42 9.52 -10.71
CA LEU A 205 -39.22 10.00 -10.01
C LEU A 205 -38.90 11.42 -10.42
N LEU A 206 -38.98 12.32 -9.43
CA LEU A 206 -38.93 13.77 -9.65
C LEU A 206 -37.94 14.42 -8.72
N SER A 207 -37.00 13.65 -8.24
CA SER A 207 -36.05 14.14 -7.27
C SER A 207 -35.02 15.15 -7.84
N TYR A 208 -34.53 15.99 -6.94
CA TYR A 208 -33.45 16.91 -7.29
C TYR A 208 -33.80 17.88 -8.38
N ASN A 209 -35.05 18.32 -8.35
CA ASN A 209 -35.49 19.47 -9.05
C ASN A 209 -35.59 20.62 -8.03
N HIS A 210 -36.50 21.59 -8.28
CA HIS A 210 -36.87 22.61 -7.30
C HIS A 210 -38.39 22.70 -7.10
N ILE A 211 -38.95 21.51 -6.98
CA ILE A 211 -40.37 21.36 -6.75
C ILE A 211 -40.63 21.43 -5.25
N VAL A 212 -40.94 22.63 -4.80
CA VAL A 212 -40.97 22.89 -3.33
C VAL A 212 -42.39 22.92 -2.74
N THR A 213 -43.44 22.84 -3.59
CA THR A 213 -44.84 22.80 -3.19
C THR A 213 -45.40 21.57 -3.88
N LEU A 214 -46.21 20.81 -3.16
CA LEU A 214 -46.84 19.61 -3.69
C LEU A 214 -48.25 19.47 -3.14
N ALA A 215 -49.19 19.32 -4.07
CA ALA A 215 -50.61 19.24 -3.82
C ALA A 215 -51.23 18.01 -4.47
N PRO A 216 -52.43 17.62 -4.00
CA PRO A 216 -53.00 16.42 -4.65
C PRO A 216 -53.22 16.60 -6.17
N GLU A 217 -53.52 17.83 -6.61
CA GLU A 217 -53.63 18.15 -8.03
C GLU A 217 -52.36 17.95 -8.88
N ASP A 218 -51.20 17.92 -8.21
CA ASP A 218 -49.93 17.76 -8.88
C ASP A 218 -49.74 16.31 -9.22
N LEU A 219 -50.61 15.46 -8.66
CA LEU A 219 -50.57 14.00 -8.88
C LEU A 219 -51.93 13.51 -9.38
N ALA A 220 -52.61 14.37 -10.13
CA ALA A 220 -53.98 14.08 -10.59
C ALA A 220 -54.02 12.80 -11.42
N ASN A 221 -54.92 11.90 -11.02
CA ASN A 221 -55.23 10.69 -11.76
C ASN A 221 -54.13 9.60 -11.72
N LEU A 222 -53.09 9.81 -10.90
CA LEU A 222 -51.97 8.90 -10.90
C LEU A 222 -52.19 7.81 -9.85
N THR A 223 -53.35 7.15 -9.90
CA THR A 223 -53.72 6.25 -8.86
C THR A 223 -53.15 4.82 -8.98
N ALA A 224 -52.41 4.56 -10.06
CA ALA A 224 -51.64 3.33 -10.25
C ALA A 224 -50.19 3.47 -9.69
N LEU A 225 -49.86 4.61 -9.10
CA LEU A 225 -48.49 4.77 -8.57
C LEU A 225 -48.12 3.78 -7.47
N ARG A 226 -46.96 3.13 -7.66
CA ARG A 226 -46.34 2.24 -6.67
C ARG A 226 -45.12 2.91 -6.00
N VAL A 227 -44.40 3.77 -6.71
CA VAL A 227 -43.27 4.50 -6.15
C VAL A 227 -43.31 5.96 -6.59
N LEU A 228 -43.17 6.86 -5.61
CA LEU A 228 -43.08 8.27 -5.85
C LEU A 228 -41.84 8.80 -5.13
N ASP A 229 -40.94 9.41 -5.90
CA ASP A 229 -39.70 10.02 -5.33
C ASP A 229 -39.71 11.49 -5.63
N VAL A 230 -39.95 12.28 -4.58
CA VAL A 230 -39.85 13.76 -4.63
C VAL A 230 -38.80 14.35 -3.74
N GLY A 231 -37.86 13.52 -3.35
CA GLY A 231 -36.74 13.92 -2.50
C GLY A 231 -35.77 14.93 -3.14
N GLY A 232 -35.03 15.64 -2.29
CA GLY A 232 -33.91 16.47 -2.78
C GLY A 232 -34.38 17.73 -3.55
N ASN A 233 -35.65 18.07 -3.40
CA ASN A 233 -36.19 19.30 -4.03
C ASN A 233 -36.08 20.55 -3.12
N CYS A 234 -35.94 20.33 -1.85
CA CYS A 234 -35.77 21.42 -0.84
C CYS A 234 -34.69 20.99 0.11
N ARG A 235 -33.46 21.22 -0.33
CA ARG A 235 -32.32 20.57 0.31
C ARG A 235 -31.75 21.26 1.54
N ARG A 236 -31.11 20.48 2.40
CA ARG A 236 -30.31 21.03 3.46
C ARG A 236 -28.89 21.11 2.92
N CYS A 237 -28.41 22.30 2.63
CA CYS A 237 -27.11 22.39 1.96
C CYS A 237 -25.92 22.19 2.87
N ASP A 238 -26.16 22.24 4.19
CA ASP A 238 -25.12 21.91 5.15
C ASP A 238 -24.64 20.47 4.95
N HIS A 239 -25.54 19.57 4.55
CA HIS A 239 -25.17 18.18 4.37
C HIS A 239 -24.70 17.84 2.95
N ALA A 240 -24.81 18.78 2.02
CA ALA A 240 -24.49 18.53 0.63
C ALA A 240 -23.03 18.26 0.37
N ARG A 241 -22.82 17.28 -0.51
CA ARG A 241 -21.42 17.05 -0.98
C ARG A 241 -21.18 17.79 -2.30
N ASN A 242 -22.25 18.30 -2.90
CA ASN A 242 -22.22 18.93 -4.22
C ASN A 242 -22.77 20.37 -4.17
N PRO A 243 -22.70 21.09 -5.30
CA PRO A 243 -23.32 22.39 -5.33
C PRO A 243 -24.81 22.28 -4.97
N CYS A 244 -25.26 23.26 -4.21
CA CYS A 244 -26.57 23.13 -3.60
C CYS A 244 -27.21 24.50 -3.48
N VAL A 245 -28.48 24.55 -3.87
CA VAL A 245 -29.29 25.78 -3.88
C VAL A 245 -30.07 25.79 -2.56
N GLU A 246 -29.83 26.77 -1.71
CA GLU A 246 -30.60 26.78 -0.48
C GLU A 246 -32.11 27.01 -0.80
N CYS A 247 -32.90 26.40 0.03
CA CYS A 247 -34.35 26.34 -0.13
C CYS A 247 -34.95 27.21 0.94
N PRO A 248 -35.71 28.27 0.56
CA PRO A 248 -36.25 29.27 1.52
C PRO A 248 -37.06 28.63 2.62
N HIS A 249 -37.03 29.23 3.83
N HIS A 249 -37.04 29.23 3.81
CA HIS A 249 -37.55 28.58 5.04
CA HIS A 249 -37.54 28.60 5.03
C HIS A 249 -39.08 28.37 5.06
C HIS A 249 -39.06 28.36 5.03
N LYS A 250 -39.79 29.00 4.12
CA LYS A 250 -41.23 28.82 3.97
C LYS A 250 -41.56 27.48 3.33
N PHE A 251 -40.56 26.78 2.84
CA PHE A 251 -40.74 25.56 2.10
C PHE A 251 -40.14 24.40 2.90
N PRO A 252 -40.55 23.15 2.58
CA PRO A 252 -41.50 22.82 1.54
C PRO A 252 -42.94 23.03 2.02
N GLN A 253 -43.87 23.11 1.07
CA GLN A 253 -45.29 23.21 1.31
C GLN A 253 -45.98 21.98 0.76
N LEU A 254 -46.30 21.06 1.64
CA LEU A 254 -47.08 19.87 1.27
C LEU A 254 -48.50 20.01 1.84
N HIS A 255 -49.49 19.61 1.07
CA HIS A 255 -50.85 19.54 1.59
C HIS A 255 -50.96 18.25 2.39
N SER A 256 -51.74 18.31 3.48
N SER A 256 -51.74 18.30 3.47
CA SER A 256 -52.02 17.15 4.31
CA SER A 256 -51.98 17.15 4.31
C SER A 256 -52.49 15.96 3.48
C SER A 256 -52.50 15.95 3.49
N ASP A 257 -53.22 16.23 2.40
CA ASP A 257 -53.86 15.15 1.57
C ASP A 257 -53.19 14.90 0.20
N THR A 258 -51.92 15.36 0.05
CA THR A 258 -51.23 15.26 -1.21
C THR A 258 -51.18 13.84 -1.72
N PHE A 259 -50.97 12.88 -0.81
CA PHE A 259 -50.74 11.49 -1.21
C PHE A 259 -51.99 10.62 -1.04
N SER A 260 -53.08 11.20 -0.54
CA SER A 260 -54.19 10.37 -0.01
C SER A 260 -54.91 9.50 -1.06
N HIS A 261 -54.83 9.89 -2.34
CA HIS A 261 -55.44 9.15 -3.48
C HIS A 261 -54.55 8.05 -4.04
N LEU A 262 -53.31 7.94 -3.53
CA LEU A 262 -52.37 6.95 -4.02
C LEU A 262 -52.47 5.62 -3.27
N SER A 263 -53.61 4.97 -3.45
CA SER A 263 -53.91 3.81 -2.66
C SER A 263 -52.97 2.62 -2.87
N ARG A 264 -52.31 2.54 -4.04
CA ARG A 264 -51.38 1.45 -4.40
C ARG A 264 -49.89 1.78 -4.07
N LEU A 265 -49.67 2.95 -3.46
CA LEU A 265 -48.29 3.39 -3.12
C LEU A 265 -47.59 2.40 -2.18
N GLU A 266 -46.42 1.96 -2.66
CA GLU A 266 -45.53 1.03 -2.00
C GLU A 266 -44.26 1.73 -1.44
N GLY A 267 -43.79 2.75 -2.13
CA GLY A 267 -42.54 3.36 -1.74
C GLY A 267 -42.68 4.86 -1.90
N LEU A 268 -42.24 5.62 -0.89
CA LEU A 268 -42.32 7.04 -0.92
C LEU A 268 -40.97 7.58 -0.45
N VAL A 269 -40.40 8.48 -1.24
CA VAL A 269 -39.10 9.09 -0.91
C VAL A 269 -39.29 10.61 -0.71
N LEU A 270 -39.08 11.03 0.53
CA LEU A 270 -39.15 12.42 1.00
C LEU A 270 -37.81 12.82 1.60
N LYS A 271 -36.73 12.21 1.12
CA LYS A 271 -35.42 12.55 1.66
C LYS A 271 -35.04 13.95 1.29
N ASP A 272 -34.20 14.58 2.13
CA ASP A 272 -33.47 15.83 1.76
C ASP A 272 -34.50 16.89 1.28
N SER A 273 -35.52 17.05 2.12
CA SER A 273 -36.68 17.93 1.90
C SER A 273 -36.83 18.99 2.96
N SER A 274 -35.84 19.14 3.83
CA SER A 274 -35.84 20.16 4.87
C SER A 274 -37.03 20.07 5.82
N LEU A 275 -37.54 18.86 6.05
CA LEU A 275 -38.69 18.67 6.88
C LEU A 275 -38.35 18.74 8.37
N TYR A 276 -39.09 19.59 9.10
CA TYR A 276 -38.99 19.66 10.52
C TYR A 276 -40.18 19.04 11.19
N GLN A 277 -41.20 18.69 10.38
CA GLN A 277 -42.46 18.15 10.85
C GLN A 277 -42.85 16.98 9.98
N LEU A 278 -43.57 16.02 10.57
CA LEU A 278 -44.21 14.97 9.82
C LEU A 278 -45.69 15.14 10.10
N ASN A 279 -46.48 15.25 9.06
CA ASN A 279 -47.92 15.35 9.27
C ASN A 279 -48.40 13.88 9.13
N PRO A 280 -49.00 13.33 10.21
CA PRO A 280 -49.48 11.96 10.10
C PRO A 280 -50.42 11.73 8.94
N ARG A 281 -51.12 12.77 8.51
N ARG A 281 -51.12 12.77 8.51
CA ARG A 281 -52.06 12.67 7.37
CA ARG A 281 -52.05 12.63 7.40
C ARG A 281 -51.41 12.32 6.05
C ARG A 281 -51.39 12.25 6.08
N TRP A 282 -50.09 12.57 5.91
CA TRP A 282 -49.39 12.22 4.69
C TRP A 282 -49.42 10.71 4.47
N PHE A 283 -49.38 9.96 5.56
CA PHE A 283 -49.19 8.48 5.50
C PHE A 283 -50.47 7.71 5.78
N ARG A 284 -51.54 8.40 6.24
CA ARG A 284 -52.82 7.71 6.47
C ARG A 284 -53.50 7.39 5.15
N GLY A 285 -54.02 6.19 5.04
CA GLY A 285 -54.64 5.74 3.77
C GLY A 285 -53.64 5.15 2.79
N LEU A 286 -52.34 5.25 3.06
CA LEU A 286 -51.37 4.54 2.21
C LEU A 286 -51.22 3.12 2.79
N GLY A 287 -52.27 2.33 2.57
CA GLY A 287 -52.35 0.98 3.08
C GLY A 287 -51.35 -0.01 2.55
N ASN A 288 -50.72 0.28 1.42
CA ASN A 288 -49.71 -0.60 0.85
C ASN A 288 -48.30 -0.12 1.03
N LEU A 289 -48.14 0.97 1.78
CA LEU A 289 -46.80 1.52 1.93
C LEU A 289 -45.86 0.60 2.71
N THR A 290 -44.77 0.18 2.06
CA THR A 290 -43.74 -0.71 2.65
C THR A 290 -42.38 -0.07 2.84
N VAL A 291 -42.06 0.97 2.06
CA VAL A 291 -40.78 1.63 2.13
C VAL A 291 -40.96 3.15 2.25
N LEU A 292 -40.35 3.73 3.28
CA LEU A 292 -40.42 5.18 3.50
C LEU A 292 -39.02 5.73 3.75
N ASP A 293 -38.60 6.71 2.95
CA ASP A 293 -37.27 7.31 3.12
C ASP A 293 -37.49 8.76 3.54
N LEU A 294 -37.09 9.02 4.76
CA LEU A 294 -37.16 10.36 5.38
C LEU A 294 -35.80 10.87 5.77
N SER A 295 -34.79 10.31 5.11
CA SER A 295 -33.40 10.69 5.42
C SER A 295 -33.08 12.12 5.07
N GLU A 296 -32.08 12.62 5.77
CA GLU A 296 -31.45 13.90 5.44
C GLU A 296 -32.46 15.07 5.63
N ASN A 297 -33.40 14.90 6.56
CA ASN A 297 -34.28 16.01 6.94
C ASN A 297 -33.82 16.61 8.29
N PHE A 298 -34.69 17.34 8.99
CA PHE A 298 -34.42 17.89 10.29
C PHE A 298 -35.33 17.31 11.35
N LEU A 299 -35.51 15.98 11.33
CA LEU A 299 -36.54 15.31 12.11
C LEU A 299 -36.04 14.78 13.50
N TYR A 300 -34.92 15.26 13.98
CA TYR A 300 -34.27 14.79 15.25
C TYR A 300 -35.15 14.99 16.47
N ASP A 301 -35.91 16.11 16.56
CA ASP A 301 -36.84 16.22 17.68
C ASP A 301 -38.12 15.49 17.33
N CYS A 302 -38.53 15.57 16.09
CA CYS A 302 -39.80 15.01 15.63
C CYS A 302 -39.88 13.52 15.92
N ILE A 303 -38.78 12.82 15.71
CA ILE A 303 -38.82 11.35 15.95
C ILE A 303 -38.95 10.95 17.42
N THR A 304 -38.76 11.88 18.37
CA THR A 304 -38.96 11.56 19.79
C THR A 304 -40.44 11.65 20.19
N LYS A 305 -41.27 12.27 19.36
CA LYS A 305 -42.66 12.56 19.75
C LYS A 305 -43.75 12.23 18.74
N THR A 306 -43.38 12.08 17.49
CA THR A 306 -44.35 11.93 16.41
C THR A 306 -45.33 10.80 16.57
N LYS A 307 -46.57 11.05 16.17
CA LYS A 307 -47.55 9.99 16.01
C LYS A 307 -47.70 9.58 14.53
N ALA A 308 -46.84 10.09 13.64
CA ALA A 308 -46.95 9.81 12.19
C ALA A 308 -46.78 8.35 11.81
N PHE A 309 -46.13 7.56 12.68
CA PHE A 309 -45.90 6.12 12.41
C PHE A 309 -46.98 5.25 13.06
N GLN A 310 -47.91 5.90 13.76
CA GLN A 310 -48.94 5.17 14.48
C GLN A 310 -49.80 4.45 13.47
N GLY A 311 -49.87 3.14 13.58
CA GLY A 311 -50.72 2.36 12.73
C GLY A 311 -50.19 2.06 11.33
N LEU A 312 -48.91 2.36 11.02
CA LEU A 312 -48.40 2.10 9.68
C LEU A 312 -47.94 0.67 9.68
N ALA A 313 -48.91 -0.23 9.71
CA ALA A 313 -48.67 -1.62 10.05
C ALA A 313 -48.05 -2.44 8.92
N GLN A 314 -48.00 -1.91 7.70
CA GLN A 314 -47.43 -2.58 6.55
C GLN A 314 -45.95 -2.21 6.32
N LEU A 315 -45.49 -1.12 6.97
CA LEU A 315 -44.15 -0.56 6.67
C LEU A 315 -43.05 -1.55 7.03
N ARG A 316 -42.19 -1.82 6.05
CA ARG A 316 -41.11 -2.78 6.22
C ARG A 316 -39.75 -2.12 6.33
N ARG A 317 -39.53 -0.98 5.66
CA ARG A 317 -38.24 -0.31 5.68
C ARG A 317 -38.42 1.19 5.93
N LEU A 318 -37.72 1.72 6.91
CA LEU A 318 -37.83 3.14 7.27
C LEU A 318 -36.42 3.69 7.39
N ASN A 319 -36.17 4.78 6.67
CA ASN A 319 -34.85 5.39 6.66
C ASN A 319 -34.99 6.77 7.28
N LEU A 320 -34.35 6.94 8.44
CA LEU A 320 -34.28 8.22 9.16
C LEU A 320 -32.84 8.73 9.28
N SER A 321 -31.95 8.24 8.42
CA SER A 321 -30.55 8.60 8.57
C SER A 321 -30.32 10.08 8.27
N PHE A 322 -29.26 10.58 8.90
CA PHE A 322 -28.80 11.98 8.75
C PHE A 322 -29.91 13.01 8.97
N ASN A 323 -30.75 12.74 9.96
CA ASN A 323 -31.65 13.76 10.55
C ASN A 323 -30.94 14.31 11.76
N TYR A 324 -29.81 14.99 11.53
CA TYR A 324 -28.98 15.57 12.57
C TYR A 324 -29.22 17.07 12.71
N HIS A 325 -28.91 17.56 13.89
CA HIS A 325 -28.97 18.98 14.22
C HIS A 325 -27.69 19.62 13.75
N LYS A 326 -27.79 20.78 13.09
CA LYS A 326 -26.59 21.41 12.53
C LYS A 326 -25.42 21.44 13.54
N LYS A 327 -25.69 21.99 14.72
CA LYS A 327 -24.65 22.33 15.69
C LYS A 327 -24.29 21.20 16.69
N VAL A 328 -25.26 20.35 17.02
CA VAL A 328 -25.14 19.55 18.23
C VAL A 328 -25.32 18.03 18.12
N SER A 329 -24.86 17.34 19.14
CA SER A 329 -25.25 15.95 19.36
C SER A 329 -26.16 15.94 20.58
N PHE A 330 -27.01 14.93 20.66
CA PHE A 330 -27.93 14.83 21.76
C PHE A 330 -27.35 13.95 22.84
N ALA A 331 -27.57 14.34 24.09
CA ALA A 331 -27.12 13.52 25.20
C ALA A 331 -27.80 12.14 25.19
N HIS A 332 -29.09 12.19 24.95
CA HIS A 332 -29.97 11.04 24.98
C HIS A 332 -30.88 11.21 23.78
N LEU A 333 -31.49 10.13 23.37
CA LEU A 333 -32.45 10.15 22.30
C LEU A 333 -33.41 9.10 22.70
N THR A 334 -34.69 9.40 22.62
CA THR A 334 -35.74 8.44 22.94
C THR A 334 -36.70 8.41 21.77
N LEU A 335 -36.89 7.26 21.16
CA LEU A 335 -37.82 7.14 20.05
C LEU A 335 -39.28 7.25 20.56
N ALA A 336 -40.12 7.80 19.71
CA ALA A 336 -41.53 7.99 19.99
C ALA A 336 -42.20 6.66 20.21
N PRO A 337 -43.19 6.62 21.12
CA PRO A 337 -44.00 5.40 21.27
C PRO A 337 -44.60 4.83 19.98
N SER A 338 -44.95 5.70 19.02
CA SER A 338 -45.56 5.24 17.78
C SER A 338 -44.71 4.26 16.98
N PHE A 339 -43.38 4.28 17.15
CA PHE A 339 -42.54 3.30 16.47
C PHE A 339 -42.94 1.86 16.87
N GLY A 340 -43.52 1.72 18.06
CA GLY A 340 -43.97 0.40 18.56
C GLY A 340 -45.15 -0.21 17.84
N SER A 341 -45.77 0.58 16.97
CA SER A 341 -46.86 0.11 16.14
C SER A 341 -46.41 -0.38 14.76
N LEU A 342 -45.10 -0.28 14.45
CA LEU A 342 -44.58 -0.66 13.12
C LEU A 342 -44.35 -2.17 13.11
N LEU A 343 -45.43 -2.96 13.17
CA LEU A 343 -45.27 -4.41 13.40
C LEU A 343 -44.66 -5.19 12.25
N SER A 344 -44.66 -4.61 11.07
CA SER A 344 -44.03 -5.22 9.86
C SER A 344 -42.54 -4.82 9.67
N LEU A 345 -42.04 -3.91 10.49
CA LEU A 345 -40.75 -3.30 10.22
C LEU A 345 -39.62 -4.35 10.28
N GLN A 346 -38.85 -4.33 9.21
CA GLN A 346 -37.77 -5.28 9.00
C GLN A 346 -36.43 -4.59 9.08
N GLU A 347 -36.42 -3.31 8.71
CA GLU A 347 -35.16 -2.56 8.65
C GLU A 347 -35.40 -1.12 9.09
N LEU A 348 -34.53 -0.63 9.96
CA LEU A 348 -34.61 0.75 10.43
C LEU A 348 -33.25 1.37 10.30
N ASP A 349 -33.16 2.47 9.58
CA ASP A 349 -31.84 3.13 9.40
C ASP A 349 -31.85 4.38 10.23
N MET A 350 -31.10 4.40 11.33
CA MET A 350 -30.96 5.61 12.17
C MET A 350 -29.48 6.09 12.24
N HIS A 351 -28.75 5.94 11.15
CA HIS A 351 -27.32 6.33 11.20
C HIS A 351 -27.20 7.85 10.98
N GLY A 352 -26.14 8.45 11.51
CA GLY A 352 -25.89 9.87 11.30
C GLY A 352 -26.85 10.87 11.93
N ILE A 353 -27.49 10.51 13.04
CA ILE A 353 -28.38 11.46 13.76
C ILE A 353 -27.60 12.24 14.83
N PHE A 354 -26.69 11.53 15.52
CA PHE A 354 -25.70 12.04 16.49
C PHE A 354 -26.29 12.15 17.89
N PHE A 355 -26.04 11.12 18.70
CA PHE A 355 -26.53 11.04 20.05
C PHE A 355 -25.50 10.22 20.82
N ARG A 356 -25.25 10.63 22.04
CA ARG A 356 -24.10 10.14 22.79
C ARG A 356 -24.27 8.85 23.57
N SER A 357 -25.50 8.50 23.92
CA SER A 357 -25.84 7.36 24.77
C SER A 357 -26.89 6.49 24.11
N LEU A 358 -26.64 5.20 24.07
CA LEU A 358 -27.60 4.18 23.63
C LEU A 358 -27.96 3.31 24.84
N SER A 359 -29.18 3.47 25.31
CA SER A 359 -29.62 2.81 26.55
C SER A 359 -30.93 2.12 26.32
N GLN A 360 -31.42 1.44 27.37
CA GLN A 360 -32.73 0.76 27.33
C GLN A 360 -33.88 1.68 26.79
N LYS A 361 -33.91 2.92 27.24
CA LYS A 361 -34.98 3.82 26.85
C LYS A 361 -34.89 4.23 25.37
N THR A 362 -33.66 4.36 24.88
CA THR A 362 -33.43 4.79 23.51
C THR A 362 -34.28 4.11 22.49
N LEU A 363 -34.25 2.77 22.51
CA LEU A 363 -34.88 1.99 21.47
C LEU A 363 -36.08 1.16 21.96
N GLN A 364 -36.55 1.49 23.16
CA GLN A 364 -37.58 0.66 23.82
C GLN A 364 -38.78 0.36 22.91
N PRO A 365 -39.26 1.34 22.12
CA PRO A 365 -40.40 1.02 21.24
C PRO A 365 -40.19 -0.04 20.14
N LEU A 366 -38.94 -0.36 19.82
CA LEU A 366 -38.53 -1.30 18.79
C LEU A 366 -38.40 -2.71 19.33
N ALA A 367 -38.31 -2.79 20.64
CA ALA A 367 -37.73 -3.99 21.26
C ALA A 367 -38.64 -5.20 21.21
N ARG A 368 -39.92 -5.01 20.92
CA ARG A 368 -40.85 -6.16 20.71
C ARG A 368 -41.35 -6.32 19.25
N LEU A 369 -40.91 -5.47 18.33
CA LEU A 369 -41.28 -5.56 16.93
C LEU A 369 -40.83 -6.91 16.40
N PRO A 370 -41.77 -7.75 15.94
CA PRO A 370 -41.41 -9.17 15.73
C PRO A 370 -40.54 -9.50 14.53
N MET A 371 -40.51 -8.60 13.54
CA MET A 371 -39.87 -8.80 12.24
C MET A 371 -38.60 -7.92 12.05
N LEU A 372 -38.19 -7.17 13.09
CA LEU A 372 -37.08 -6.20 12.96
C LEU A 372 -35.76 -6.97 12.88
N GLN A 373 -35.16 -6.98 11.69
CA GLN A 373 -33.96 -7.77 11.37
C GLN A 373 -32.68 -6.98 11.28
N ARG A 374 -32.75 -5.76 10.76
CA ARG A 374 -31.55 -4.97 10.52
C ARG A 374 -31.71 -3.58 11.13
N LEU A 375 -30.71 -3.19 11.91
CA LEU A 375 -30.72 -1.92 12.61
C LEU A 375 -29.42 -1.22 12.35
N TYR A 376 -29.51 -0.03 11.73
CA TYR A 376 -28.34 0.77 11.34
C TYR A 376 -28.14 1.93 12.27
N LEU A 377 -27.09 1.84 13.09
CA LEU A 377 -26.85 2.83 14.13
C LEU A 377 -25.41 3.43 14.03
N GLN A 378 -24.84 3.34 12.84
CA GLN A 378 -23.47 3.78 12.64
C GLN A 378 -23.36 5.30 12.58
N MET A 379 -22.16 5.84 12.80
CA MET A 379 -21.92 7.27 12.62
C MET A 379 -22.75 8.14 13.50
N ASN A 380 -22.89 7.72 14.76
CA ASN A 380 -23.74 8.47 15.72
C ASN A 380 -23.00 9.15 16.85
N PHE A 381 -21.69 9.04 16.85
CA PHE A 381 -20.88 9.57 17.93
C PHE A 381 -21.32 9.05 19.31
N ILE A 382 -21.80 7.79 19.34
CA ILE A 382 -22.21 7.19 20.56
C ILE A 382 -20.98 6.85 21.41
N ASN A 383 -20.95 7.34 22.65
N ASN A 383 -20.98 7.36 22.65
CA ASN A 383 -19.82 7.00 23.53
CA ASN A 383 -19.92 7.10 23.66
C ASN A 383 -20.15 6.06 24.70
C ASN A 383 -20.20 5.93 24.57
N GLN A 384 -21.46 5.85 24.98
CA GLN A 384 -21.93 4.84 25.94
C GLN A 384 -23.01 3.97 25.29
N ALA A 385 -22.83 2.66 25.29
CA ALA A 385 -23.83 1.76 24.69
C ALA A 385 -24.02 0.52 25.57
N GLN A 386 -25.25 0.30 26.04
CA GLN A 386 -25.58 -0.91 26.79
C GLN A 386 -26.01 -1.93 25.75
N LEU A 387 -25.07 -2.75 25.30
CA LEU A 387 -25.38 -3.70 24.22
C LEU A 387 -26.38 -4.79 24.67
N GLY A 388 -26.57 -4.96 25.98
CA GLY A 388 -27.54 -5.90 26.52
C GLY A 388 -28.98 -5.61 26.17
N ILE A 389 -29.24 -4.39 25.69
CA ILE A 389 -30.58 -4.04 25.27
C ILE A 389 -31.10 -4.97 24.16
N PHE A 390 -30.18 -5.51 23.36
CA PHE A 390 -30.52 -6.26 22.19
C PHE A 390 -30.87 -7.71 22.48
N LYS A 391 -30.56 -8.19 23.69
CA LYS A 391 -30.73 -9.62 23.96
C LYS A 391 -32.10 -10.12 23.53
N ASP A 392 -33.12 -9.37 23.93
CA ASP A 392 -34.50 -9.84 23.79
C ASP A 392 -35.25 -9.33 22.55
N PHE A 393 -34.56 -8.59 21.64
CA PHE A 393 -35.17 -8.21 20.35
C PHE A 393 -35.41 -9.53 19.63
N PRO A 394 -36.66 -9.83 19.26
CA PRO A 394 -36.98 -11.19 18.80
C PRO A 394 -36.51 -11.58 17.40
N GLY A 395 -36.23 -10.60 16.54
CA GLY A 395 -35.96 -10.84 15.12
C GLY A 395 -34.59 -10.49 14.60
N LEU A 396 -33.77 -9.96 15.49
CA LEU A 396 -32.56 -9.24 15.02
C LEU A 396 -31.50 -10.14 14.38
N ARG A 397 -31.03 -9.75 13.20
CA ARG A 397 -30.01 -10.46 12.45
C ARG A 397 -28.74 -9.66 12.34
N TYR A 398 -28.85 -8.33 12.37
CA TYR A 398 -27.72 -7.48 11.99
C TYR A 398 -27.83 -6.11 12.69
N ILE A 399 -26.80 -5.75 13.41
CA ILE A 399 -26.68 -4.43 14.01
C ILE A 399 -25.39 -3.81 13.49
N ASP A 400 -25.51 -2.59 12.93
CA ASP A 400 -24.36 -1.78 12.53
C ASP A 400 -24.15 -0.72 13.58
N LEU A 401 -23.14 -0.91 14.45
CA LEU A 401 -22.73 0.15 15.37
C LEU A 401 -21.36 0.70 15.07
N SER A 402 -20.99 0.59 13.81
CA SER A 402 -19.64 1.06 13.39
C SER A 402 -19.52 2.56 13.45
N ASP A 403 -18.28 3.05 13.40
CA ASP A 403 -18.09 4.51 13.32
C ASP A 403 -18.78 5.25 14.49
N ASN A 404 -18.56 4.75 15.70
CA ASN A 404 -19.00 5.36 16.94
C ASN A 404 -17.80 5.50 17.88
N ARG A 405 -18.05 5.87 19.13
CA ARG A 405 -16.98 6.13 20.11
C ARG A 405 -17.12 5.22 21.35
N ILE A 406 -17.60 4.00 21.13
CA ILE A 406 -17.79 3.03 22.19
C ILE A 406 -16.42 2.52 22.60
N SER A 407 -16.16 2.41 23.92
CA SER A 407 -14.85 1.96 24.39
C SER A 407 -14.90 0.85 25.42
N GLY A 408 -16.08 0.33 25.71
CA GLY A 408 -16.21 -0.76 26.66
C GLY A 408 -17.63 -0.86 27.23
N ALA A 409 -17.76 -1.55 28.37
CA ALA A 409 -19.04 -1.62 29.04
C ALA A 409 -19.50 -0.23 29.55
N VAL A 410 -20.80 -0.06 29.69
CA VAL A 410 -21.34 1.21 30.22
C VAL A 410 -20.82 1.41 31.64
N GLU A 411 -20.63 2.66 32.02
CA GLU A 411 -20.12 3.00 33.37
C GLU A 411 -20.94 2.43 34.53
N GLU A 443 -16.13 -15.78 0.74
CA GLU A 443 -14.83 -15.90 0.08
C GLU A 443 -13.94 -17.01 0.67
N ASP A 444 -13.02 -17.48 -0.16
CA ASP A 444 -12.32 -18.74 0.07
C ASP A 444 -11.28 -18.65 1.18
N PHE A 445 -10.75 -17.45 1.43
CA PHE A 445 -9.88 -17.22 2.60
C PHE A 445 -10.53 -16.72 3.84
N MET A 446 -11.62 -15.97 3.71
CA MET A 446 -12.33 -15.46 4.89
C MET A 446 -13.82 -15.37 4.56
N PRO A 447 -14.66 -16.13 5.24
CA PRO A 447 -16.09 -16.04 4.96
C PRO A 447 -16.67 -14.72 5.38
N SER A 448 -17.78 -14.35 4.76
CA SER A 448 -18.49 -13.16 5.20
C SER A 448 -19.50 -13.62 6.24
N CYS A 449 -20.21 -12.66 6.84
CA CYS A 449 -21.21 -13.02 7.86
C CYS A 449 -22.64 -12.96 7.40
N LYS A 450 -22.82 -12.76 6.10
CA LYS A 450 -24.15 -12.46 5.54
C LYS A 450 -25.15 -13.58 5.75
N ASN A 451 -24.68 -14.83 5.82
CA ASN A 451 -25.55 -16.01 6.06
C ASN A 451 -25.81 -16.41 7.52
N LEU A 452 -25.18 -15.74 8.49
CA LEU A 452 -25.25 -16.14 9.87
C LEU A 452 -26.50 -15.54 10.58
N SER A 453 -26.81 -16.02 11.77
CA SER A 453 -28.10 -15.68 12.46
C SER A 453 -28.04 -14.29 13.11
N PHE A 454 -26.85 -13.85 13.49
CA PHE A 454 -26.75 -12.63 14.30
C PHE A 454 -25.35 -12.06 14.24
N THR A 455 -25.25 -10.82 13.75
CA THR A 455 -23.96 -10.18 13.46
C THR A 455 -24.03 -8.81 14.08
N LEU A 456 -22.97 -8.46 14.76
CA LEU A 456 -22.81 -7.11 15.30
C LEU A 456 -21.52 -6.53 14.74
N ASP A 457 -21.68 -5.36 14.11
CA ASP A 457 -20.53 -4.56 13.63
C ASP A 457 -20.20 -3.45 14.59
N LEU A 458 -19.08 -3.63 15.30
CA LEU A 458 -18.49 -2.63 16.22
C LEU A 458 -17.14 -2.13 15.68
N SER A 459 -16.95 -2.20 14.37
N SER A 459 -16.95 -2.21 14.38
CA SER A 459 -15.73 -1.71 13.75
CA SER A 459 -15.73 -1.69 13.79
C SER A 459 -15.67 -0.20 13.82
C SER A 459 -15.66 -0.19 13.98
N ARG A 460 -14.48 0.36 13.80
CA ARG A 460 -14.33 1.79 13.81
C ARG A 460 -14.93 2.43 15.08
N ASN A 461 -14.63 1.84 16.21
CA ASN A 461 -14.94 2.33 17.50
C ASN A 461 -13.66 2.56 18.29
N ASN A 462 -13.77 2.79 19.59
CA ASN A 462 -12.65 3.25 20.39
C ASN A 462 -12.25 2.26 21.43
N LEU A 463 -12.43 0.96 21.15
CA LEU A 463 -11.96 -0.04 22.11
C LEU A 463 -10.41 -0.08 22.13
N VAL A 464 -9.84 -0.07 23.33
CA VAL A 464 -8.40 -0.33 23.53
C VAL A 464 -8.12 -1.66 24.21
N THR A 465 -9.08 -2.11 24.98
CA THR A 465 -9.11 -3.47 25.48
C THR A 465 -10.48 -4.04 25.22
N VAL A 466 -10.62 -5.34 25.40
CA VAL A 466 -11.89 -5.97 25.32
C VAL A 466 -12.13 -6.54 26.70
N GLN A 467 -13.24 -6.13 27.28
CA GLN A 467 -13.70 -6.64 28.54
C GLN A 467 -14.90 -7.50 28.26
N PRO A 468 -14.94 -8.71 28.85
CA PRO A 468 -16.06 -9.62 28.60
C PRO A 468 -17.41 -9.06 29.01
N GLU A 469 -17.44 -8.19 30.02
CA GLU A 469 -18.70 -7.65 30.50
C GLU A 469 -19.52 -6.98 29.40
N MET A 470 -18.87 -6.26 28.46
CA MET A 470 -19.57 -5.66 27.28
C MET A 470 -20.48 -6.64 26.56
N PHE A 471 -20.07 -7.90 26.53
CA PHE A 471 -20.68 -8.91 25.70
C PHE A 471 -21.52 -9.90 26.48
N ALA A 472 -21.74 -9.62 27.77
CA ALA A 472 -22.33 -10.61 28.70
C ALA A 472 -23.71 -11.12 28.25
N GLN A 473 -24.46 -10.27 27.57
CA GLN A 473 -25.82 -10.60 27.14
C GLN A 473 -25.93 -10.90 25.62
N LEU A 474 -24.80 -11.12 24.97
CA LEU A 474 -24.76 -11.32 23.54
C LEU A 474 -24.26 -12.73 23.19
N SER A 475 -24.56 -13.71 24.06
N SER A 475 -24.54 -13.71 24.06
CA SER A 475 -24.13 -15.12 23.80
CA SER A 475 -24.07 -15.08 23.79
C SER A 475 -24.64 -15.64 22.47
C SER A 475 -24.65 -15.66 22.49
N ARG A 476 -25.77 -15.10 22.00
CA ARG A 476 -26.34 -15.52 20.72
C ARG A 476 -25.53 -15.10 19.49
N LEU A 477 -24.62 -14.11 19.62
CA LEU A 477 -23.94 -13.66 18.43
C LEU A 477 -23.17 -14.73 17.68
N GLN A 478 -23.31 -14.71 16.34
CA GLN A 478 -22.49 -15.61 15.49
C GLN A 478 -21.32 -14.91 14.79
N CYS A 479 -21.44 -13.57 14.63
CA CYS A 479 -20.40 -12.79 13.98
C CYS A 479 -20.19 -11.48 14.72
N LEU A 480 -18.92 -11.15 14.97
CA LEU A 480 -18.55 -9.91 15.65
C LEU A 480 -17.40 -9.25 14.88
N ARG A 481 -17.60 -7.98 14.45
CA ARG A 481 -16.60 -7.17 13.80
C ARG A 481 -16.11 -6.11 14.74
N LEU A 482 -14.80 -6.17 14.98
CA LEU A 482 -14.12 -5.21 15.81
C LEU A 482 -12.94 -4.61 15.04
N SER A 483 -13.00 -4.56 13.71
N SER A 483 -13.03 -4.55 13.73
CA SER A 483 -11.88 -4.04 12.94
CA SER A 483 -11.96 -4.04 12.88
C SER A 483 -11.72 -2.55 13.22
C SER A 483 -11.76 -2.53 13.08
N HIS A 484 -10.52 -2.05 13.00
CA HIS A 484 -10.29 -0.60 13.11
C HIS A 484 -10.74 0.01 14.45
N ASN A 485 -10.49 -0.66 15.58
CA ASN A 485 -10.57 -0.10 16.88
C ASN A 485 -9.10 0.23 17.20
N SER A 486 -8.75 0.28 18.50
CA SER A 486 -7.40 0.65 18.91
C SER A 486 -6.95 -0.39 19.89
N ILE A 487 -7.32 -1.64 19.63
CA ILE A 487 -7.17 -2.64 20.63
C ILE A 487 -5.67 -3.02 20.71
N SER A 488 -5.06 -2.72 21.87
CA SER A 488 -3.64 -2.99 22.08
C SER A 488 -3.32 -4.06 23.13
N GLN A 489 -4.30 -4.86 23.44
CA GLN A 489 -4.20 -5.87 24.49
C GLN A 489 -3.38 -7.13 24.11
N ALA A 490 -2.76 -7.75 25.13
CA ALA A 490 -2.25 -9.13 25.02
C ALA A 490 -3.40 -10.04 25.34
N VAL A 491 -4.12 -10.46 24.31
CA VAL A 491 -5.25 -11.36 24.52
C VAL A 491 -4.75 -12.66 25.14
N ASN A 492 -5.62 -13.35 25.87
CA ASN A 492 -5.14 -14.43 26.73
C ASN A 492 -6.21 -15.43 27.12
N GLY A 493 -7.33 -15.36 26.42
CA GLY A 493 -8.45 -16.31 26.66
C GLY A 493 -9.54 -15.81 27.61
N SER A 494 -9.43 -14.58 28.09
CA SER A 494 -10.38 -13.99 29.07
C SER A 494 -11.36 -12.98 28.45
N GLN A 495 -11.08 -12.56 27.23
CA GLN A 495 -11.76 -11.41 26.64
C GLN A 495 -13.18 -11.68 26.16
N PHE A 496 -13.39 -12.88 25.61
CA PHE A 496 -14.61 -13.16 24.83
C PHE A 496 -15.48 -14.25 25.44
N VAL A 497 -15.34 -14.46 26.74
CA VAL A 497 -15.95 -15.61 27.39
C VAL A 497 -17.46 -15.80 27.13
N PRO A 498 -18.27 -14.70 27.13
CA PRO A 498 -19.70 -14.92 26.90
C PRO A 498 -20.11 -15.35 25.49
N LEU A 499 -19.21 -15.30 24.51
CA LEU A 499 -19.61 -15.42 23.13
C LEU A 499 -19.51 -16.88 22.69
N THR A 500 -20.41 -17.67 23.27
CA THR A 500 -20.34 -19.11 23.10
C THR A 500 -20.87 -19.63 21.76
N SER A 501 -21.50 -18.74 20.95
CA SER A 501 -21.92 -19.08 19.58
C SER A 501 -21.07 -18.46 18.48
N LEU A 502 -20.03 -17.68 18.85
CA LEU A 502 -19.34 -16.91 17.88
C LEU A 502 -18.56 -17.74 16.91
N GLN A 503 -18.88 -17.62 15.62
CA GLN A 503 -18.24 -18.31 14.51
C GLN A 503 -17.14 -17.49 13.84
N VAL A 504 -17.41 -16.20 13.72
CA VAL A 504 -16.54 -15.34 12.92
C VAL A 504 -16.14 -14.16 13.80
N LEU A 505 -14.85 -13.91 13.88
CA LEU A 505 -14.35 -12.77 14.65
C LEU A 505 -13.33 -11.93 13.85
N ASP A 506 -13.71 -10.69 13.56
CA ASP A 506 -12.82 -9.79 12.79
C ASP A 506 -12.14 -8.75 13.72
N LEU A 507 -10.82 -8.95 13.90
CA LEU A 507 -9.98 -8.04 14.67
C LEU A 507 -8.94 -7.40 13.82
N SER A 508 -9.20 -7.27 12.53
CA SER A 508 -8.25 -6.63 11.62
C SER A 508 -8.07 -5.12 11.95
N HIS A 509 -6.92 -4.60 11.63
CA HIS A 509 -6.65 -3.21 11.89
C HIS A 509 -6.75 -2.84 13.38
N ASN A 510 -6.00 -3.57 14.22
CA ASN A 510 -5.79 -3.25 15.65
C ASN A 510 -4.30 -3.43 15.95
N LYS A 511 -3.97 -3.51 17.23
CA LYS A 511 -2.62 -3.59 17.74
C LYS A 511 -2.48 -4.71 18.73
N LEU A 512 -3.15 -5.83 18.43
CA LEU A 512 -3.13 -6.95 19.37
C LEU A 512 -1.72 -7.54 19.54
N ASP A 513 -1.30 -7.74 20.78
CA ASP A 513 0.02 -8.27 21.09
C ASP A 513 -0.19 -9.79 21.23
N LEU A 514 0.26 -10.55 20.22
CA LEU A 514 -0.01 -12.03 20.15
C LEU A 514 1.17 -12.75 20.78
N TYR A 515 0.96 -13.26 21.98
CA TYR A 515 1.96 -14.15 22.55
C TYR A 515 1.42 -15.14 23.56
N HIS A 516 0.28 -14.87 24.19
CA HIS A 516 -0.28 -15.80 25.21
C HIS A 516 -0.79 -17.02 24.50
N GLY A 517 -0.53 -18.16 25.10
CA GLY A 517 -0.87 -19.42 24.45
C GLY A 517 -2.32 -19.85 24.42
N ARG A 518 -3.17 -19.13 25.14
CA ARG A 518 -4.57 -19.47 25.26
C ARG A 518 -5.46 -18.37 24.65
N SER A 519 -4.87 -17.43 23.90
CA SER A 519 -5.64 -16.48 23.11
C SER A 519 -6.76 -17.16 22.31
N PHE A 520 -7.99 -16.67 22.44
CA PHE A 520 -9.18 -17.10 21.66
C PHE A 520 -9.71 -18.49 21.99
N THR A 521 -9.10 -19.17 22.96
CA THR A 521 -9.55 -20.50 23.34
C THR A 521 -10.90 -20.54 24.05
N GLU A 522 -11.43 -19.37 24.42
CA GLU A 522 -12.68 -19.22 25.13
C GLU A 522 -13.87 -19.14 24.14
N LEU A 523 -13.56 -19.26 22.84
CA LEU A 523 -14.57 -19.22 21.76
C LEU A 523 -14.78 -20.61 21.17
N PRO A 524 -15.74 -21.38 21.73
CA PRO A 524 -15.87 -22.79 21.32
C PRO A 524 -16.38 -23.08 19.91
N ARG A 525 -16.99 -22.08 19.28
CA ARG A 525 -17.51 -22.24 17.94
C ARG A 525 -16.68 -21.49 16.91
N LEU A 526 -15.53 -20.93 17.30
CA LEU A 526 -14.77 -20.09 16.39
C LEU A 526 -14.28 -20.84 15.13
N GLU A 527 -14.67 -20.38 13.95
CA GLU A 527 -14.26 -20.99 12.70
C GLU A 527 -13.44 -20.05 11.80
N ALA A 528 -13.57 -18.73 12.02
CA ALA A 528 -12.85 -17.78 11.19
C ALA A 528 -12.39 -16.60 12.02
N LEU A 529 -11.10 -16.31 11.90
CA LEU A 529 -10.44 -15.30 12.73
C LEU A 529 -9.54 -14.43 11.84
N ASP A 530 -9.82 -13.13 11.84
CA ASP A 530 -9.10 -12.17 11.05
C ASP A 530 -8.22 -11.31 11.95
N LEU A 531 -6.91 -11.55 11.84
CA LEU A 531 -5.90 -10.83 12.64
C LEU A 531 -5.00 -10.00 11.76
N SER A 532 -5.50 -9.68 10.56
CA SER A 532 -4.72 -8.94 9.59
C SER A 532 -4.51 -7.50 10.05
N TYR A 533 -3.46 -6.91 9.55
CA TYR A 533 -3.19 -5.50 9.91
C TYR A 533 -3.10 -5.28 11.42
N ASN A 534 -2.41 -6.19 12.12
CA ASN A 534 -2.02 -5.98 13.49
C ASN A 534 -0.49 -5.94 13.55
N SER A 535 0.09 -5.10 12.71
CA SER A 535 1.57 -5.09 12.49
C SER A 535 2.33 -4.44 13.56
N GLN A 536 1.75 -3.51 14.33
CA GLN A 536 2.63 -2.70 15.21
C GLN A 536 3.46 -3.53 16.20
N PRO A 537 2.86 -4.55 16.85
CA PRO A 537 3.66 -5.32 17.80
C PRO A 537 4.79 -6.13 17.13
N PHE A 538 4.52 -6.67 15.94
CA PHE A 538 5.52 -7.45 15.15
C PHE A 538 6.61 -6.55 14.63
N SER A 539 6.38 -5.24 14.69
CA SER A 539 7.35 -4.28 14.22
C SER A 539 8.25 -3.79 15.35
N MET A 540 8.06 -4.28 16.56
CA MET A 540 8.88 -3.90 17.68
C MET A 540 10.13 -4.71 17.65
N ARG A 541 11.17 -4.17 17.06
CA ARG A 541 12.39 -4.97 16.84
C ARG A 541 13.04 -5.38 18.15
N GLY A 542 13.29 -6.68 18.30
CA GLY A 542 13.81 -7.21 19.54
C GLY A 542 12.82 -7.85 20.48
N VAL A 543 11.52 -7.71 20.24
CA VAL A 543 10.53 -8.19 21.14
C VAL A 543 9.83 -9.34 20.43
N GLY A 544 9.75 -10.47 21.12
CA GLY A 544 9.20 -11.66 20.50
C GLY A 544 7.69 -11.77 20.63
N HIS A 545 7.13 -12.57 19.73
CA HIS A 545 5.69 -12.89 19.66
C HIS A 545 5.51 -14.39 19.45
N ASN A 546 4.32 -14.86 19.70
CA ASN A 546 4.07 -16.30 19.83
C ASN A 546 2.70 -16.62 19.26
N LEU A 547 2.69 -17.52 18.28
CA LEU A 547 1.47 -17.95 17.55
C LEU A 547 1.04 -19.39 17.89
N SER A 548 1.57 -19.90 18.98
CA SER A 548 1.22 -21.24 19.45
C SER A 548 -0.28 -21.38 19.80
N PHE A 549 -0.96 -20.28 20.15
CA PHE A 549 -2.41 -20.38 20.42
C PHE A 549 -3.18 -20.97 19.24
N VAL A 550 -2.67 -20.84 18.02
CA VAL A 550 -3.41 -21.33 16.84
C VAL A 550 -3.73 -22.83 16.96
N ALA A 551 -2.78 -23.57 17.51
CA ALA A 551 -2.90 -25.00 17.70
C ALA A 551 -4.01 -25.35 18.71
N GLN A 552 -4.42 -24.37 19.52
CA GLN A 552 -5.39 -24.61 20.59
C GLN A 552 -6.83 -24.24 20.20
N LEU A 553 -7.05 -23.93 18.91
CA LEU A 553 -8.38 -23.52 18.39
C LEU A 553 -8.91 -24.64 17.51
N PRO A 554 -9.65 -25.60 18.13
CA PRO A 554 -9.78 -26.86 17.43
C PRO A 554 -10.83 -26.85 16.32
N THR A 555 -11.62 -25.77 16.21
N THR A 555 -11.57 -25.75 16.28
CA THR A 555 -12.59 -25.62 15.15
CA THR A 555 -12.65 -25.51 15.38
C THR A 555 -12.23 -24.56 14.11
C THR A 555 -12.29 -24.51 14.24
N LEU A 556 -11.06 -23.96 14.26
CA LEU A 556 -10.62 -22.90 13.31
C LEU A 556 -10.40 -23.40 11.91
N ARG A 557 -11.09 -22.78 10.94
CA ARG A 557 -11.03 -23.09 9.55
C ARG A 557 -10.35 -22.06 8.66
N TYR A 558 -10.53 -20.79 9.02
CA TYR A 558 -10.01 -19.68 8.24
C TYR A 558 -9.24 -18.74 9.16
N LEU A 559 -8.02 -18.37 8.78
CA LEU A 559 -7.19 -17.48 9.59
C LEU A 559 -6.46 -16.52 8.68
N SER A 560 -6.52 -15.23 9.05
CA SER A 560 -5.69 -14.25 8.39
C SER A 560 -4.66 -13.67 9.35
N LEU A 561 -3.42 -13.73 8.90
CA LEU A 561 -2.30 -13.04 9.55
C LEU A 561 -1.68 -12.13 8.56
N ALA A 562 -2.47 -11.65 7.60
CA ALA A 562 -1.97 -10.80 6.49
C ALA A 562 -1.54 -9.41 6.96
N HIS A 563 -0.53 -8.90 6.29
CA HIS A 563 -0.11 -7.50 6.49
C HIS A 563 0.26 -7.22 7.93
N ASN A 564 0.99 -8.16 8.50
CA ASN A 564 1.48 -8.02 9.85
C ASN A 564 2.97 -7.75 9.98
N GLY A 565 3.67 -7.81 8.85
CA GLY A 565 5.13 -7.55 8.85
C GLY A 565 5.88 -8.58 9.68
N ILE A 566 5.33 -9.80 9.77
CA ILE A 566 5.95 -10.79 10.55
C ILE A 566 7.28 -11.17 9.90
N HIS A 567 8.37 -11.05 10.67
CA HIS A 567 9.69 -11.20 10.09
C HIS A 567 10.75 -11.88 10.96
N SER A 568 10.57 -11.82 12.28
CA SER A 568 11.56 -12.38 13.18
C SER A 568 11.01 -12.55 14.57
N ARG A 569 11.68 -13.39 15.35
CA ARG A 569 11.28 -13.64 16.74
C ARG A 569 9.81 -14.00 16.85
N VAL A 570 9.46 -15.08 16.17
CA VAL A 570 8.11 -15.66 16.25
C VAL A 570 8.19 -17.17 16.32
N SER A 571 7.05 -17.79 16.56
CA SER A 571 6.94 -19.24 16.55
C SER A 571 7.56 -19.87 15.32
N GLN A 572 8.30 -20.97 15.51
CA GLN A 572 8.95 -21.63 14.39
C GLN A 572 7.98 -22.42 13.54
N GLN A 573 6.88 -22.86 14.15
N GLN A 573 6.88 -22.81 14.15
CA GLN A 573 5.88 -23.66 13.43
CA GLN A 573 5.86 -23.53 13.43
C GLN A 573 4.47 -23.21 13.78
C GLN A 573 4.48 -23.03 13.77
N LEU A 574 3.63 -23.06 12.75
CA LEU A 574 2.18 -22.91 12.93
C LEU A 574 1.62 -24.29 12.89
N CYS A 575 0.72 -24.59 13.82
CA CYS A 575 0.20 -25.96 13.94
C CYS A 575 -1.32 -25.89 14.02
N SER A 576 -1.98 -26.69 13.22
CA SER A 576 -3.43 -26.82 13.30
C SER A 576 -3.84 -27.97 12.46
N THR A 577 -4.66 -28.85 13.04
CA THR A 577 -5.27 -29.86 12.23
C THR A 577 -6.57 -29.50 11.57
N SER A 578 -7.14 -28.33 11.91
CA SER A 578 -8.46 -27.95 11.43
C SER A 578 -8.37 -26.93 10.29
N LEU A 579 -7.29 -26.17 10.29
CA LEU A 579 -7.29 -25.02 9.38
C LEU A 579 -7.34 -25.42 7.91
N TRP A 580 -8.23 -24.76 7.15
CA TRP A 580 -8.28 -24.91 5.70
C TRP A 580 -7.59 -23.77 4.90
N ALA A 581 -7.67 -22.55 5.41
CA ALA A 581 -7.18 -21.42 4.65
C ALA A 581 -6.34 -20.53 5.55
N LEU A 582 -5.16 -20.13 5.06
CA LEU A 582 -4.32 -19.16 5.79
C LEU A 582 -3.84 -18.08 4.83
N ASP A 583 -4.15 -16.80 5.18
CA ASP A 583 -3.64 -15.64 4.45
C ASP A 583 -2.43 -15.15 5.22
N PHE A 584 -1.26 -15.38 4.63
CA PHE A 584 0.02 -14.90 5.19
C PHE A 584 0.62 -13.85 4.29
N SER A 585 -0.18 -13.20 3.47
CA SER A 585 0.34 -12.16 2.55
C SER A 585 0.85 -10.97 3.37
N GLY A 586 1.80 -10.23 2.79
CA GLY A 586 2.22 -8.98 3.45
C GLY A 586 3.05 -9.16 4.71
N ASN A 587 3.85 -10.25 4.76
CA ASN A 587 4.79 -10.44 5.85
C ASN A 587 6.17 -10.48 5.23
N SER A 588 7.13 -11.04 5.97
N SER A 588 7.16 -10.96 5.98
CA SER A 588 8.51 -11.11 5.53
CA SER A 588 8.46 -11.18 5.39
C SER A 588 9.00 -12.56 5.64
C SER A 588 8.94 -12.57 5.68
N LEU A 589 8.31 -13.51 5.00
CA LEU A 589 8.84 -14.86 4.91
C LEU A 589 10.23 -14.85 4.31
N SER A 590 10.54 -13.87 3.43
N SER A 590 10.53 -13.85 3.48
CA SER A 590 11.90 -13.67 2.95
CA SER A 590 11.86 -13.70 2.94
C SER A 590 12.89 -13.74 4.12
C SER A 590 12.93 -13.66 4.04
N GLN A 591 12.68 -12.90 5.12
CA GLN A 591 13.60 -12.86 6.25
C GLN A 591 13.60 -14.17 7.05
N MET A 592 12.39 -14.72 7.28
CA MET A 592 12.24 -15.91 8.06
C MET A 592 12.95 -17.10 7.38
N TRP A 593 12.79 -17.23 6.08
CA TRP A 593 13.35 -18.37 5.40
C TRP A 593 14.83 -18.19 5.13
N ALA A 594 15.35 -16.99 5.30
CA ALA A 594 16.83 -16.82 5.27
C ALA A 594 17.50 -17.17 6.60
N GLU A 595 16.70 -17.36 7.67
CA GLU A 595 17.22 -17.53 9.02
C GLU A 595 17.60 -18.99 9.39
N GLY A 596 18.63 -19.51 8.72
CA GLY A 596 18.97 -20.89 8.85
C GLY A 596 17.74 -21.78 8.69
N ASP A 597 17.64 -22.79 9.52
CA ASP A 597 16.58 -23.78 9.39
C ASP A 597 15.36 -23.47 10.27
N LEU A 598 15.35 -22.31 10.93
CA LEU A 598 14.39 -22.06 12.00
C LEU A 598 12.94 -22.16 11.54
N TYR A 599 12.65 -21.61 10.37
CA TYR A 599 11.29 -21.43 9.93
C TYR A 599 10.96 -22.28 8.69
N LEU A 600 11.81 -23.25 8.34
CA LEU A 600 11.65 -23.98 7.07
C LEU A 600 10.45 -24.91 7.08
N ARG A 601 9.91 -25.18 8.25
CA ARG A 601 8.73 -26.01 8.42
C ARG A 601 7.56 -25.21 8.97
N PHE A 602 7.56 -23.89 8.79
CA PHE A 602 6.58 -23.03 9.45
C PHE A 602 5.12 -23.42 9.14
N PHE A 603 4.85 -23.88 7.92
CA PHE A 603 3.47 -24.16 7.53
C PHE A 603 3.21 -25.65 7.55
N GLN A 604 4.21 -26.46 7.79
CA GLN A 604 4.03 -27.90 7.61
C GLN A 604 2.98 -28.54 8.51
N GLY A 605 2.84 -28.05 9.73
CA GLY A 605 1.88 -28.55 10.70
C GLY A 605 0.45 -28.14 10.52
N LEU A 606 0.16 -27.40 9.44
CA LEU A 606 -1.19 -27.08 9.01
C LEU A 606 -1.70 -28.24 8.12
N ARG A 607 -2.10 -29.30 8.81
CA ARG A 607 -2.17 -30.60 8.17
C ARG A 607 -3.36 -30.79 7.24
N SER A 608 -4.36 -29.90 7.32
CA SER A 608 -5.50 -29.92 6.47
C SER A 608 -5.59 -28.72 5.51
N LEU A 609 -4.52 -27.94 5.44
CA LEU A 609 -4.60 -26.70 4.70
C LEU A 609 -4.85 -26.94 3.22
N ILE A 610 -5.82 -26.21 2.70
N ILE A 610 -5.78 -26.23 2.64
CA ILE A 610 -6.23 -26.24 1.30
CA ILE A 610 -5.99 -26.27 1.19
C ILE A 610 -5.73 -25.00 0.50
C ILE A 610 -5.76 -24.95 0.43
N ARG A 611 -5.72 -23.83 1.15
CA ARG A 611 -5.41 -22.54 0.47
C ARG A 611 -4.42 -21.75 1.29
N LEU A 612 -3.39 -21.26 0.63
CA LEU A 612 -2.33 -20.51 1.30
C LEU A 612 -1.99 -19.33 0.42
N ASP A 613 -2.03 -18.16 1.04
CA ASP A 613 -1.60 -16.92 0.35
C ASP A 613 -0.25 -16.44 0.94
N LEU A 614 0.77 -16.51 0.13
CA LEU A 614 2.16 -16.05 0.41
C LEU A 614 2.51 -14.84 -0.41
N SER A 615 1.52 -14.11 -0.88
CA SER A 615 1.80 -12.91 -1.70
C SER A 615 2.49 -11.81 -0.89
N GLN A 616 3.29 -10.98 -1.57
CA GLN A 616 3.85 -9.78 -0.95
C GLN A 616 4.63 -10.16 0.33
N ASN A 617 5.52 -11.15 0.22
CA ASN A 617 6.36 -11.52 1.33
C ASN A 617 7.86 -11.24 1.02
N ARG A 618 8.08 -10.45 -0.01
CA ARG A 618 9.45 -9.92 -0.29
C ARG A 618 10.37 -11.05 -0.73
N LEU A 619 9.82 -12.14 -1.25
CA LEU A 619 10.60 -13.35 -1.62
C LEU A 619 11.39 -13.12 -2.91
N HIS A 620 12.70 -13.18 -2.79
CA HIS A 620 13.56 -13.21 -3.97
C HIS A 620 13.98 -14.57 -4.38
N THR A 621 13.76 -15.54 -3.52
N THR A 621 13.71 -15.56 -3.53
CA THR A 621 14.16 -16.89 -3.75
CA THR A 621 14.19 -16.91 -3.70
C THR A 621 13.22 -17.86 -3.01
C THR A 621 13.32 -17.91 -2.92
N LEU A 622 13.15 -19.09 -3.50
CA LEU A 622 12.58 -20.25 -2.78
C LEU A 622 13.59 -21.42 -2.78
N LEU A 623 13.58 -22.22 -1.73
CA LEU A 623 14.21 -23.54 -1.77
C LEU A 623 13.17 -24.57 -2.26
N PRO A 624 13.57 -25.48 -3.15
CA PRO A 624 12.65 -26.61 -3.43
C PRO A 624 12.23 -27.36 -2.17
N CYS A 625 13.17 -27.72 -1.32
CA CYS A 625 12.84 -28.38 -0.04
C CYS A 625 11.82 -27.62 0.85
N THR A 626 11.80 -26.29 0.79
CA THR A 626 10.82 -25.52 1.59
C THR A 626 9.42 -25.43 0.95
N LEU A 627 9.33 -25.57 -0.37
CA LEU A 627 8.03 -25.77 -1.00
C LEU A 627 7.46 -27.15 -0.67
N GLY A 628 8.35 -28.13 -0.57
CA GLY A 628 7.95 -29.48 -0.19
C GLY A 628 7.64 -29.55 1.29
N ASN A 629 7.97 -28.50 2.06
CA ASN A 629 7.52 -28.45 3.46
C ASN A 629 6.17 -27.72 3.65
N LEU A 630 5.52 -27.29 2.57
CA LEU A 630 4.12 -26.81 2.67
C LEU A 630 3.22 -28.02 2.72
N PRO A 631 2.03 -27.87 3.30
CA PRO A 631 1.15 -29.05 3.43
C PRO A 631 0.82 -29.76 2.11
N LYS A 632 0.93 -31.10 2.14
CA LYS A 632 0.62 -31.89 0.97
C LYS A 632 -0.80 -31.73 0.49
N SER A 633 -1.71 -31.31 1.41
CA SER A 633 -3.12 -31.12 1.10
C SER A 633 -3.42 -29.88 0.28
N LEU A 634 -2.41 -28.99 0.10
CA LEU A 634 -2.68 -27.73 -0.58
C LEU A 634 -3.26 -27.86 -1.96
N GLN A 635 -4.31 -27.08 -2.20
CA GLN A 635 -4.87 -26.94 -3.47
C GLN A 635 -4.54 -25.64 -4.18
N LEU A 636 -4.39 -24.57 -3.40
CA LEU A 636 -4.21 -23.24 -3.97
C LEU A 636 -3.06 -22.57 -3.26
N LEU A 637 -2.11 -22.06 -4.05
CA LEU A 637 -0.95 -21.32 -3.56
C LEU A 637 -0.74 -20.02 -4.30
N ARG A 638 -0.82 -18.91 -3.55
CA ARG A 638 -0.53 -17.62 -4.15
C ARG A 638 0.83 -17.15 -3.68
N LEU A 639 1.58 -16.69 -4.67
CA LEU A 639 2.94 -16.13 -4.49
C LEU A 639 2.96 -14.80 -5.24
N ARG A 640 1.82 -14.13 -5.36
CA ARG A 640 1.81 -12.86 -6.09
C ARG A 640 2.69 -11.74 -5.56
N ASN A 641 3.22 -10.95 -6.45
CA ASN A 641 3.87 -9.73 -6.06
C ASN A 641 5.02 -9.96 -5.10
N ASN A 642 5.76 -11.01 -5.37
CA ASN A 642 7.08 -11.21 -4.76
C ASN A 642 8.14 -10.73 -5.79
N TYR A 643 9.38 -11.16 -5.67
CA TYR A 643 10.43 -10.79 -6.60
C TYR A 643 11.13 -12.01 -7.17
N LEU A 644 10.35 -13.04 -7.44
CA LEU A 644 10.93 -14.30 -7.92
C LEU A 644 11.38 -14.18 -9.37
N ALA A 645 12.69 -14.45 -9.61
CA ALA A 645 13.21 -14.43 -11.00
C ALA A 645 13.49 -15.79 -11.55
N PHE A 646 13.23 -16.81 -10.75
CA PHE A 646 13.45 -18.19 -11.11
C PHE A 646 12.41 -18.97 -10.34
N PHE A 647 11.92 -20.05 -10.95
CA PHE A 647 11.05 -20.95 -10.26
C PHE A 647 11.29 -22.39 -10.72
N ASN A 648 11.51 -23.30 -9.75
CA ASN A 648 11.80 -24.68 -10.06
C ASN A 648 10.49 -25.45 -10.26
N TRP A 649 10.03 -25.51 -11.51
CA TRP A 649 8.75 -26.16 -11.86
C TRP A 649 8.66 -27.58 -11.35
N SER A 650 9.76 -28.32 -11.38
CA SER A 650 9.72 -29.68 -10.91
C SER A 650 9.26 -29.82 -9.47
N SER A 651 9.56 -28.81 -8.63
CA SER A 651 9.12 -28.82 -7.23
C SER A 651 7.59 -28.96 -7.07
N LEU A 652 6.81 -28.59 -8.09
CA LEU A 652 5.34 -28.79 -8.06
C LEU A 652 4.88 -30.21 -7.79
N THR A 653 5.70 -31.21 -8.13
N THR A 653 5.74 -31.16 -8.16
CA THR A 653 5.36 -32.60 -7.79
CA THR A 653 5.56 -32.56 -7.82
C THR A 653 5.33 -32.83 -6.28
C THR A 653 5.37 -32.81 -6.33
N LEU A 654 5.98 -31.95 -5.51
CA LEU A 654 5.91 -32.00 -4.03
C LEU A 654 4.53 -31.57 -3.47
N LEU A 655 3.70 -30.95 -4.32
CA LEU A 655 2.33 -30.51 -3.98
C LEU A 655 1.33 -31.19 -4.90
N PRO A 656 1.06 -32.49 -4.65
CA PRO A 656 0.35 -33.31 -5.60
C PRO A 656 -1.11 -32.91 -5.84
N ASN A 657 -1.65 -32.16 -4.88
CA ASN A 657 -3.02 -31.76 -4.92
C ASN A 657 -3.20 -30.32 -5.44
N LEU A 658 -2.10 -29.66 -5.83
CA LEU A 658 -2.21 -28.27 -6.28
C LEU A 658 -2.98 -28.13 -7.56
N GLU A 659 -4.00 -27.28 -7.54
CA GLU A 659 -4.83 -26.97 -8.67
C GLU A 659 -4.63 -25.56 -9.22
N THR A 660 -4.30 -24.62 -8.32
CA THR A 660 -4.10 -23.23 -8.71
C THR A 660 -2.76 -22.73 -8.18
N LEU A 661 -2.02 -22.13 -9.09
CA LEU A 661 -0.73 -21.51 -8.76
C LEU A 661 -0.72 -20.08 -9.35
N ASP A 662 -0.60 -19.09 -8.45
CA ASP A 662 -0.58 -17.68 -8.82
C ASP A 662 0.79 -17.09 -8.57
N LEU A 663 1.48 -16.79 -9.67
CA LEU A 663 2.80 -16.20 -9.67
C LEU A 663 2.71 -14.80 -10.29
N ALA A 664 1.52 -14.22 -10.39
CA ALA A 664 1.44 -12.91 -11.01
C ALA A 664 2.35 -11.88 -10.29
N GLY A 665 2.93 -10.99 -11.05
CA GLY A 665 3.62 -9.87 -10.48
C GLY A 665 5.04 -10.20 -9.95
N ASN A 666 5.63 -11.27 -10.40
CA ASN A 666 7.04 -11.56 -10.07
C ASN A 666 7.98 -11.08 -11.23
N GLN A 667 9.20 -11.60 -11.30
CA GLN A 667 10.25 -11.15 -12.26
C GLN A 667 10.78 -12.28 -13.15
N LEU A 668 9.92 -13.28 -13.40
CA LEU A 668 10.33 -14.36 -14.30
C LEU A 668 10.66 -13.76 -15.64
N LYS A 669 11.76 -14.19 -16.20
CA LYS A 669 12.16 -13.75 -17.56
C LYS A 669 11.93 -14.81 -18.65
N ALA A 670 11.49 -16.00 -18.28
CA ALA A 670 11.24 -17.04 -19.25
C ALA A 670 10.42 -18.11 -18.53
N LEU A 671 9.72 -18.93 -19.32
CA LEU A 671 9.16 -20.17 -18.83
C LEU A 671 10.01 -21.29 -19.42
N SER A 672 10.94 -21.75 -18.56
CA SER A 672 12.02 -22.62 -18.99
C SER A 672 12.43 -23.49 -17.81
N ASN A 673 13.64 -24.03 -17.78
CA ASN A 673 14.11 -24.77 -16.61
C ASN A 673 13.23 -25.98 -16.41
N GLY A 674 13.01 -26.68 -17.52
CA GLY A 674 12.14 -27.86 -17.53
C GLY A 674 10.71 -27.37 -17.75
N SER A 675 9.82 -28.31 -17.94
CA SER A 675 8.46 -27.95 -18.22
C SER A 675 7.69 -28.05 -16.91
N LEU A 676 6.41 -27.69 -16.97
CA LEU A 676 5.50 -28.13 -15.95
C LEU A 676 5.66 -29.66 -15.86
N PRO A 677 5.85 -30.17 -14.63
CA PRO A 677 6.18 -31.60 -14.47
C PRO A 677 4.99 -32.52 -14.79
N SER A 678 5.29 -33.78 -15.13
CA SER A 678 4.20 -34.69 -15.44
C SER A 678 3.47 -35.05 -14.15
N GLY A 679 2.21 -35.41 -14.30
CA GLY A 679 1.35 -35.80 -13.21
C GLY A 679 0.62 -34.67 -12.51
N THR A 680 0.94 -33.42 -12.85
CA THR A 680 0.36 -32.29 -12.10
C THR A 680 -1.17 -32.22 -12.26
N GLN A 681 -1.88 -31.91 -11.18
CA GLN A 681 -3.34 -31.61 -11.28
C GLN A 681 -3.59 -30.12 -11.57
N LEU A 682 -2.53 -29.40 -11.91
CA LEU A 682 -2.69 -27.96 -12.04
C LEU A 682 -3.72 -27.61 -13.10
N GLN A 683 -4.68 -26.77 -12.71
CA GLN A 683 -5.76 -26.32 -13.59
C GLN A 683 -5.62 -24.87 -13.98
N ARG A 684 -5.07 -24.06 -13.07
CA ARG A 684 -4.99 -22.63 -13.28
C ARG A 684 -3.60 -22.13 -12.93
N LEU A 685 -2.99 -21.45 -13.91
CA LEU A 685 -1.66 -20.84 -13.75
C LEU A 685 -1.68 -19.41 -14.18
N ASP A 686 -1.28 -18.52 -13.27
CA ASP A 686 -1.23 -17.08 -13.54
C ASP A 686 0.24 -16.63 -13.44
N VAL A 687 0.79 -16.26 -14.59
CA VAL A 687 2.16 -15.70 -14.63
C VAL A 687 2.12 -14.33 -15.23
N SER A 688 0.99 -13.68 -15.11
CA SER A 688 0.87 -12.33 -15.64
C SER A 688 1.80 -11.33 -14.90
N ARG A 689 2.06 -10.21 -15.54
CA ARG A 689 2.90 -9.13 -14.96
C ARG A 689 4.26 -9.62 -14.47
N ASN A 690 4.83 -10.60 -15.18
CA ASN A 690 6.26 -10.87 -15.04
C ASN A 690 7.07 -10.17 -16.15
N SER A 691 8.26 -10.65 -16.49
CA SER A 691 9.04 -10.13 -17.59
C SER A 691 9.38 -11.21 -18.61
N ILE A 692 8.42 -12.11 -18.87
CA ILE A 692 8.70 -13.29 -19.64
C ILE A 692 8.91 -12.96 -21.11
N ILE A 693 10.07 -13.37 -21.61
N ILE A 693 10.05 -13.36 -21.67
CA ILE A 693 10.48 -13.12 -22.97
CA ILE A 693 10.31 -13.11 -23.07
C ILE A 693 10.22 -14.30 -23.84
C ILE A 693 10.29 -14.35 -23.92
N PHE A 694 10.37 -15.51 -23.28
CA PHE A 694 10.17 -16.74 -24.06
C PHE A 694 9.75 -17.94 -23.24
N VAL A 695 9.14 -18.89 -23.93
CA VAL A 695 8.59 -20.12 -23.32
C VAL A 695 9.17 -21.25 -24.13
N VAL A 696 9.71 -22.25 -23.46
CA VAL A 696 10.35 -23.33 -24.17
C VAL A 696 9.30 -24.20 -24.84
N PRO A 697 9.66 -24.82 -25.98
CA PRO A 697 8.72 -25.73 -26.60
C PRO A 697 8.28 -26.80 -25.64
N GLY A 698 6.97 -27.05 -25.63
CA GLY A 698 6.36 -27.97 -24.74
C GLY A 698 6.25 -27.64 -23.27
N PHE A 699 6.48 -26.37 -22.89
CA PHE A 699 6.43 -26.03 -21.50
C PHE A 699 5.15 -26.51 -20.78
N PHE A 700 4.01 -26.32 -21.40
CA PHE A 700 2.72 -26.59 -20.79
C PHE A 700 2.19 -27.97 -21.14
N ALA A 701 2.90 -28.73 -21.97
CA ALA A 701 2.33 -29.96 -22.58
C ALA A 701 1.94 -31.11 -21.63
N LEU A 702 2.66 -31.26 -20.53
CA LEU A 702 2.43 -32.38 -19.60
C LEU A 702 1.36 -32.02 -18.54
N ALA A 703 0.92 -30.75 -18.55
CA ALA A 703 -0.10 -30.28 -17.59
C ALA A 703 -1.48 -30.50 -18.20
N THR A 704 -1.88 -31.77 -18.18
CA THR A 704 -3.06 -32.25 -18.90
C THR A 704 -4.37 -31.69 -18.38
N ARG A 705 -4.39 -31.24 -17.12
CA ARG A 705 -5.60 -30.65 -16.52
C ARG A 705 -5.66 -29.11 -16.69
N LEU A 706 -4.64 -28.50 -17.28
CA LEU A 706 -4.63 -27.04 -17.40
C LEU A 706 -5.83 -26.53 -18.19
N ARG A 707 -6.54 -25.57 -17.60
CA ARG A 707 -7.67 -24.93 -18.23
C ARG A 707 -7.54 -23.40 -18.34
N GLU A 708 -6.80 -22.75 -17.44
CA GLU A 708 -6.78 -21.29 -17.41
C GLU A 708 -5.34 -20.85 -17.29
N LEU A 709 -4.92 -20.03 -18.24
CA LEU A 709 -3.54 -19.55 -18.26
C LEU A 709 -3.53 -18.07 -18.52
N ASN A 710 -2.88 -17.34 -17.63
CA ASN A 710 -2.74 -15.92 -17.81
C ASN A 710 -1.29 -15.54 -18.07
N LEU A 711 -1.04 -15.13 -19.32
CA LEU A 711 0.26 -14.59 -19.76
C LEU A 711 0.27 -13.08 -19.96
N SER A 712 -0.78 -12.41 -19.56
CA SER A 712 -0.92 -10.95 -19.77
C SER A 712 0.28 -10.18 -19.20
N ALA A 713 0.65 -9.09 -19.84
CA ALA A 713 1.57 -8.10 -19.28
C ALA A 713 2.97 -8.70 -19.02
N ASN A 714 3.41 -9.44 -20.03
CA ASN A 714 4.79 -9.90 -20.04
C ASN A 714 5.52 -9.23 -21.22
N ALA A 715 6.62 -9.83 -21.71
CA ALA A 715 7.38 -9.27 -22.84
C ALA A 715 7.39 -10.24 -24.06
N LEU A 716 6.29 -11.00 -24.23
CA LEU A 716 6.27 -12.00 -25.26
C LEU A 716 6.02 -11.37 -26.64
N ARG A 717 6.88 -11.67 -27.60
CA ARG A 717 6.74 -11.15 -28.93
C ARG A 717 6.03 -12.09 -29.88
N THR A 718 5.72 -13.29 -29.37
CA THR A 718 5.00 -14.28 -30.13
C THR A 718 4.06 -15.05 -29.20
N VAL A 719 3.16 -15.82 -29.81
CA VAL A 719 2.37 -16.84 -29.08
C VAL A 719 2.45 -18.15 -29.91
N GLU A 720 2.99 -19.19 -29.30
CA GLU A 720 3.39 -20.37 -30.06
C GLU A 720 2.57 -21.57 -29.66
N PRO A 721 1.89 -22.23 -30.64
CA PRO A 721 1.19 -23.48 -30.31
C PRO A 721 2.11 -24.55 -29.80
N SER A 722 3.39 -24.51 -30.18
CA SER A 722 4.35 -25.45 -29.69
C SER A 722 4.51 -25.43 -28.19
N TRP A 723 4.19 -24.30 -27.49
CA TRP A 723 4.26 -24.23 -26.04
C TRP A 723 3.34 -25.27 -25.35
N PHE A 724 2.31 -25.67 -26.11
CA PHE A 724 1.26 -26.53 -25.67
C PHE A 724 1.35 -27.85 -26.43
N GLY A 725 2.43 -28.07 -27.15
CA GLY A 725 2.54 -29.28 -28.03
C GLY A 725 1.40 -29.33 -29.05
N PHE A 726 0.94 -28.15 -29.47
CA PHE A 726 -0.08 -27.96 -30.45
C PHE A 726 -1.39 -28.57 -29.99
N LEU A 727 -1.60 -28.58 -28.67
CA LEU A 727 -2.81 -29.14 -28.08
C LEU A 727 -3.33 -28.12 -27.06
N ALA A 728 -3.81 -27.00 -27.59
CA ALA A 728 -4.33 -25.91 -26.75
C ALA A 728 -5.85 -25.83 -26.73
N GLY A 729 -6.51 -26.78 -27.38
CA GLY A 729 -7.94 -26.74 -27.46
C GLY A 729 -8.74 -26.97 -26.20
N SER A 730 -8.14 -27.54 -25.16
CA SER A 730 -8.82 -27.71 -23.88
C SER A 730 -8.80 -26.46 -23.00
N LEU A 731 -7.96 -25.50 -23.35
CA LEU A 731 -7.90 -24.27 -22.58
C LEU A 731 -9.22 -23.53 -22.68
N GLU A 732 -9.69 -23.07 -21.52
CA GLU A 732 -10.88 -22.24 -21.43
C GLU A 732 -10.54 -20.73 -21.39
N VAL A 733 -9.37 -20.41 -20.84
CA VAL A 733 -8.89 -19.04 -20.76
C VAL A 733 -7.39 -19.03 -21.15
N LEU A 734 -7.07 -18.24 -22.15
CA LEU A 734 -5.65 -17.95 -22.51
C LEU A 734 -5.55 -16.44 -22.71
N ASP A 735 -5.00 -15.73 -21.72
CA ASP A 735 -4.90 -14.31 -21.78
C ASP A 735 -3.49 -13.89 -22.21
N VAL A 736 -3.41 -13.30 -23.42
CA VAL A 736 -2.14 -12.84 -24.01
C VAL A 736 -2.10 -11.32 -24.24
N SER A 737 -3.04 -10.59 -23.60
CA SER A 737 -3.08 -9.15 -23.67
C SER A 737 -1.84 -8.52 -23.09
N ALA A 738 -1.60 -7.28 -23.48
CA ALA A 738 -0.50 -6.48 -22.95
C ALA A 738 0.84 -7.17 -23.08
N ASN A 739 1.03 -7.79 -24.27
CA ASN A 739 2.32 -8.28 -24.69
C ASN A 739 2.74 -7.68 -26.04
N PRO A 740 4.01 -7.45 -26.24
CA PRO A 740 4.53 -6.74 -27.43
C PRO A 740 4.67 -7.66 -28.64
N LEU A 741 3.54 -8.19 -29.09
CA LEU A 741 3.51 -9.10 -30.18
C LEU A 741 4.09 -8.49 -31.43
N HIS A 742 4.93 -9.28 -32.11
CA HIS A 742 5.55 -8.82 -33.32
C HIS A 742 4.64 -9.14 -34.50
N CYS A 743 4.01 -8.08 -35.03
CA CYS A 743 2.99 -8.20 -36.05
C CYS A 743 3.56 -8.18 -37.47
N ALA A 744 4.32 -9.22 -37.75
CA ALA A 744 4.83 -9.47 -39.10
C ALA A 744 3.90 -10.43 -39.84
N CYS A 745 3.87 -10.33 -41.17
CA CYS A 745 3.12 -11.33 -41.98
C CYS A 745 3.72 -12.73 -41.78
N ALA A 747 3.60 -14.62 -38.68
CA ALA A 747 3.76 -14.92 -37.25
C ALA A 747 2.89 -16.10 -36.84
N ALA A 748 3.40 -16.93 -35.92
CA ALA A 748 2.66 -18.12 -35.41
C ALA A 748 1.34 -17.73 -34.81
N PHE A 749 1.33 -16.57 -34.17
CA PHE A 749 0.29 -16.27 -33.28
C PHE A 749 -1.01 -16.02 -34.01
N VAL A 750 -0.94 -15.50 -35.23
CA VAL A 750 -2.11 -15.08 -35.97
C VAL A 750 -3.11 -16.24 -36.11
N ASP A 751 -2.65 -17.29 -36.77
N ASP A 751 -2.70 -17.33 -36.75
CA ASP A 751 -3.45 -18.47 -37.01
CA ASP A 751 -3.63 -18.46 -36.95
C ASP A 751 -3.85 -19.09 -35.68
C ASP A 751 -3.86 -19.21 -35.66
N PHE A 752 -2.88 -19.20 -34.77
CA PHE A 752 -3.07 -19.85 -33.50
C PHE A 752 -4.18 -19.19 -32.68
N LEU A 753 -4.12 -17.86 -32.53
CA LEU A 753 -5.13 -17.20 -31.72
C LEU A 753 -6.55 -17.35 -32.33
N LEU A 754 -6.64 -17.37 -33.65
CA LEU A 754 -7.93 -17.65 -34.33
C LEU A 754 -8.41 -19.05 -34.05
N GLN A 755 -7.47 -20.00 -33.97
CA GLN A 755 -7.80 -21.37 -33.61
C GLN A 755 -8.43 -21.49 -32.21
N VAL A 756 -7.88 -20.76 -31.23
CA VAL A 756 -8.34 -20.80 -29.85
C VAL A 756 -9.08 -19.57 -29.42
N GLN A 757 -9.72 -18.91 -30.38
CA GLN A 757 -10.30 -17.62 -30.10
C GLN A 757 -11.37 -17.60 -29.00
N ALA A 758 -12.12 -18.69 -28.81
CA ALA A 758 -13.13 -18.71 -27.76
C ALA A 758 -12.55 -18.61 -26.35
N ALA A 759 -11.25 -18.95 -26.21
CA ALA A 759 -10.59 -18.90 -24.93
C ALA A 759 -9.82 -17.57 -24.65
N VAL A 760 -9.71 -16.70 -25.65
CA VAL A 760 -8.86 -15.50 -25.56
C VAL A 760 -9.70 -14.26 -25.28
N PRO A 761 -9.64 -13.78 -24.02
CA PRO A 761 -10.44 -12.63 -23.67
C PRO A 761 -9.99 -11.37 -24.36
N GLY A 762 -10.95 -10.57 -24.82
CA GLY A 762 -10.61 -9.30 -25.48
C GLY A 762 -9.85 -9.44 -26.77
N LEU A 763 -9.96 -10.58 -27.47
CA LEU A 763 -9.14 -10.79 -28.67
C LEU A 763 -9.25 -9.70 -29.72
N PRO A 764 -10.48 -9.23 -29.99
CA PRO A 764 -10.63 -8.21 -31.07
C PRO A 764 -9.94 -6.89 -30.81
N SER A 765 -9.74 -6.54 -29.55
CA SER A 765 -9.26 -5.20 -29.18
C SER A 765 -8.08 -5.12 -28.25
N ARG A 766 -7.88 -6.06 -27.32
CA ARG A 766 -6.88 -5.87 -26.27
C ARG A 766 -5.61 -6.67 -26.49
N VAL A 767 -5.55 -7.36 -27.63
CA VAL A 767 -4.34 -8.09 -28.03
C VAL A 767 -3.64 -7.27 -29.09
N LYS A 768 -2.51 -6.65 -28.71
CA LYS A 768 -1.91 -5.57 -29.47
C LYS A 768 -0.51 -5.88 -29.89
N CYS A 769 -0.06 -5.14 -30.90
CA CYS A 769 1.29 -5.29 -31.44
C CYS A 769 2.27 -4.40 -30.68
N GLY A 770 3.46 -4.93 -30.44
CA GLY A 770 4.59 -4.14 -30.01
C GLY A 770 5.47 -3.59 -31.11
N SER A 771 5.28 -4.07 -32.32
CA SER A 771 6.17 -3.91 -33.47
C SER A 771 5.56 -4.65 -34.67
N PRO A 772 6.02 -4.34 -35.90
CA PRO A 772 6.98 -3.31 -36.27
C PRO A 772 6.32 -1.92 -36.49
N GLY A 773 7.19 -0.91 -36.52
CA GLY A 773 6.84 0.44 -36.97
C GLY A 773 5.56 0.96 -36.39
N GLN A 774 4.67 1.40 -37.27
CA GLN A 774 3.45 2.07 -36.87
C GLN A 774 2.38 1.18 -36.30
N LEU A 775 2.59 -0.14 -36.35
N LEU A 775 2.61 -0.13 -36.33
CA LEU A 775 1.62 -1.06 -35.78
CA LEU A 775 1.65 -1.09 -35.78
C LEU A 775 1.74 -1.13 -34.26
C LEU A 775 1.75 -1.14 -34.27
N GLN A 776 2.86 -0.63 -33.73
CA GLN A 776 3.03 -0.57 -32.25
C GLN A 776 1.83 0.13 -31.59
N GLY A 777 1.19 -0.58 -30.66
CA GLY A 777 0.03 -0.10 -29.90
C GLY A 777 -1.32 -0.28 -30.57
N ARG A 778 -1.34 -0.88 -31.74
CA ARG A 778 -2.61 -1.21 -32.41
C ARG A 778 -2.96 -2.64 -32.19
N SER A 779 -4.25 -2.93 -32.32
CA SER A 779 -4.74 -4.30 -32.34
C SER A 779 -4.04 -5.11 -33.41
N ILE A 780 -3.79 -6.39 -33.14
CA ILE A 780 -3.34 -7.32 -34.17
C ILE A 780 -4.28 -7.42 -35.39
N PHE A 781 -5.53 -6.99 -35.23
CA PHE A 781 -6.52 -6.91 -36.34
C PHE A 781 -6.67 -5.57 -37.00
N ALA A 782 -5.82 -4.60 -36.64
CA ALA A 782 -5.89 -3.27 -37.28
C ALA A 782 -5.47 -3.40 -38.76
N GLN A 783 -4.85 -4.54 -39.07
CA GLN A 783 -4.39 -4.86 -40.40
C GLN A 783 -4.44 -6.37 -40.55
N ASP A 784 -4.53 -6.83 -41.80
CA ASP A 784 -4.60 -8.27 -42.06
C ASP A 784 -3.19 -8.87 -42.21
N LEU A 785 -2.75 -9.54 -41.15
CA LEU A 785 -1.43 -10.16 -41.10
C LEU A 785 -1.43 -11.56 -41.69
N THR B 7 32.35 6.95 -29.43
CA THR B 7 33.37 6.05 -28.79
C THR B 7 32.72 5.13 -27.76
N LEU B 8 32.95 3.83 -27.90
CA LEU B 8 32.38 2.84 -26.96
C LEU B 8 32.84 3.07 -25.51
N PRO B 9 31.97 2.72 -24.54
CA PRO B 9 32.44 2.63 -23.16
C PRO B 9 33.69 1.75 -23.13
N PRO B 10 34.76 2.22 -22.49
CA PRO B 10 36.09 1.60 -22.65
C PRO B 10 36.31 0.21 -21.99
N PHE B 11 35.46 -0.18 -21.02
CA PHE B 11 35.65 -1.42 -20.25
C PHE B 11 34.43 -2.37 -20.35
N LEU B 12 33.66 -2.28 -21.44
CA LEU B 12 32.57 -3.24 -21.68
C LEU B 12 33.04 -4.65 -21.33
N PRO B 13 32.18 -5.44 -20.63
CA PRO B 13 30.80 -5.15 -20.25
C PRO B 13 30.60 -4.31 -18.98
N CYS B 14 31.70 -3.87 -18.37
CA CYS B 14 31.72 -3.13 -17.13
C CYS B 14 31.55 -1.62 -17.35
N GLU B 15 31.48 -0.89 -16.25
CA GLU B 15 31.23 0.55 -16.23
C GLU B 15 32.36 1.26 -15.50
N LEU B 16 32.91 2.29 -16.15
CA LEU B 16 33.96 3.11 -15.54
C LEU B 16 33.34 4.17 -14.66
N GLN B 17 33.73 4.19 -13.39
CA GLN B 17 33.16 5.07 -12.40
C GLN B 17 34.31 5.94 -11.89
N PRO B 18 34.01 6.90 -10.98
CA PRO B 18 35.08 7.83 -10.59
C PRO B 18 36.23 7.18 -9.79
N HIS B 19 37.39 7.83 -9.80
CA HIS B 19 38.56 7.38 -9.04
C HIS B 19 39.10 6.02 -9.51
N GLY B 20 39.00 5.75 -10.82
CA GLY B 20 39.68 4.63 -11.46
C GLY B 20 38.98 3.31 -11.15
N LEU B 21 37.70 3.38 -10.83
CA LEU B 21 36.91 2.19 -10.51
C LEU B 21 36.22 1.64 -11.76
N VAL B 22 36.54 0.38 -12.09
CA VAL B 22 35.84 -0.37 -13.10
C VAL B 22 34.89 -1.28 -12.34
N ASN B 23 33.58 -1.06 -12.55
CA ASN B 23 32.57 -1.77 -11.81
C ASN B 23 31.91 -2.81 -12.71
N CYS B 24 32.19 -4.09 -12.41
CA CYS B 24 31.74 -5.26 -13.14
C CYS B 24 30.74 -6.01 -12.29
N ASN B 25 30.12 -5.33 -11.32
CA ASN B 25 29.24 -6.03 -10.39
C ASN B 25 27.98 -6.59 -11.05
N TRP B 26 27.53 -7.73 -10.59
CA TRP B 26 26.23 -8.26 -10.98
C TRP B 26 26.02 -8.38 -12.53
N LEU B 27 27.04 -8.87 -13.23
CA LEU B 27 27.03 -9.08 -14.67
C LEU B 27 26.98 -10.56 -15.07
N PHE B 28 26.85 -11.43 -14.09
CA PHE B 28 26.78 -12.90 -14.27
C PHE B 28 27.97 -13.45 -15.05
N LEU B 29 29.13 -12.83 -14.83
CA LEU B 29 30.33 -13.29 -15.47
C LEU B 29 30.85 -14.58 -14.88
N LYS B 30 31.31 -15.46 -15.76
CA LYS B 30 31.91 -16.72 -15.35
C LYS B 30 33.42 -16.62 -15.32
N SER B 31 33.96 -15.56 -15.90
CA SER B 31 35.43 -15.33 -15.83
C SER B 31 35.70 -13.85 -15.82
N VAL B 32 36.87 -13.52 -15.34
CA VAL B 32 37.30 -12.14 -15.26
C VAL B 32 37.39 -11.63 -16.72
N PRO B 33 36.79 -10.45 -17.00
CA PRO B 33 36.89 -9.91 -18.35
C PRO B 33 38.31 -9.61 -18.75
N HIS B 34 38.59 -9.81 -20.03
CA HIS B 34 39.86 -9.35 -20.58
C HIS B 34 39.49 -8.14 -21.41
N PHE B 35 39.98 -6.98 -21.00
CA PHE B 35 39.60 -5.75 -21.67
C PHE B 35 40.54 -5.58 -22.87
N SER B 36 40.22 -4.65 -23.75
CA SER B 36 41.02 -4.42 -24.96
C SER B 36 42.40 -3.85 -24.66
N ALA B 37 43.39 -4.20 -25.48
CA ALA B 37 44.71 -3.57 -25.37
C ALA B 37 44.56 -2.05 -25.54
N ALA B 38 43.49 -1.66 -26.25
CA ALA B 38 43.13 -0.25 -26.42
C ALA B 38 42.50 0.42 -25.20
N ALA B 39 41.91 -0.35 -24.29
CA ALA B 39 41.33 0.24 -23.06
C ALA B 39 42.42 0.87 -22.19
N PRO B 40 42.08 1.89 -21.41
CA PRO B 40 43.08 2.53 -20.54
C PRO B 40 43.32 1.69 -19.29
N ARG B 41 43.92 0.52 -19.48
CA ARG B 41 44.10 -0.43 -18.37
C ARG B 41 44.98 0.15 -17.28
N ASP B 42 45.96 0.97 -17.66
CA ASP B 42 46.84 1.62 -16.69
C ASP B 42 46.07 2.49 -15.69
N ASN B 43 44.96 3.07 -16.10
CA ASN B 43 44.11 3.93 -15.26
C ASN B 43 43.23 3.19 -14.24
N VAL B 44 43.17 1.86 -14.32
CA VAL B 44 42.32 1.10 -13.42
C VAL B 44 42.95 0.93 -12.03
N THR B 45 42.38 1.58 -11.03
CA THR B 45 42.88 1.43 -9.67
C THR B 45 42.02 0.48 -8.82
N SER B 46 40.74 0.29 -9.17
CA SER B 46 39.88 -0.57 -8.38
C SER B 46 39.08 -1.39 -9.38
N LEU B 47 38.95 -2.69 -9.12
CA LEU B 47 38.15 -3.53 -9.98
C LEU B 47 37.15 -4.23 -9.07
N SER B 48 35.85 -4.03 -9.30
CA SER B 48 34.83 -4.68 -8.49
C SER B 48 34.14 -5.71 -9.35
N LEU B 49 34.15 -6.97 -8.85
CA LEU B 49 33.53 -8.14 -9.47
C LEU B 49 32.50 -8.78 -8.54
N LEU B 50 31.84 -7.98 -7.73
CA LEU B 50 30.86 -8.48 -6.76
C LEU B 50 29.75 -9.27 -7.41
N SER B 51 29.50 -10.43 -6.85
CA SER B 51 28.34 -11.29 -7.11
C SER B 51 28.20 -11.73 -8.58
N ASN B 52 29.32 -11.95 -9.27
CA ASN B 52 29.37 -12.62 -10.53
C ASN B 52 29.42 -14.12 -10.17
N ARG B 53 29.76 -14.98 -11.14
CA ARG B 53 29.82 -16.43 -10.95
C ARG B 53 31.17 -16.95 -11.43
N ILE B 54 32.23 -16.25 -10.96
CA ILE B 54 33.57 -16.62 -11.28
C ILE B 54 34.09 -17.65 -10.27
N HIS B 55 34.28 -18.90 -10.73
CA HIS B 55 34.69 -19.99 -9.87
C HIS B 55 36.14 -20.40 -10.03
N HIS B 56 36.82 -19.82 -11.00
CA HIS B 56 38.19 -20.18 -11.34
C HIS B 56 38.92 -18.88 -11.66
N LEU B 57 39.97 -18.62 -10.90
CA LEU B 57 40.82 -17.44 -11.12
C LEU B 57 42.16 -17.88 -11.68
N HIS B 58 42.70 -17.11 -12.61
CA HIS B 58 43.89 -17.55 -13.38
C HIS B 58 45.06 -16.58 -13.18
N ASP B 59 46.29 -17.05 -13.39
CA ASP B 59 47.47 -16.18 -13.32
C ASP B 59 47.38 -14.95 -14.19
N SER B 60 46.69 -15.10 -15.34
CA SER B 60 46.53 -14.06 -16.33
C SER B 60 45.42 -13.03 -16.05
N ASP B 61 44.54 -13.31 -15.08
CA ASP B 61 43.32 -12.50 -14.93
C ASP B 61 43.53 -11.03 -14.68
N PHE B 62 44.49 -10.70 -13.80
CA PHE B 62 44.67 -9.31 -13.34
C PHE B 62 46.01 -8.72 -13.78
N ALA B 63 46.74 -9.50 -14.55
CA ALA B 63 48.12 -9.16 -14.85
C ALA B 63 48.22 -7.94 -15.77
N GLN B 64 47.22 -7.71 -16.61
CA GLN B 64 47.23 -6.56 -17.51
C GLN B 64 46.76 -5.26 -16.83
N LEU B 65 46.28 -5.33 -15.59
CA LEU B 65 45.95 -4.13 -14.83
C LEU B 65 47.12 -3.76 -13.97
N SER B 66 48.06 -3.05 -14.61
CA SER B 66 49.40 -2.79 -14.08
C SER B 66 49.45 -2.04 -12.79
N ASN B 67 48.41 -1.25 -12.52
CA ASN B 67 48.34 -0.37 -11.34
C ASN B 67 47.15 -0.62 -10.36
N LEU B 68 46.64 -1.83 -10.41
CA LEU B 68 45.49 -2.19 -9.63
C LEU B 68 45.80 -2.16 -8.13
N GLN B 69 44.99 -1.41 -7.39
CA GLN B 69 45.15 -1.28 -5.96
C GLN B 69 44.05 -2.01 -5.17
N LYS B 70 42.85 -2.09 -5.71
CA LYS B 70 41.72 -2.66 -4.97
C LYS B 70 40.94 -3.65 -5.81
N LEU B 71 40.65 -4.78 -5.22
CA LEU B 71 40.03 -5.88 -5.95
C LEU B 71 38.95 -6.52 -5.09
N ASN B 72 37.74 -6.52 -5.62
CA ASN B 72 36.60 -7.10 -4.90
C ASN B 72 36.02 -8.29 -5.67
N LEU B 73 36.20 -9.49 -5.11
CA LEU B 73 35.75 -10.77 -5.66
C LEU B 73 34.66 -11.41 -4.78
N LYS B 74 34.02 -10.59 -3.94
CA LYS B 74 33.02 -11.11 -3.02
C LYS B 74 31.82 -11.78 -3.73
N TRP B 75 31.37 -12.92 -3.19
CA TRP B 75 30.09 -13.59 -3.53
C TRP B 75 30.12 -14.28 -4.92
N ASN B 76 31.31 -14.62 -5.42
CA ASN B 76 31.43 -15.26 -6.71
C ASN B 76 31.16 -16.74 -6.71
N CYS B 77 31.43 -17.36 -5.57
CA CYS B 77 31.41 -18.83 -5.47
C CYS B 77 31.04 -19.22 -4.05
N PRO B 78 29.81 -18.90 -3.60
CA PRO B 78 29.53 -18.97 -2.18
C PRO B 78 29.54 -20.39 -1.67
N PRO B 79 30.02 -20.59 -0.46
CA PRO B 79 29.85 -21.94 0.09
C PRO B 79 28.38 -22.34 0.15
N ALA B 80 28.14 -23.64 0.14
CA ALA B 80 26.77 -24.17 0.03
C ALA B 80 25.82 -23.53 1.03
N GLY B 81 26.27 -23.37 2.28
CA GLY B 81 25.39 -22.77 3.30
C GLY B 81 24.89 -21.38 3.05
N LEU B 82 25.69 -20.60 2.33
CA LEU B 82 25.39 -19.23 1.97
C LEU B 82 24.77 -19.04 0.58
N SER B 83 24.92 -20.01 -0.30
CA SER B 83 24.25 -20.04 -1.62
C SER B 83 22.72 -20.04 -1.41
N PRO B 84 22.02 -19.16 -2.09
CA PRO B 84 20.54 -19.23 -1.96
C PRO B 84 19.89 -20.63 -2.16
N MET B 85 20.46 -21.47 -3.04
CA MET B 85 19.97 -22.83 -3.34
C MET B 85 20.81 -23.93 -2.72
N HIS B 86 21.69 -23.56 -1.81
CA HIS B 86 22.61 -24.51 -1.26
C HIS B 86 23.41 -25.32 -2.26
N PHE B 87 23.75 -24.70 -3.40
CA PHE B 87 24.62 -25.31 -4.36
C PHE B 87 26.04 -25.21 -3.82
N PRO B 88 26.80 -26.31 -3.85
CA PRO B 88 28.20 -26.23 -3.48
C PRO B 88 29.00 -25.39 -4.48
N CYS B 89 30.07 -24.77 -4.00
CA CYS B 89 30.97 -24.08 -4.88
C CYS B 89 32.35 -24.18 -4.28
N HIS B 90 33.31 -24.56 -5.12
CA HIS B 90 34.72 -24.49 -4.79
C HIS B 90 35.44 -23.57 -5.77
N MET B 91 36.07 -22.52 -5.27
CA MET B 91 36.78 -21.60 -6.10
C MET B 91 38.26 -22.01 -6.20
N THR B 92 38.72 -22.18 -7.42
CA THR B 92 40.12 -22.50 -7.65
C THR B 92 40.86 -21.23 -7.94
N ILE B 93 42.09 -21.15 -7.44
CA ILE B 93 42.94 -19.96 -7.65
C ILE B 93 44.34 -20.43 -8.09
N GLU B 94 44.76 -20.05 -9.30
CA GLU B 94 46.14 -20.36 -9.79
C GLU B 94 47.17 -19.66 -8.94
N PRO B 95 48.36 -20.26 -8.83
CA PRO B 95 49.36 -19.79 -7.89
C PRO B 95 49.70 -18.32 -7.91
N ASN B 96 49.77 -17.71 -9.09
N ASN B 96 49.74 -17.72 -9.09
CA ASN B 96 50.21 -16.32 -9.21
CA ASN B 96 50.21 -16.34 -9.25
C ASN B 96 49.08 -15.33 -9.51
C ASN B 96 49.09 -15.32 -9.45
N THR B 97 47.84 -15.77 -9.31
CA THR B 97 46.67 -14.89 -9.55
C THR B 97 46.88 -13.51 -8.95
N PHE B 98 47.30 -13.46 -7.67
CA PHE B 98 47.45 -12.18 -6.96
C PHE B 98 48.88 -11.68 -6.96
N LEU B 99 49.85 -12.57 -7.01
CA LEU B 99 51.26 -12.14 -7.15
C LEU B 99 51.49 -11.30 -8.41
N ALA B 100 50.70 -11.56 -9.45
CA ALA B 100 50.76 -10.82 -10.71
C ALA B 100 50.28 -9.36 -10.60
N VAL B 101 49.81 -8.98 -9.40
CA VAL B 101 49.40 -7.62 -9.10
C VAL B 101 50.21 -7.06 -7.93
N PRO B 102 51.50 -6.71 -8.21
CA PRO B 102 52.32 -6.35 -7.09
C PRO B 102 52.03 -4.95 -6.50
N THR B 103 51.04 -4.22 -7.05
CA THR B 103 50.53 -2.99 -6.48
C THR B 103 49.25 -3.20 -5.61
N LEU B 104 48.75 -4.42 -5.55
CA LEU B 104 47.49 -4.69 -4.83
C LEU B 104 47.59 -4.37 -3.32
N GLU B 105 46.65 -3.52 -2.87
CA GLU B 105 46.55 -3.10 -1.48
C GLU B 105 45.35 -3.63 -0.71
N GLU B 106 44.22 -3.83 -1.39
CA GLU B 106 42.99 -4.26 -0.75
C GLU B 106 42.35 -5.35 -1.57
N LEU B 107 42.03 -6.45 -0.89
CA LEU B 107 41.47 -7.60 -1.55
C LEU B 107 40.30 -8.12 -0.70
N ASN B 108 39.16 -8.30 -1.35
CA ASN B 108 38.00 -8.95 -0.78
C ASN B 108 37.75 -10.27 -1.50
N LEU B 109 37.97 -11.34 -0.76
CA LEU B 109 37.71 -12.69 -1.24
C LEU B 109 36.59 -13.36 -0.48
N SER B 110 35.72 -12.59 0.19
CA SER B 110 34.70 -13.17 1.08
C SER B 110 33.59 -13.84 0.28
N TYR B 111 32.90 -14.76 0.92
CA TYR B 111 31.72 -15.43 0.34
C TYR B 111 32.13 -16.23 -0.89
N ASN B 112 33.26 -16.94 -0.72
CA ASN B 112 33.84 -17.83 -1.74
C ASN B 112 34.30 -19.13 -1.11
N GLY B 113 34.04 -20.24 -1.81
CA GLY B 113 34.46 -21.55 -1.30
C GLY B 113 35.90 -21.89 -1.51
N ILE B 114 36.76 -21.27 -0.69
CA ILE B 114 38.18 -21.56 -0.66
C ILE B 114 38.58 -22.09 0.69
N THR B 115 39.57 -23.00 0.69
CA THR B 115 39.97 -23.69 1.92
C THR B 115 41.37 -23.35 2.37
N THR B 116 42.11 -22.65 1.52
N THR B 116 42.15 -22.70 1.52
CA THR B 116 43.45 -22.21 1.82
CA THR B 116 43.44 -22.19 1.94
C THR B 116 43.61 -20.77 1.39
C THR B 116 43.62 -20.79 1.39
N VAL B 117 44.51 -20.06 2.04
CA VAL B 117 44.83 -18.68 1.67
C VAL B 117 45.78 -18.73 0.45
N PRO B 118 45.46 -17.99 -0.63
CA PRO B 118 46.35 -17.93 -1.75
C PRO B 118 47.59 -17.12 -1.46
N ALA B 119 48.56 -17.26 -2.32
CA ALA B 119 49.76 -16.49 -2.22
C ALA B 119 49.41 -15.03 -2.53
N LEU B 120 49.96 -14.07 -1.77
CA LEU B 120 49.53 -12.69 -1.85
C LEU B 120 50.71 -11.76 -1.89
N PRO B 121 50.55 -10.65 -2.63
CA PRO B 121 51.67 -9.76 -2.78
C PRO B 121 51.96 -8.97 -1.48
N SER B 122 53.24 -8.60 -1.27
CA SER B 122 53.62 -8.02 0.03
C SER B 122 53.19 -6.56 0.11
N SER B 123 52.62 -6.00 -0.96
CA SER B 123 51.95 -4.67 -0.93
C SER B 123 50.64 -4.65 -0.12
N LEU B 124 50.11 -5.83 0.20
CA LEU B 124 48.72 -5.88 0.71
C LEU B 124 48.54 -5.19 2.08
N VAL B 125 47.52 -4.30 2.14
CA VAL B 125 47.18 -3.61 3.37
C VAL B 125 45.89 -4.16 4.06
N SER B 126 44.95 -4.65 3.25
CA SER B 126 43.67 -5.08 3.77
C SER B 126 43.22 -6.36 3.08
N LEU B 127 42.82 -7.36 3.88
CA LEU B 127 42.49 -8.69 3.37
C LEU B 127 41.20 -9.14 4.06
N ILE B 128 40.17 -9.44 3.25
N ILE B 128 40.18 -9.47 3.25
CA ILE B 128 38.90 -9.95 3.74
CA ILE B 128 38.90 -9.94 3.74
C ILE B 128 38.68 -11.37 3.23
C ILE B 128 38.66 -11.37 3.23
N LEU B 129 38.61 -12.31 4.16
CA LEU B 129 38.49 -13.74 3.84
C LEU B 129 37.28 -14.33 4.54
N SER B 130 36.35 -13.48 4.93
CA SER B 130 35.15 -13.91 5.62
C SER B 130 34.23 -14.81 4.77
N ARG B 131 33.44 -15.62 5.44
CA ARG B 131 32.55 -16.57 4.79
C ARG B 131 33.23 -17.36 3.66
N THR B 132 34.42 -17.84 3.97
CA THR B 132 35.15 -18.82 3.14
C THR B 132 35.18 -20.10 3.96
N ASN B 133 35.96 -21.06 3.51
CA ASN B 133 36.05 -22.35 4.21
C ASN B 133 37.51 -22.60 4.65
N ILE B 134 38.22 -21.50 4.95
CA ILE B 134 39.55 -21.57 5.51
C ILE B 134 39.46 -21.80 7.03
N LEU B 135 39.98 -22.97 7.47
CA LEU B 135 39.79 -23.42 8.84
C LEU B 135 41.05 -23.50 9.64
N GLN B 136 42.13 -22.98 9.06
CA GLN B 136 43.39 -22.95 9.70
C GLN B 136 44.14 -21.71 9.25
N LEU B 137 44.85 -21.09 10.18
CA LEU B 137 45.87 -20.14 9.83
C LEU B 137 47.13 -20.53 10.55
N ASP B 138 48.22 -20.60 9.79
CA ASP B 138 49.50 -20.83 10.43
C ASP B 138 50.54 -19.86 9.89
N PRO B 139 51.78 -19.96 10.39
CA PRO B 139 52.68 -18.91 9.99
C PRO B 139 52.95 -18.84 8.48
N THR B 140 52.67 -19.93 7.76
CA THR B 140 52.86 -19.98 6.33
C THR B 140 51.66 -19.46 5.52
N SER B 141 50.51 -19.28 6.18
CA SER B 141 49.29 -18.84 5.47
C SER B 141 49.37 -17.40 4.93
N LEU B 142 50.01 -16.51 5.68
CA LEU B 142 50.03 -15.08 5.32
C LEU B 142 51.47 -14.61 5.21
N THR B 143 52.29 -15.47 4.64
N THR B 143 52.25 -15.45 4.53
CA THR B 143 53.72 -15.22 4.65
CA THR B 143 53.70 -15.23 4.40
C THR B 143 54.07 -13.97 3.84
C THR B 143 54.04 -13.89 3.79
N GLY B 144 54.90 -13.14 4.47
CA GLY B 144 55.47 -11.95 3.87
C GLY B 144 54.63 -10.68 3.85
N LEU B 145 53.49 -10.69 4.52
CA LEU B 145 52.57 -9.55 4.44
C LEU B 145 52.83 -8.55 5.53
N HIS B 146 54.01 -7.93 5.42
CA HIS B 146 54.48 -7.05 6.47
C HIS B 146 53.80 -5.70 6.51
N ALA B 147 53.00 -5.36 5.47
CA ALA B 147 52.25 -4.13 5.43
C ALA B 147 50.77 -4.31 5.82
N LEU B 148 50.37 -5.56 6.08
CA LEU B 148 48.94 -5.83 6.36
C LEU B 148 48.49 -5.16 7.65
N ARG B 149 47.50 -4.28 7.54
CA ARG B 149 46.89 -3.62 8.66
C ARG B 149 45.55 -4.28 9.07
N PHE B 150 44.80 -4.82 8.09
CA PHE B 150 43.46 -5.29 8.39
C PHE B 150 43.32 -6.73 7.93
N LEU B 151 42.89 -7.61 8.83
CA LEU B 151 42.55 -8.96 8.44
C LEU B 151 41.17 -9.34 9.04
N TYR B 152 40.21 -9.49 8.14
CA TYR B 152 38.84 -9.87 8.51
C TYR B 152 38.57 -11.26 8.01
N MET B 153 38.27 -12.16 8.94
CA MET B 153 37.96 -13.54 8.56
C MET B 153 36.89 -14.05 9.49
N ASP B 154 35.70 -13.54 9.26
CA ASP B 154 34.50 -13.80 10.06
C ASP B 154 33.68 -14.84 9.36
N GLY B 155 33.08 -15.75 10.11
CA GLY B 155 32.02 -16.56 9.52
C GLY B 155 32.45 -17.78 8.71
N ASN B 156 33.57 -18.37 9.09
CA ASN B 156 34.03 -19.54 8.43
C ASN B 156 33.56 -20.81 9.09
N CYS B 157 32.90 -20.69 10.24
CA CYS B 157 32.35 -21.92 10.89
C CYS B 157 31.25 -21.54 11.83
N TYR B 158 30.02 -21.50 11.32
CA TYR B 158 28.84 -21.23 12.11
C TYR B 158 27.63 -21.79 11.39
N TYR B 159 26.42 -21.48 11.88
CA TYR B 159 25.24 -22.23 11.37
C TYR B 159 24.96 -22.07 9.86
N LYS B 160 25.26 -20.89 9.29
CA LYS B 160 25.12 -20.67 7.85
C LYS B 160 26.29 -21.19 6.99
N ASN B 161 27.35 -21.68 7.63
CA ASN B 161 28.55 -22.13 6.91
C ASN B 161 29.29 -23.09 7.82
N PRO B 162 28.70 -24.28 8.06
CA PRO B 162 29.23 -25.14 9.11
C PRO B 162 30.51 -25.85 8.71
N CYS B 163 31.31 -26.27 9.70
CA CYS B 163 32.55 -26.94 9.43
C CYS B 163 32.88 -28.17 10.28
N GLY B 164 32.14 -28.42 11.36
CA GLY B 164 32.36 -29.59 12.23
C GLY B 164 33.52 -29.53 13.23
N ARG B 165 34.18 -28.38 13.34
CA ARG B 165 35.28 -28.23 14.27
C ARG B 165 35.56 -26.71 14.51
N ALA B 166 36.54 -26.36 15.33
CA ALA B 166 36.91 -24.95 15.51
C ALA B 166 37.89 -24.52 14.42
N LEU B 167 37.78 -23.26 13.97
CA LEU B 167 38.88 -22.61 13.28
C LEU B 167 40.13 -22.78 14.14
N GLU B 168 41.24 -23.08 13.51
CA GLU B 168 42.48 -23.26 14.22
C GLU B 168 43.51 -22.24 13.78
N VAL B 169 43.82 -21.32 14.67
CA VAL B 169 44.84 -20.32 14.43
C VAL B 169 45.97 -20.73 15.35
N ALA B 170 47.05 -21.24 14.76
CA ALA B 170 48.17 -21.77 15.52
C ALA B 170 48.75 -20.69 16.43
N PRO B 171 49.27 -21.06 17.62
CA PRO B 171 49.98 -20.08 18.46
C PRO B 171 51.06 -19.25 17.72
N GLY B 172 51.04 -17.92 17.82
CA GLY B 172 51.98 -17.09 17.09
C GLY B 172 51.84 -17.04 15.56
N ALA B 173 50.75 -17.62 15.02
CA ALA B 173 50.57 -17.70 13.55
C ALA B 173 50.69 -16.39 12.81
N LEU B 174 50.27 -15.32 13.49
CA LEU B 174 50.13 -14.02 12.92
C LEU B 174 51.21 -13.07 13.38
N LEU B 175 52.19 -13.55 14.13
CA LEU B 175 53.26 -12.67 14.63
C LEU B 175 54.09 -12.00 13.54
N GLY B 176 54.17 -12.58 12.35
CA GLY B 176 54.85 -11.94 11.22
C GLY B 176 54.14 -10.72 10.66
N LEU B 177 52.88 -10.54 11.07
CA LEU B 177 52.08 -9.40 10.59
C LEU B 177 52.34 -8.22 11.53
N GLY B 178 53.57 -7.63 11.42
CA GLY B 178 54.00 -6.58 12.36
C GLY B 178 53.30 -5.24 12.31
N ASN B 179 52.48 -5.04 11.28
CA ASN B 179 51.70 -3.88 11.18
C ASN B 179 50.19 -4.11 11.46
N LEU B 180 49.82 -5.31 11.85
CA LEU B 180 48.37 -5.60 11.94
C LEU B 180 47.72 -4.80 13.06
N THR B 181 46.72 -3.99 12.72
CA THR B 181 45.91 -3.22 13.68
C THR B 181 44.48 -3.70 13.89
N HIS B 182 43.92 -4.35 12.91
CA HIS B 182 42.52 -4.79 13.01
C HIS B 182 42.44 -6.28 12.69
N LEU B 183 41.88 -7.05 13.61
CA LEU B 183 41.70 -8.48 13.45
C LEU B 183 40.23 -8.81 13.84
N SER B 184 39.53 -9.46 12.94
CA SER B 184 38.17 -9.86 13.25
C SER B 184 38.04 -11.32 12.91
N LEU B 185 37.63 -12.09 13.91
CA LEU B 185 37.50 -13.55 13.78
C LEU B 185 36.14 -13.97 14.43
N LYS B 186 35.09 -13.30 14.07
CA LYS B 186 33.71 -13.60 14.55
C LYS B 186 33.20 -14.88 13.91
N TYR B 187 32.25 -15.55 14.56
CA TYR B 187 31.50 -16.65 13.91
C TYR B 187 32.39 -17.77 13.33
N ASN B 188 33.33 -18.23 14.15
CA ASN B 188 34.31 -19.22 13.73
C ASN B 188 34.38 -20.43 14.64
N ASN B 189 33.40 -20.54 15.52
CA ASN B 189 33.29 -21.69 16.39
C ASN B 189 34.56 -21.86 17.31
N LEU B 190 35.25 -20.74 17.64
CA LEU B 190 36.37 -20.76 18.56
C LEU B 190 35.91 -21.04 20.00
N THR B 191 36.73 -21.77 20.74
CA THR B 191 36.49 -21.92 22.16
C THR B 191 37.57 -21.24 23.00
N THR B 192 38.67 -20.77 22.39
CA THR B 192 39.74 -20.06 23.11
C THR B 192 40.25 -18.95 22.21
N VAL B 193 40.83 -17.92 22.80
CA VAL B 193 41.48 -16.88 22.04
C VAL B 193 42.81 -17.45 21.49
N PRO B 194 43.06 -17.29 20.19
CA PRO B 194 44.35 -17.67 19.63
C PRO B 194 45.51 -17.08 20.44
N ARG B 195 46.58 -17.87 20.61
CA ARG B 195 47.73 -17.47 21.45
C ARG B 195 48.71 -16.54 20.72
N SER B 196 49.33 -15.63 21.46
CA SER B 196 50.40 -14.77 20.94
C SER B 196 50.02 -14.06 19.64
N LEU B 197 49.00 -13.21 19.72
CA LEU B 197 48.55 -12.40 18.61
C LEU B 197 49.50 -11.18 18.46
N PRO B 198 49.48 -10.54 17.29
CA PRO B 198 50.33 -9.36 17.12
C PRO B 198 50.14 -8.26 18.16
N PRO B 199 51.22 -7.82 18.85
CA PRO B 199 51.05 -6.73 19.84
C PRO B 199 50.69 -5.36 19.26
N SER B 200 50.75 -5.23 17.94
CA SER B 200 50.28 -4.03 17.23
C SER B 200 48.77 -3.91 17.21
N LEU B 201 48.08 -4.97 17.54
CA LEU B 201 46.61 -4.86 17.42
C LEU B 201 45.99 -3.68 18.17
N GLU B 202 45.05 -3.01 17.50
CA GLU B 202 44.23 -2.00 18.08
C GLU B 202 42.76 -2.45 18.18
N TYR B 203 42.34 -3.34 17.28
CA TYR B 203 40.95 -3.77 17.26
C TYR B 203 40.92 -5.26 17.15
N LEU B 204 40.31 -5.92 18.14
CA LEU B 204 40.21 -7.37 18.14
C LEU B 204 38.75 -7.77 18.38
N LEU B 205 38.16 -8.45 17.39
CA LEU B 205 36.73 -8.73 17.38
C LEU B 205 36.60 -10.25 17.31
N LEU B 206 36.08 -10.77 18.41
CA LEU B 206 35.96 -12.20 18.66
C LEU B 206 34.55 -12.63 19.00
N SER B 207 33.59 -11.81 18.63
CA SER B 207 32.22 -12.10 18.99
C SER B 207 31.62 -13.30 18.28
N TYR B 208 30.58 -13.82 18.93
CA TYR B 208 29.79 -14.91 18.38
C TYR B 208 30.62 -16.15 18.04
N ASN B 209 31.57 -16.45 18.89
CA ASN B 209 32.18 -17.73 18.91
C ASN B 209 31.57 -18.49 20.10
N HIS B 210 32.33 -19.39 20.72
CA HIS B 210 32.01 -20.00 22.03
C HIS B 210 33.15 -19.88 23.05
N ILE B 211 33.68 -18.64 23.12
CA ILE B 211 34.72 -18.32 24.08
C ILE B 211 34.06 -17.92 25.37
N VAL B 212 33.94 -18.89 26.26
CA VAL B 212 33.11 -18.73 27.43
C VAL B 212 33.94 -18.44 28.72
N THR B 213 35.29 -18.52 28.62
CA THR B 213 36.22 -18.26 29.71
C THR B 213 37.22 -17.24 29.14
N LEU B 214 37.54 -16.22 29.93
CA LEU B 214 38.50 -15.22 29.51
C LEU B 214 39.34 -14.77 30.72
N ALA B 215 40.64 -14.70 30.49
CA ALA B 215 41.66 -14.40 31.46
C ALA B 215 42.68 -13.46 30.87
N PRO B 216 43.46 -12.77 31.74
CA PRO B 216 44.44 -11.81 31.22
C PRO B 216 45.43 -12.44 30.26
N GLU B 217 45.79 -13.72 30.50
CA GLU B 217 46.65 -14.46 29.57
C GLU B 217 46.12 -14.64 28.15
N ASP B 218 44.79 -14.58 27.99
CA ASP B 218 44.16 -14.70 26.69
C ASP B 218 44.32 -13.42 25.88
N LEU B 219 44.78 -12.34 26.53
CA LEU B 219 45.02 -11.00 25.95
C LEU B 219 46.47 -10.54 26.13
N ALA B 220 47.37 -11.52 26.24
CA ALA B 220 48.81 -11.29 26.52
C ALA B 220 49.43 -10.35 25.53
N ASN B 221 50.04 -9.29 26.07
CA ASN B 221 50.81 -8.37 25.27
C ASN B 221 49.98 -7.46 24.37
N LEU B 222 48.66 -7.49 24.51
CA LEU B 222 47.84 -6.68 23.58
C LEU B 222 47.52 -5.33 24.18
N THR B 223 48.57 -4.59 24.57
CA THR B 223 48.39 -3.39 25.30
C THR B 223 48.06 -2.20 24.40
N ALA B 224 48.12 -2.39 23.09
CA ALA B 224 47.71 -1.36 22.12
C ALA B 224 46.21 -1.39 21.82
N LEU B 225 45.46 -2.34 22.39
CA LEU B 225 44.03 -2.42 22.06
C LEU B 225 43.27 -1.18 22.42
N ARG B 226 42.53 -0.69 21.41
CA ARG B 226 41.53 0.37 21.53
C ARG B 226 40.10 -0.18 21.61
N VAL B 227 39.81 -1.26 20.91
CA VAL B 227 38.49 -1.86 20.97
C VAL B 227 38.65 -3.39 21.10
N LEU B 228 37.87 -3.96 22.02
CA LEU B 228 37.83 -5.39 22.23
C LEU B 228 36.33 -5.77 22.23
N ASP B 229 35.95 -6.69 21.34
CA ASP B 229 34.58 -7.22 21.27
C ASP B 229 34.64 -8.71 21.52
N VAL B 230 34.12 -9.07 22.68
CA VAL B 230 33.95 -10.50 23.01
C VAL B 230 32.50 -10.89 23.25
N GLY B 231 31.58 -10.06 22.77
CA GLY B 231 30.14 -10.30 22.92
C GLY B 231 29.59 -11.55 22.21
N GLY B 232 28.41 -12.01 22.63
CA GLY B 232 27.74 -13.11 21.89
C GLY B 232 28.40 -14.49 22.02
N ASN B 233 29.30 -14.66 22.96
CA ASN B 233 30.00 -15.96 23.17
C ASN B 233 29.27 -16.91 24.18
N CYS B 234 28.44 -16.33 25.00
CA CYS B 234 27.68 -17.05 26.00
C CYS B 234 26.28 -16.47 25.97
N ARG B 235 25.51 -16.91 24.98
CA ARG B 235 24.27 -16.22 24.65
C ARG B 235 23.05 -16.52 25.48
N ARG B 236 22.15 -15.54 25.54
CA ARG B 236 20.84 -15.82 26.09
C ARG B 236 19.91 -16.17 24.90
N CYS B 237 19.59 -17.45 24.78
CA CYS B 237 18.90 -17.88 23.58
C CYS B 237 17.41 -17.53 23.54
N ASP B 238 16.85 -17.15 24.69
CA ASP B 238 15.47 -16.67 24.74
C ASP B 238 15.30 -15.43 23.88
N HIS B 239 16.37 -14.64 23.81
CA HIS B 239 16.35 -13.40 23.03
C HIS B 239 16.79 -13.56 21.57
N ALA B 240 17.32 -14.72 21.20
CA ALA B 240 17.88 -14.88 19.88
C ALA B 240 16.86 -14.86 18.78
N ARG B 241 17.23 -14.23 17.69
CA ARG B 241 16.39 -14.30 16.49
C ARG B 241 16.85 -15.39 15.55
N ASN B 242 18.02 -15.99 15.82
CA ASN B 242 18.65 -16.96 14.97
C ASN B 242 18.95 -18.23 15.79
N PRO B 243 19.43 -19.28 15.09
CA PRO B 243 19.85 -20.48 15.82
C PRO B 243 20.86 -20.13 16.90
N CYS B 244 20.70 -20.76 18.05
CA CYS B 244 21.43 -20.32 19.22
C CYS B 244 21.78 -21.55 20.06
N VAL B 245 23.06 -21.64 20.41
CA VAL B 245 23.63 -22.72 21.24
C VAL B 245 23.52 -22.29 22.70
N GLU B 246 22.91 -23.12 23.52
CA GLU B 246 22.82 -22.90 24.96
C GLU B 246 24.22 -22.78 25.61
N CYS B 247 24.32 -21.84 26.53
CA CYS B 247 25.59 -21.60 27.25
C CYS B 247 25.41 -22.06 28.66
N PRO B 248 26.16 -23.10 29.08
CA PRO B 248 25.88 -23.68 30.41
C PRO B 248 26.01 -22.68 31.54
N HIS B 249 25.26 -22.89 32.64
CA HIS B 249 25.08 -21.86 33.66
C HIS B 249 26.34 -21.52 34.47
N LYS B 250 27.38 -22.36 34.38
CA LYS B 250 28.66 -22.04 35.03
C LYS B 250 29.43 -20.94 34.32
N PHE B 251 28.96 -20.53 33.14
CA PHE B 251 29.63 -19.57 32.29
C PHE B 251 28.80 -18.25 32.21
N PRO B 252 29.44 -17.13 31.87
CA PRO B 252 30.85 -17.03 31.50
C PRO B 252 31.75 -16.99 32.75
N GLN B 253 33.04 -17.24 32.54
CA GLN B 253 34.03 -17.15 33.55
C GLN B 253 35.03 -16.09 33.11
N LEU B 254 34.89 -14.93 33.71
CA LEU B 254 35.84 -13.82 33.50
C LEU B 254 36.72 -13.63 34.74
N HIS B 255 38.02 -13.60 34.57
CA HIS B 255 38.89 -13.16 35.65
C HIS B 255 38.65 -11.66 35.95
N SER B 256 38.70 -11.30 37.22
N SER B 256 38.71 -11.31 37.22
CA SER B 256 38.54 -9.92 37.62
CA SER B 256 38.52 -9.93 37.64
C SER B 256 39.50 -8.96 36.90
C SER B 256 39.55 -8.93 37.06
N ASP B 257 40.72 -9.43 36.65
CA ASP B 257 41.80 -8.60 36.07
C ASP B 257 42.01 -8.86 34.57
N THR B 258 41.05 -9.51 33.90
CA THR B 258 41.14 -9.82 32.49
C THR B 258 41.58 -8.64 31.63
N PHE B 259 40.99 -7.48 31.92
CA PHE B 259 41.10 -6.31 31.06
C PHE B 259 42.08 -5.27 31.61
N SER B 260 42.65 -5.53 32.78
CA SER B 260 43.30 -4.47 33.62
C SER B 260 44.57 -3.88 32.96
N HIS B 261 45.13 -4.62 32.00
CA HIS B 261 46.37 -4.19 31.32
C HIS B 261 46.09 -3.42 30.02
N LEU B 262 44.80 -3.27 29.68
CA LEU B 262 44.44 -2.67 28.41
C LEU B 262 44.26 -1.16 28.62
N SER B 263 45.38 -0.47 28.93
CA SER B 263 45.25 0.87 29.41
C SER B 263 44.68 1.84 28.38
N ARG B 264 44.85 1.51 27.11
CA ARG B 264 44.41 2.31 25.98
C ARG B 264 42.96 2.03 25.53
N LEU B 265 42.30 1.08 26.17
CA LEU B 265 40.99 0.62 25.67
C LEU B 265 39.96 1.76 25.68
N GLU B 266 39.33 1.95 24.55
CA GLU B 266 38.28 2.95 24.35
C GLU B 266 36.90 2.33 24.26
N GLY B 267 36.82 1.11 23.75
CA GLY B 267 35.52 0.48 23.58
C GLY B 267 35.59 -0.99 23.96
N LEU B 268 34.60 -1.43 24.74
CA LEU B 268 34.51 -2.80 25.22
C LEU B 268 33.09 -3.31 25.00
N VAL B 269 32.98 -4.44 24.32
CA VAL B 269 31.68 -5.06 24.01
C VAL B 269 31.58 -6.38 24.74
N LEU B 270 30.63 -6.41 25.69
CA LEU B 270 30.33 -7.57 26.54
C LEU B 270 28.84 -7.93 26.38
N LYS B 271 28.26 -7.56 25.25
CA LYS B 271 26.84 -7.86 25.04
C LYS B 271 26.61 -9.37 24.93
N ASP B 272 25.39 -9.78 25.22
CA ASP B 272 24.90 -11.14 24.98
C ASP B 272 25.91 -12.16 25.50
N SER B 273 26.23 -11.99 26.78
CA SER B 273 27.18 -12.81 27.51
C SER B 273 26.62 -13.49 28.73
N SER B 274 25.28 -13.46 28.88
CA SER B 274 24.63 -14.03 30.07
C SER B 274 25.12 -13.53 31.41
N LEU B 275 25.52 -12.26 31.47
CA LEU B 275 25.96 -11.69 32.71
C LEU B 275 24.84 -11.35 33.68
N TYR B 276 24.97 -11.87 34.91
CA TYR B 276 24.08 -11.55 35.99
C TYR B 276 24.77 -10.59 36.96
N GLN B 277 26.06 -10.36 36.77
CA GLN B 277 26.89 -9.59 37.72
C GLN B 277 27.85 -8.74 36.93
N LEU B 278 28.20 -7.59 37.47
CA LEU B 278 29.26 -6.72 36.95
C LEU B 278 30.29 -6.70 38.06
N ASN B 279 31.52 -7.00 37.75
CA ASN B 279 32.57 -6.93 38.72
C ASN B 279 33.26 -5.55 38.46
N PRO B 280 33.19 -4.64 39.44
CA PRO B 280 33.77 -3.31 39.23
C PRO B 280 35.22 -3.42 38.82
N ARG B 281 35.87 -4.52 39.19
CA ARG B 281 37.30 -4.64 38.84
C ARG B 281 37.52 -4.76 37.35
N TRP B 282 36.51 -5.21 36.59
CA TRP B 282 36.67 -5.31 35.16
C TRP B 282 36.99 -3.93 34.52
N PHE B 283 36.50 -2.83 35.13
CA PHE B 283 36.54 -1.50 34.49
C PHE B 283 37.54 -0.57 35.16
N ARG B 284 38.13 -1.03 36.24
CA ARG B 284 38.94 -0.15 37.07
C ARG B 284 40.26 0.35 36.45
N GLY B 285 40.96 -0.49 35.67
CA GLY B 285 42.17 0.02 34.95
C GLY B 285 41.90 0.76 33.62
N LEU B 286 40.63 0.99 33.27
CA LEU B 286 40.26 1.39 31.91
C LEU B 286 39.91 2.91 31.83
N GLY B 287 40.96 3.72 32.01
CA GLY B 287 40.83 5.17 32.13
C GLY B 287 40.47 5.87 30.85
N ASN B 288 40.65 5.21 29.71
CA ASN B 288 40.34 5.76 28.41
C ASN B 288 39.00 5.21 27.87
N LEU B 289 38.32 4.40 28.68
CA LEU B 289 37.11 3.81 28.15
C LEU B 289 36.00 4.80 27.94
N THR B 290 35.51 4.87 26.70
CA THR B 290 34.41 5.78 26.35
C THR B 290 33.12 5.09 25.92
N VAL B 291 33.19 3.83 25.47
CA VAL B 291 32.01 3.11 24.98
C VAL B 291 31.96 1.72 25.61
N LEU B 292 30.84 1.41 26.24
CA LEU B 292 30.70 0.13 26.92
C LEU B 292 29.33 -0.44 26.57
N ASP B 293 29.34 -1.65 25.98
CA ASP B 293 28.09 -2.32 25.52
C ASP B 293 27.87 -3.54 26.43
N LEU B 294 26.81 -3.46 27.23
CA LEU B 294 26.41 -4.54 28.18
C LEU B 294 25.00 -5.03 27.86
N SER B 295 24.60 -4.82 26.63
CA SER B 295 23.20 -5.12 26.19
C SER B 295 23.03 -6.62 26.17
N GLU B 296 21.78 -7.02 26.27
CA GLU B 296 21.32 -8.39 26.07
C GLU B 296 21.92 -9.34 27.15
N ASN B 297 22.19 -8.83 28.33
CA ASN B 297 22.58 -9.64 29.49
C ASN B 297 21.39 -9.83 30.46
N PHE B 298 21.66 -10.24 31.68
CA PHE B 298 20.66 -10.42 32.69
C PHE B 298 20.85 -9.43 33.82
N LEU B 299 21.12 -8.18 33.47
CA LEU B 299 21.58 -7.18 34.48
C LEU B 299 20.48 -6.34 35.16
N TYR B 300 19.25 -6.76 35.02
CA TYR B 300 18.09 -6.00 35.51
C TYR B 300 18.17 -5.68 37.01
N ASP B 301 18.61 -6.61 37.85
CA ASP B 301 18.68 -6.33 39.27
C ASP B 301 19.99 -5.62 39.51
N CYS B 302 21.04 -6.03 38.79
CA CYS B 302 22.37 -5.49 38.94
C CYS B 302 22.41 -3.98 38.79
N ILE B 303 21.68 -3.47 37.81
CA ILE B 303 21.67 -2.00 37.56
C ILE B 303 21.03 -1.16 38.67
N THR B 304 20.28 -1.78 39.57
CA THR B 304 19.67 -1.08 40.69
C THR B 304 20.64 -0.85 41.86
N LYS B 305 21.76 -1.57 41.89
CA LYS B 305 22.68 -1.59 43.05
C LYS B 305 24.17 -1.45 42.72
N THR B 306 24.57 -1.75 41.48
CA THR B 306 25.96 -1.88 41.17
C THR B 306 26.81 -0.65 41.49
N LYS B 307 28.03 -0.91 41.96
CA LYS B 307 29.02 0.17 42.12
C LYS B 307 29.99 0.20 40.96
N ALA B 308 29.76 -0.63 39.93
CA ALA B 308 30.72 -0.81 38.85
C ALA B 308 30.98 0.46 38.01
N PHE B 309 30.07 1.43 38.09
CA PHE B 309 30.20 2.69 37.33
C PHE B 309 30.87 3.76 38.15
N GLN B 310 31.18 3.44 39.40
CA GLN B 310 31.90 4.39 40.26
C GLN B 310 33.16 4.86 39.56
N GLY B 311 33.34 6.17 39.48
CA GLY B 311 34.56 6.73 38.90
C GLY B 311 34.82 6.63 37.40
N LEU B 312 33.96 5.94 36.63
CA LEU B 312 34.08 5.86 35.17
C LEU B 312 33.61 7.23 34.63
N ALA B 313 34.29 8.28 35.06
CA ALA B 313 33.92 9.67 34.78
C ALA B 313 34.24 10.09 33.32
N GLN B 314 34.89 9.22 32.58
CA GLN B 314 35.16 9.39 31.11
C GLN B 314 34.26 8.63 30.13
N LEU B 315 33.45 7.69 30.63
CA LEU B 315 32.57 6.96 29.78
C LEU B 315 31.55 7.88 29.09
N ARG B 316 31.40 7.73 27.77
CA ARG B 316 30.49 8.55 26.95
C ARG B 316 29.21 7.85 26.49
N ARG B 317 29.26 6.56 26.26
CA ARG B 317 28.10 5.82 25.74
C ARG B 317 28.02 4.51 26.52
N LEU B 318 26.82 4.23 27.03
CA LEU B 318 26.58 3.00 27.80
C LEU B 318 25.28 2.34 27.30
N ASN B 319 25.39 1.08 26.87
CA ASN B 319 24.25 0.34 26.32
C ASN B 319 23.87 -0.72 27.30
N LEU B 320 22.70 -0.58 27.91
CA LEU B 320 22.13 -1.60 28.82
C LEU B 320 20.84 -2.21 28.26
N SER B 321 20.64 -2.05 26.94
CA SER B 321 19.37 -2.54 26.34
C SER B 321 19.19 -4.03 26.44
N PHE B 322 17.93 -4.38 26.52
CA PHE B 322 17.50 -5.80 26.53
C PHE B 322 18.17 -6.58 27.66
N ASN B 323 18.35 -5.94 28.80
CA ASN B 323 18.64 -6.62 30.09
C ASN B 323 17.32 -6.89 30.82
N TYR B 324 16.52 -7.78 30.21
CA TYR B 324 15.17 -8.07 30.71
C TYR B 324 15.14 -9.41 31.38
N HIS B 325 14.16 -9.52 32.27
CA HIS B 325 13.89 -10.72 33.04
C HIS B 325 13.04 -11.60 32.18
N LYS B 326 13.32 -12.90 32.16
CA LYS B 326 12.65 -13.75 31.21
C LYS B 326 11.13 -13.60 31.36
N LYS B 327 10.67 -13.78 32.60
CA LYS B 327 9.25 -13.96 32.88
C LYS B 327 8.47 -12.64 33.04
N VAL B 328 9.13 -11.58 33.50
CA VAL B 328 8.40 -10.45 34.05
C VAL B 328 8.76 -9.04 33.57
N SER B 329 7.88 -8.10 33.91
CA SER B 329 8.24 -6.68 33.92
C SER B 329 8.30 -6.24 35.37
N PHE B 330 9.06 -5.20 35.61
CA PHE B 330 9.18 -4.66 36.94
C PHE B 330 8.17 -3.56 37.18
N ALA B 331 7.65 -3.49 38.41
CA ALA B 331 6.68 -2.45 38.76
C ALA B 331 7.39 -1.12 38.67
N HIS B 332 8.59 -1.13 39.20
CA HIS B 332 9.39 0.04 39.40
C HIS B 332 10.79 -0.37 39.00
N LEU B 333 11.62 0.61 38.74
CA LEU B 333 13.02 0.38 38.47
C LEU B 333 13.69 1.60 39.04
N THR B 334 14.77 1.39 39.76
CA THR B 334 15.54 2.52 40.32
C THR B 334 17.01 2.30 39.96
N LEU B 335 17.62 3.21 39.20
CA LEU B 335 19.01 3.10 38.87
C LEU B 335 19.92 3.30 40.10
N ALA B 336 21.04 2.58 40.09
CA ALA B 336 22.01 2.59 41.16
C ALA B 336 22.60 4.00 41.34
N PRO B 337 22.92 4.35 42.59
CA PRO B 337 23.57 5.68 42.79
C PRO B 337 24.82 5.87 41.96
N SER B 338 25.57 4.80 41.67
CA SER B 338 26.85 4.92 40.94
C SER B 338 26.71 5.51 39.51
N PHE B 339 25.50 5.47 38.94
CA PHE B 339 25.30 6.11 37.64
C PHE B 339 25.57 7.61 37.72
N GLY B 340 25.42 8.17 38.89
CA GLY B 340 25.70 9.62 39.09
C GLY B 340 27.15 10.03 38.96
N SER B 341 28.07 9.07 38.94
N SER B 341 28.04 9.04 39.00
CA SER B 341 29.48 9.31 38.68
CA SER B 341 29.47 9.16 38.72
C SER B 341 29.87 9.34 37.21
C SER B 341 29.83 9.40 37.25
N LEU B 342 28.91 9.11 36.32
CA LEU B 342 29.21 9.04 34.87
C LEU B 342 29.13 10.46 34.30
N LEU B 343 30.06 11.30 34.75
CA LEU B 343 29.98 12.71 34.43
C LEU B 343 30.15 13.06 32.94
N SER B 344 30.79 12.18 32.18
CA SER B 344 30.98 12.36 30.73
C SER B 344 29.88 11.75 29.87
N LEU B 345 28.90 11.09 30.50
CA LEU B 345 27.94 10.28 29.75
C LEU B 345 27.12 11.16 28.83
N GLN B 346 27.13 10.80 27.53
CA GLN B 346 26.35 11.50 26.50
C GLN B 346 25.14 10.70 26.05
N GLU B 347 25.23 9.38 26.14
CA GLU B 347 24.16 8.53 25.63
C GLU B 347 23.99 7.36 26.55
N LEU B 348 22.74 7.06 26.91
CA LEU B 348 22.37 5.87 27.66
C LEU B 348 21.25 5.14 27.04
N ASP B 349 21.45 3.86 26.72
CA ASP B 349 20.43 3.06 26.07
C ASP B 349 19.90 2.12 27.09
N MET B 350 18.63 2.29 27.46
CA MET B 350 17.96 1.46 28.46
C MET B 350 16.66 0.86 27.84
N HIS B 351 16.65 0.64 26.55
CA HIS B 351 15.44 0.14 25.91
C HIS B 351 15.35 -1.36 26.10
N GLY B 352 14.12 -1.85 26.13
CA GLY B 352 13.93 -3.30 26.21
C GLY B 352 14.25 -3.98 27.53
N ILE B 353 14.19 -3.24 28.63
CA ILE B 353 14.35 -3.79 29.98
C ILE B 353 13.04 -4.28 30.60
N PHE B 354 11.97 -3.50 30.41
CA PHE B 354 10.58 -3.84 30.75
C PHE B 354 10.29 -3.45 32.19
N PHE B 355 9.73 -2.25 32.35
CA PHE B 355 9.34 -1.74 33.65
C PHE B 355 8.18 -0.80 33.46
N ARG B 356 7.23 -0.85 34.38
CA ARG B 356 5.91 -0.30 34.15
C ARG B 356 5.77 1.20 34.45
N SER B 357 6.61 1.72 35.31
CA SER B 357 6.52 3.12 35.77
C SER B 357 7.84 3.84 35.63
N LEU B 358 7.76 5.05 35.07
CA LEU B 358 8.88 5.99 34.95
C LEU B 358 8.58 7.20 35.84
N SER B 359 9.29 7.32 36.94
CA SER B 359 9.03 8.36 37.93
C SER B 359 10.34 9.04 38.28
N GLN B 360 10.27 10.03 39.20
CA GLN B 360 11.46 10.81 39.60
C GLN B 360 12.55 9.91 40.16
N LYS B 361 12.18 8.88 40.92
CA LYS B 361 13.18 7.99 41.50
C LYS B 361 13.91 7.18 40.44
N THR B 362 13.20 6.82 39.35
CA THR B 362 13.70 5.88 38.33
C THR B 362 15.07 6.27 37.82
N LEU B 363 15.17 7.51 37.37
CA LEU B 363 16.37 8.00 36.73
C LEU B 363 17.10 9.10 37.54
N GLN B 364 16.75 9.23 38.82
CA GLN B 364 17.32 10.32 39.63
C GLN B 364 18.84 10.40 39.51
N PRO B 365 19.58 9.28 39.50
CA PRO B 365 21.05 9.50 39.41
C PRO B 365 21.56 10.15 38.11
N LEU B 366 20.73 10.18 37.07
CA LEU B 366 21.12 10.74 35.76
C LEU B 366 20.80 12.23 35.64
N ALA B 367 20.03 12.70 36.62
CA ALA B 367 19.26 13.96 36.48
C ALA B 367 20.14 15.16 36.46
N ARG B 368 21.37 15.02 36.98
CA ARG B 368 22.34 16.14 36.93
C ARG B 368 23.55 15.90 36.05
N LEU B 369 23.63 14.77 35.37
CA LEU B 369 24.79 14.50 34.51
C LEU B 369 24.82 15.57 33.42
N PRO B 370 25.91 16.35 33.34
CA PRO B 370 25.83 17.60 32.58
C PRO B 370 25.82 17.44 31.06
N MET B 371 26.32 16.29 30.57
CA MET B 371 26.55 16.05 29.12
C MET B 371 25.57 14.99 28.53
N LEU B 372 24.60 14.55 29.31
CA LEU B 372 23.68 13.48 28.88
C LEU B 372 22.70 14.04 27.84
N GLN B 373 22.89 13.64 26.57
CA GLN B 373 22.17 14.19 25.39
C GLN B 373 21.07 13.27 24.85
N ARG B 374 21.27 11.94 24.90
CA ARG B 374 20.39 11.00 24.28
C ARG B 374 20.02 9.92 25.25
N LEU B 375 18.73 9.68 25.38
N LEU B 375 18.72 9.75 25.46
CA LEU B 375 18.24 8.70 26.34
CA LEU B 375 18.18 8.70 26.33
C LEU B 375 17.16 7.82 25.70
C LEU B 375 17.25 7.84 25.50
N TYR B 376 17.50 6.54 25.53
CA TYR B 376 16.70 5.57 24.80
C TYR B 376 15.91 4.71 25.80
N LEU B 377 14.59 4.92 25.86
CA LEU B 377 13.69 4.24 26.83
C LEU B 377 12.55 3.49 26.10
N GLN B 378 12.74 3.23 24.83
CA GLN B 378 11.72 2.58 24.00
C GLN B 378 11.49 1.11 24.40
N MET B 379 10.32 0.55 24.08
CA MET B 379 10.10 -0.88 24.21
C MET B 379 10.24 -1.36 25.62
N ASN B 380 9.72 -0.59 26.57
CA ASN B 380 9.77 -0.90 27.97
C ASN B 380 8.46 -1.22 28.65
N PHE B 381 7.38 -1.26 27.88
CA PHE B 381 6.05 -1.52 28.43
C PHE B 381 5.68 -0.58 29.57
N ILE B 382 6.20 0.67 29.50
CA ILE B 382 5.91 1.69 30.49
C ILE B 382 4.45 2.14 30.35
N ASN B 383 3.69 2.07 31.42
N ASN B 383 3.72 2.05 31.45
CA ASN B 383 2.29 2.52 31.32
CA ASN B 383 2.29 2.46 31.51
C ASN B 383 1.98 3.78 32.15
C ASN B 383 2.12 3.88 32.01
N GLN B 384 2.92 4.20 33.01
CA GLN B 384 2.88 5.50 33.71
C GLN B 384 4.21 6.19 33.55
N ALA B 385 4.18 7.42 33.05
CA ALA B 385 5.39 8.18 32.85
C ALA B 385 5.16 9.63 33.27
N GLN B 386 5.92 10.09 34.25
CA GLN B 386 5.96 11.53 34.62
C GLN B 386 6.99 12.24 33.77
N LEU B 387 6.55 12.83 32.67
CA LEU B 387 7.48 13.43 31.72
C LEU B 387 8.13 14.68 32.31
N GLY B 388 7.54 15.24 33.37
CA GLY B 388 8.16 16.34 34.08
C GLY B 388 9.53 16.09 34.67
N ILE B 389 9.89 14.81 34.87
CA ILE B 389 11.21 14.47 35.37
C ILE B 389 12.33 15.03 34.51
N PHE B 390 12.06 15.25 33.23
CA PHE B 390 13.10 15.67 32.31
C PHE B 390 13.35 17.15 32.29
N LYS B 391 12.48 17.92 32.93
CA LYS B 391 12.56 19.37 32.77
C LYS B 391 13.96 19.88 33.07
N ASP B 392 14.52 19.43 34.19
CA ASP B 392 15.80 19.94 34.67
C ASP B 392 17.04 19.12 34.27
N PHE B 393 16.90 18.06 33.43
CA PHE B 393 18.08 17.37 32.87
C PHE B 393 18.80 18.44 32.05
N PRO B 394 20.07 18.75 32.36
CA PRO B 394 20.67 19.94 31.73
C PRO B 394 21.09 19.83 30.26
N GLY B 395 21.33 18.63 29.77
CA GLY B 395 21.88 18.49 28.43
C GLY B 395 21.07 17.76 27.40
N LEU B 396 19.85 17.40 27.78
CA LEU B 396 19.04 16.47 26.97
C LEU B 396 18.68 17.05 25.62
N ARG B 397 19.01 16.31 24.56
CA ARG B 397 18.59 16.62 23.21
C ARG B 397 17.49 15.69 22.69
N TYR B 398 17.51 14.46 23.17
CA TYR B 398 16.67 13.44 22.51
C TYR B 398 16.24 12.38 23.51
N ILE B 399 14.93 12.17 23.59
CA ILE B 399 14.37 11.12 24.41
C ILE B 399 13.53 10.22 23.50
N ASP B 400 13.81 8.93 23.49
CA ASP B 400 13.00 7.97 22.77
C ASP B 400 12.14 7.21 23.76
N LEU B 401 10.86 7.53 23.80
CA LEU B 401 9.94 6.77 24.65
C LEU B 401 8.91 6.01 23.80
N SER B 402 9.28 5.77 22.55
CA SER B 402 8.42 5.01 21.61
C SER B 402 8.19 3.54 22.06
N ASP B 403 7.12 2.98 21.54
CA ASP B 403 6.78 1.59 21.77
C ASP B 403 6.66 1.33 23.27
N ASN B 404 5.81 2.12 23.92
CA ASN B 404 5.47 2.01 25.34
C ASN B 404 3.95 2.06 25.38
N ARG B 405 3.42 2.11 26.60
CA ARG B 405 1.94 2.03 26.81
C ARG B 405 1.46 3.24 27.59
N ILE B 406 2.13 4.37 27.34
CA ILE B 406 1.76 5.68 27.95
C ILE B 406 0.45 6.17 27.31
N SER B 407 -0.49 6.64 28.12
CA SER B 407 -1.80 7.06 27.63
C SER B 407 -2.26 8.43 28.14
N GLY B 408 -1.41 9.08 28.92
CA GLY B 408 -1.71 10.40 29.42
C GLY B 408 -0.84 10.79 30.59
N ALA B 409 -1.31 11.80 31.34
CA ALA B 409 -0.60 12.24 32.51
C ALA B 409 -0.64 11.15 33.58
N VAL B 410 0.35 11.18 34.48
CA VAL B 410 0.37 10.20 35.59
C VAL B 410 -0.94 10.30 36.38
N GLU B 411 -1.46 9.16 36.82
CA GLU B 411 -2.73 9.06 37.60
C GLU B 411 -2.95 10.13 38.68
N SER B 442 11.85 14.30 0.23
CA SER B 442 11.47 13.82 1.56
C SER B 442 11.49 14.96 2.57
N GLU B 443 12.70 15.36 2.98
CA GLU B 443 12.86 16.48 3.92
C GLU B 443 12.43 17.79 3.26
N ASP B 444 12.34 17.79 1.92
CA ASP B 444 11.80 18.93 1.19
C ASP B 444 10.32 19.13 1.59
N PHE B 445 9.62 18.02 1.87
CA PHE B 445 8.21 18.10 2.27
C PHE B 445 7.97 18.04 3.78
N MET B 446 8.85 17.36 4.49
CA MET B 446 8.75 17.32 5.94
C MET B 446 10.14 17.25 6.52
N PRO B 447 10.51 18.24 7.31
CA PRO B 447 11.86 18.21 7.89
C PRO B 447 12.02 17.15 8.97
N SER B 448 13.25 16.73 9.22
CA SER B 448 13.50 15.88 10.36
C SER B 448 13.78 16.75 11.57
N CYS B 449 13.90 16.08 12.71
CA CYS B 449 14.15 16.75 13.99
C CYS B 449 15.60 16.61 14.44
N LYS B 450 16.44 16.08 13.55
CA LYS B 450 17.82 15.74 13.93
C LYS B 450 18.64 16.96 14.33
N ASN B 451 18.37 18.11 13.73
CA ASN B 451 19.14 19.33 14.00
C ASN B 451 18.58 20.19 15.14
N LEU B 452 17.44 19.77 15.71
CA LEU B 452 16.79 20.53 16.75
C LEU B 452 17.34 20.30 18.16
N SER B 453 17.02 21.21 19.06
CA SER B 453 17.64 21.24 20.39
C SER B 453 17.07 20.16 21.30
N PHE B 454 15.78 19.84 21.14
CA PHE B 454 15.14 18.95 22.09
C PHE B 454 13.94 18.25 21.48
N THR B 455 14.02 16.93 21.42
CA THR B 455 13.06 16.10 20.69
C THR B 455 12.61 14.96 21.62
N LEU B 456 11.30 14.75 21.68
CA LEU B 456 10.69 13.64 22.41
C LEU B 456 9.87 12.77 21.42
N ASP B 457 10.18 11.49 21.39
CA ASP B 457 9.48 10.51 20.57
C ASP B 457 8.57 9.71 21.48
N LEU B 458 7.26 9.97 21.35
CA LEU B 458 6.23 9.24 22.08
C LEU B 458 5.38 8.47 21.08
N SER B 459 5.97 8.13 19.94
N SER B 459 5.96 8.14 19.93
CA SER B 459 5.25 7.35 18.91
CA SER B 459 5.23 7.33 18.93
C SER B 459 5.05 5.92 19.34
C SER B 459 4.91 5.97 19.49
N ARG B 460 3.99 5.31 18.84
CA ARG B 460 3.70 3.91 19.18
C ARG B 460 3.43 3.77 20.68
N ASN B 461 2.62 4.67 21.22
CA ASN B 461 2.10 4.63 22.57
C ASN B 461 0.57 4.54 22.49
N ASN B 462 -0.09 4.71 23.63
CA ASN B 462 -1.51 4.39 23.76
C ASN B 462 -2.36 5.60 24.01
N LEU B 463 -1.96 6.73 23.46
CA LEU B 463 -2.76 7.93 23.66
C LEU B 463 -4.02 7.84 22.80
N VAL B 464 -5.17 8.16 23.40
CA VAL B 464 -6.43 8.32 22.68
C VAL B 464 -6.93 9.75 22.63
N THR B 465 -6.52 10.52 23.62
CA THR B 465 -6.70 11.96 23.57
C THR B 465 -5.37 12.51 24.00
N VAL B 466 -5.18 13.79 23.76
CA VAL B 466 -4.02 14.49 24.24
C VAL B 466 -4.55 15.43 25.28
N GLN B 467 -3.98 15.35 26.48
CA GLN B 467 -4.28 16.28 27.54
C GLN B 467 -3.06 17.15 27.76
N PRO B 468 -3.26 18.46 27.89
CA PRO B 468 -2.09 19.32 28.01
C PRO B 468 -1.26 19.10 29.27
N GLU B 469 -1.89 18.64 30.34
CA GLU B 469 -1.20 18.40 31.61
C GLU B 469 0.02 17.48 31.45
N MET B 470 -0.04 16.50 30.55
CA MET B 470 1.13 15.60 30.37
C MET B 470 2.38 16.31 29.87
N PHE B 471 2.18 17.46 29.22
CA PHE B 471 3.23 18.27 28.62
C PHE B 471 3.57 19.51 29.44
N ALA B 472 3.02 19.65 30.66
CA ALA B 472 3.17 20.92 31.46
C ALA B 472 4.57 21.40 31.65
N GLN B 473 5.50 20.47 31.85
CA GLN B 473 6.92 20.81 32.14
C GLN B 473 7.89 20.65 30.92
N LEU B 474 7.32 20.53 29.73
CA LEU B 474 8.05 20.29 28.48
C LEU B 474 8.06 21.47 27.52
N SER B 475 7.98 22.69 28.09
CA SER B 475 7.94 23.90 27.25
C SER B 475 9.16 24.11 26.35
N ARG B 476 10.30 23.53 26.72
CA ARG B 476 11.53 23.61 25.93
C ARG B 476 11.48 22.75 24.64
N LEU B 477 10.52 21.82 24.59
CA LEU B 477 10.58 20.91 23.47
C LEU B 477 10.48 21.59 22.11
N GLN B 478 11.27 21.15 21.14
CA GLN B 478 11.24 21.68 19.78
C GLN B 478 10.54 20.71 18.84
N CYS B 479 10.64 19.40 19.15
CA CYS B 479 10.03 18.37 18.29
C CYS B 479 9.35 17.33 19.10
N LEU B 480 8.11 17.00 18.71
CA LEU B 480 7.34 15.97 19.42
C LEU B 480 6.74 15.02 18.39
N ARG B 481 7.06 13.74 18.53
CA ARG B 481 6.50 12.71 17.71
C ARG B 481 5.45 11.90 18.46
N LEU B 482 4.24 11.91 17.91
CA LEU B 482 3.10 11.14 18.45
C LEU B 482 2.52 10.22 17.41
N SER B 483 3.31 9.78 16.43
N SER B 483 3.35 9.79 16.46
CA SER B 483 2.73 8.94 15.36
CA SER B 483 2.91 8.90 15.37
C SER B 483 2.36 7.58 15.90
C SER B 483 2.36 7.58 15.94
N HIS B 484 1.38 6.99 15.27
CA HIS B 484 1.00 5.60 15.60
C HIS B 484 0.57 5.45 17.06
N ASN B 485 -0.15 6.43 17.58
CA ASN B 485 -0.89 6.30 18.82
C ASN B 485 -2.29 5.94 18.35
N SER B 486 -3.31 6.19 19.18
CA SER B 486 -4.72 5.85 18.83
C SER B 486 -5.55 7.12 18.99
N ILE B 487 -4.98 8.28 18.64
CA ILE B 487 -5.59 9.53 18.99
C ILE B 487 -6.81 9.71 18.12
N SER B 488 -7.97 9.71 18.76
CA SER B 488 -9.24 9.88 18.07
C SER B 488 -9.94 11.19 18.42
N GLN B 489 -9.20 12.15 18.87
CA GLN B 489 -9.78 13.40 19.37
C GLN B 489 -10.15 14.39 18.27
N ALA B 490 -11.19 15.22 18.50
CA ALA B 490 -11.40 16.43 17.69
C ALA B 490 -10.56 17.59 18.25
N VAL B 491 -9.36 17.75 17.74
CA VAL B 491 -8.48 18.77 18.29
C VAL B 491 -9.06 20.16 18.11
N ASN B 492 -8.67 21.10 18.96
CA ASN B 492 -9.46 22.32 19.03
C ASN B 492 -8.71 23.48 19.67
N GLY B 493 -7.40 23.37 19.75
CA GLY B 493 -6.56 24.45 20.30
C GLY B 493 -6.20 24.36 21.77
N SER B 494 -6.65 23.31 22.44
CA SER B 494 -6.51 23.19 23.89
C SER B 494 -5.47 22.13 24.26
N GLN B 495 -5.04 21.33 23.31
CA GLN B 495 -4.26 20.10 23.62
C GLN B 495 -2.83 20.35 23.97
N PHE B 496 -2.22 21.32 23.28
CA PHE B 496 -0.75 21.47 23.25
C PHE B 496 -0.26 22.77 23.90
N VAL B 497 -1.09 23.36 24.73
CA VAL B 497 -0.85 24.71 25.22
C VAL B 497 0.56 24.96 25.86
N PRO B 498 1.12 23.99 26.65
CA PRO B 498 2.45 24.15 27.23
C PRO B 498 3.60 24.20 26.24
N LEU B 499 3.40 23.75 25.01
CA LEU B 499 4.49 23.50 24.08
C LEU B 499 4.89 24.77 23.29
N THR B 500 5.37 25.75 24.05
CA THR B 500 5.63 27.09 23.53
C THR B 500 6.81 27.21 22.56
N SER B 501 7.70 26.22 22.58
CA SER B 501 8.87 26.15 21.67
C SER B 501 8.71 25.16 20.48
N LEU B 502 7.58 24.47 20.40
CA LEU B 502 7.49 23.38 19.45
C LEU B 502 7.47 23.82 18.00
N GLN B 503 8.39 23.30 17.23
CA GLN B 503 8.53 23.57 15.81
C GLN B 503 7.94 22.47 14.94
N VAL B 504 8.08 21.21 15.39
CA VAL B 504 7.68 20.07 14.56
C VAL B 504 6.76 19.18 15.39
N LEU B 505 5.62 18.82 14.81
CA LEU B 505 4.62 17.96 15.45
C LEU B 505 4.20 16.87 14.49
N ASP B 506 4.50 15.61 14.85
CA ASP B 506 4.16 14.47 14.03
C ASP B 506 2.99 13.71 14.66
N LEU B 507 1.82 13.85 13.99
CA LEU B 507 0.59 13.16 14.41
C LEU B 507 0.17 12.10 13.38
N SER B 508 1.10 11.63 12.57
CA SER B 508 0.77 10.65 11.53
C SER B 508 0.30 9.31 12.15
N HIS B 509 -0.55 8.62 11.42
CA HIS B 509 -1.03 7.30 11.82
C HIS B 509 -1.81 7.41 13.13
N ASN B 510 -2.82 8.29 13.15
CA ASN B 510 -3.81 8.40 14.26
C ASN B 510 -5.19 8.53 13.64
N LYS B 511 -6.16 9.00 14.41
CA LYS B 511 -7.55 9.10 13.95
C LYS B 511 -8.12 10.45 14.30
N LEU B 512 -7.29 11.49 14.16
CA LEU B 512 -7.75 12.84 14.47
C LEU B 512 -8.91 13.29 13.61
N ASP B 513 -9.93 13.83 14.25
CA ASP B 513 -11.15 14.30 13.58
C ASP B 513 -10.91 15.79 13.34
N LEU B 514 -10.68 16.16 12.09
CA LEU B 514 -10.29 17.56 11.80
C LEU B 514 -11.53 18.31 11.36
N TYR B 515 -11.97 19.21 12.22
CA TYR B 515 -13.01 20.14 11.83
C TYR B 515 -13.03 21.44 12.60
N HIS B 516 -12.46 21.46 13.80
CA HIS B 516 -12.48 22.69 14.63
C HIS B 516 -11.56 23.70 14.05
N GLY B 517 -12.03 24.94 14.00
CA GLY B 517 -11.26 25.96 13.31
C GLY B 517 -10.04 26.48 14.01
N ARG B 518 -9.87 26.10 15.28
CA ARG B 518 -8.72 26.58 16.04
C ARG B 518 -7.69 25.46 16.37
N SER B 519 -7.82 24.26 15.77
CA SER B 519 -6.80 23.23 15.86
C SER B 519 -5.37 23.78 15.66
N PHE B 520 -4.49 23.51 16.64
CA PHE B 520 -3.04 23.75 16.57
C PHE B 520 -2.66 25.20 16.69
N THR B 521 -3.65 26.06 16.89
CA THR B 521 -3.38 27.49 17.03
C THR B 521 -2.66 27.88 18.33
N GLU B 522 -2.56 26.94 19.27
CA GLU B 522 -1.91 27.13 20.53
C GLU B 522 -0.38 26.92 20.47
N LEU B 523 0.12 26.52 19.30
CA LEU B 523 1.54 26.31 19.05
C LEU B 523 2.17 27.50 18.29
N PRO B 524 2.75 28.47 19.04
CA PRO B 524 3.22 29.72 18.42
C PRO B 524 4.42 29.58 17.48
N ARG B 525 5.19 28.50 17.63
CA ARG B 525 6.39 28.29 16.82
C ARG B 525 6.27 27.12 15.82
N LEU B 526 5.06 26.58 15.65
CA LEU B 526 4.86 25.43 14.76
C LEU B 526 5.20 25.74 13.30
N GLU B 527 6.19 25.02 12.77
CA GLU B 527 6.61 25.14 11.36
C GLU B 527 6.28 23.92 10.53
N ALA B 528 6.16 22.75 11.16
CA ALA B 528 5.90 21.55 10.44
C ALA B 528 4.90 20.63 11.14
N LEU B 529 3.88 20.20 10.41
CA LEU B 529 2.81 19.45 10.99
C LEU B 529 2.48 18.24 10.10
N ASP B 530 2.60 17.04 10.63
CA ASP B 530 2.34 15.84 9.87
C ASP B 530 1.03 15.19 10.33
N LEU B 531 0.01 15.29 9.48
CA LEU B 531 -1.34 14.71 9.73
C LEU B 531 -1.65 13.62 8.75
N SER B 532 -0.60 13.01 8.20
CA SER B 532 -0.75 11.92 7.21
C SER B 532 -1.33 10.69 7.90
N TYR B 533 -1.98 9.83 7.12
CA TYR B 533 -2.56 8.58 7.64
C TYR B 533 -3.48 8.79 8.87
N ASN B 534 -4.35 9.82 8.77
CA ASN B 534 -5.47 10.01 9.67
C ASN B 534 -6.76 9.84 8.84
N SER B 535 -6.87 8.72 8.14
CA SER B 535 -7.92 8.54 7.13
C SER B 535 -9.24 8.12 7.70
N GLN B 536 -9.30 7.57 8.90
CA GLN B 536 -10.59 6.97 9.32
C GLN B 536 -11.71 7.99 9.32
N PRO B 537 -11.46 9.20 9.87
CA PRO B 537 -12.61 10.13 9.93
C PRO B 537 -13.08 10.54 8.55
N PHE B 538 -12.12 10.72 7.64
CA PHE B 538 -12.39 11.10 6.23
C PHE B 538 -13.12 10.01 5.47
N SER B 539 -13.11 8.78 6.02
CA SER B 539 -13.75 7.66 5.41
C SER B 539 -15.19 7.46 5.92
N MET B 540 -15.63 8.34 6.82
N MET B 540 -15.65 8.38 6.76
CA MET B 540 -17.00 8.32 7.34
CA MET B 540 -16.96 8.25 7.36
C MET B 540 -17.90 8.95 6.32
C MET B 540 -17.95 8.91 6.43
N ARG B 541 -18.50 8.13 5.49
CA ARG B 541 -19.31 8.63 4.39
C ARG B 541 -20.47 9.44 4.92
N GLY B 542 -20.57 10.70 4.51
CA GLY B 542 -21.67 11.54 4.95
C GLY B 542 -21.37 12.50 6.09
N VAL B 543 -20.17 12.40 6.68
CA VAL B 543 -19.81 13.25 7.77
C VAL B 543 -18.74 14.17 7.25
N GLY B 544 -18.95 15.47 7.49
CA GLY B 544 -18.05 16.49 6.93
C GLY B 544 -16.88 16.79 7.86
N HIS B 545 -15.84 17.35 7.24
CA HIS B 545 -14.63 17.74 7.90
C HIS B 545 -14.22 19.11 7.40
N ASN B 546 -13.29 19.72 8.10
CA ASN B 546 -12.99 21.16 7.91
C ASN B 546 -11.49 21.39 8.15
N LEU B 547 -10.86 21.97 7.13
CA LEU B 547 -9.41 22.28 7.16
C LEU B 547 -9.11 23.80 7.22
N SER B 548 -10.11 24.56 7.65
CA SER B 548 -9.95 26.02 7.81
C SER B 548 -8.91 26.42 8.85
N PHE B 549 -8.60 25.53 9.80
CA PHE B 549 -7.59 25.80 10.80
C PHE B 549 -6.22 26.09 10.16
N VAL B 550 -5.96 25.55 8.97
CA VAL B 550 -4.66 25.71 8.34
C VAL B 550 -4.30 27.21 8.16
N ALA B 551 -5.30 27.98 7.79
CA ALA B 551 -5.07 29.43 7.62
C ALA B 551 -4.71 30.15 8.90
N GLN B 552 -5.02 29.57 10.04
CA GLN B 552 -4.82 30.21 11.34
C GLN B 552 -3.49 29.84 12.02
N LEU B 553 -2.59 29.19 11.25
CA LEU B 553 -1.29 28.73 11.72
C LEU B 553 -0.19 29.55 11.04
N PRO B 554 0.16 30.68 11.66
CA PRO B 554 0.85 31.72 10.94
C PRO B 554 2.28 31.46 10.58
N THR B 555 2.95 30.53 11.27
CA THR B 555 4.33 30.15 11.03
C THR B 555 4.49 28.81 10.30
N LEU B 556 3.37 28.18 9.92
CA LEU B 556 3.46 26.85 9.29
C LEU B 556 4.09 26.86 7.91
N ARG B 557 5.12 26.03 7.74
CA ARG B 557 5.88 25.93 6.51
C ARG B 557 5.73 24.60 5.79
N TYR B 558 5.53 23.52 6.54
CA TYR B 558 5.40 22.20 5.95
C TYR B 558 4.17 21.51 6.54
N LEU B 559 3.34 20.94 5.68
CA LEU B 559 2.13 20.26 6.07
C LEU B 559 1.97 18.99 5.27
N SER B 560 1.66 17.90 5.98
CA SER B 560 1.21 16.71 5.30
C SER B 560 -0.23 16.36 5.63
N LEU B 561 -0.98 16.15 4.54
CA LEU B 561 -2.34 15.58 4.58
C LEU B 561 -2.37 14.34 3.76
N ALA B 562 -1.25 13.65 3.66
CA ALA B 562 -1.10 12.48 2.75
C ALA B 562 -1.83 11.26 3.29
N HIS B 563 -2.33 10.46 2.35
CA HIS B 563 -2.91 9.16 2.70
C HIS B 563 -4.07 9.28 3.66
N ASN B 564 -4.83 10.35 3.46
CA ASN B 564 -6.05 10.52 4.25
C ASN B 564 -7.34 10.14 3.54
N GLY B 565 -7.28 9.78 2.27
CA GLY B 565 -8.52 9.46 1.50
C GLY B 565 -9.52 10.60 1.42
N ILE B 566 -9.03 11.83 1.43
CA ILE B 566 -9.92 12.96 1.43
C ILE B 566 -10.60 13.01 0.06
N HIS B 567 -11.93 13.12 0.04
CA HIS B 567 -12.61 12.92 -1.21
C HIS B 567 -13.93 13.67 -1.34
N SER B 568 -14.51 14.02 -0.19
CA SER B 568 -15.77 14.78 -0.21
C SER B 568 -16.09 15.40 1.13
N ARG B 569 -17.07 16.32 1.09
CA ARG B 569 -17.44 17.05 2.28
C ARG B 569 -16.24 17.58 3.08
N VAL B 570 -15.43 18.39 2.41
CA VAL B 570 -14.35 19.12 3.08
C VAL B 570 -14.30 20.56 2.65
N SER B 571 -13.45 21.35 3.31
CA SER B 571 -13.21 22.75 2.93
C SER B 571 -12.95 22.91 1.42
N GLN B 572 -13.57 23.93 0.80
CA GLN B 572 -13.40 24.16 -0.61
C GLN B 572 -12.03 24.78 -0.96
N GLN B 573 -11.46 25.46 0.01
CA GLN B 573 -10.15 26.10 -0.20
C GLN B 573 -9.24 25.89 1.02
N LEU B 574 -8.00 25.52 0.74
CA LEU B 574 -6.93 25.65 1.71
C LEU B 574 -6.25 26.97 1.57
N CYS B 575 -6.01 27.64 2.70
CA CYS B 575 -5.39 28.97 2.68
C CYS B 575 -4.25 29.06 3.67
N SER B 576 -3.15 29.65 3.23
CA SER B 576 -2.03 29.95 4.06
C SER B 576 -1.13 30.88 3.31
N THR B 577 -0.72 31.94 3.99
CA THR B 577 0.34 32.77 3.44
C THR B 577 1.76 32.30 3.72
N SER B 578 1.95 31.34 4.64
CA SER B 578 3.29 30.93 5.07
C SER B 578 3.73 29.62 4.42
N LEU B 579 2.76 28.80 4.08
CA LEU B 579 3.08 27.41 3.73
C LEU B 579 3.98 27.31 2.50
N TRP B 580 5.04 26.50 2.61
CA TRP B 580 5.94 26.21 1.51
C TRP B 580 5.69 24.86 0.82
N ALA B 581 5.34 23.86 1.61
CA ALA B 581 5.24 22.52 1.06
C ALA B 581 3.97 21.89 1.57
N LEU B 582 3.27 21.21 0.65
CA LEU B 582 2.08 20.43 0.99
C LEU B 582 2.12 19.08 0.30
N ASP B 583 2.03 18.03 1.16
CA ASP B 583 1.90 16.66 0.69
C ASP B 583 0.43 16.31 0.73
N PHE B 584 -0.17 16.26 -0.45
CA PHE B 584 -1.58 15.80 -0.61
C PHE B 584 -1.70 14.48 -1.32
N SER B 585 -0.64 13.69 -1.30
CA SER B 585 -0.66 12.37 -1.98
C SER B 585 -1.64 11.46 -1.26
N GLY B 586 -2.16 10.49 -1.99
CA GLY B 586 -3.00 9.46 -1.36
C GLY B 586 -4.33 9.96 -0.92
N ASN B 587 -4.91 10.90 -1.67
CA ASN B 587 -6.31 11.33 -1.45
C ASN B 587 -7.08 11.09 -2.75
N SER B 588 -8.24 11.70 -2.84
N SER B 588 -8.28 11.64 -2.84
CA SER B 588 -9.07 11.54 -3.99
CA SER B 588 -8.98 11.58 -4.10
C SER B 588 -9.39 12.92 -4.57
C SER B 588 -9.36 12.92 -4.58
N LEU B 589 -8.36 13.69 -4.98
CA LEU B 589 -8.61 14.87 -5.81
C LEU B 589 -9.44 14.55 -7.05
N SER B 590 -9.34 13.31 -7.58
N SER B 590 -9.35 13.32 -7.56
CA SER B 590 -10.16 12.88 -8.70
CA SER B 590 -10.13 12.92 -8.71
C SER B 590 -11.64 13.18 -8.40
C SER B 590 -11.63 13.13 -8.42
N GLN B 591 -12.11 12.69 -7.25
CA GLN B 591 -13.49 12.92 -6.85
C GLN B 591 -13.81 14.39 -6.65
N MET B 592 -12.93 15.10 -5.94
CA MET B 592 -13.12 16.51 -5.61
C MET B 592 -13.22 17.37 -6.89
N TRP B 593 -12.28 17.19 -7.81
CA TRP B 593 -12.28 17.97 -9.02
C TRP B 593 -13.37 17.58 -10.03
N ALA B 594 -14.02 16.44 -9.83
CA ALA B 594 -15.22 16.10 -10.63
C ALA B 594 -16.50 16.73 -10.08
N GLU B 595 -16.41 17.33 -8.89
CA GLU B 595 -17.59 17.85 -8.16
C GLU B 595 -17.94 19.29 -8.53
N GLY B 596 -18.31 19.50 -9.79
CA GLY B 596 -18.59 20.83 -10.29
C GLY B 596 -17.40 21.74 -10.00
N ASP B 597 -17.66 22.97 -9.59
CA ASP B 597 -16.57 23.92 -9.38
C ASP B 597 -16.13 24.03 -7.90
N LEU B 598 -16.65 23.15 -7.05
CA LEU B 598 -16.48 23.27 -5.62
C LEU B 598 -15.01 23.34 -5.21
N TYR B 599 -14.15 22.51 -5.79
CA TYR B 599 -12.82 22.32 -5.28
C TYR B 599 -11.76 22.80 -6.30
N LEU B 600 -12.18 23.51 -7.36
CA LEU B 600 -11.27 23.86 -8.44
C LEU B 600 -10.20 24.88 -8.01
N ARG B 601 -10.41 25.59 -6.89
CA ARG B 601 -9.41 26.51 -6.37
C ARG B 601 -8.84 26.05 -5.01
N PHE B 602 -8.90 24.73 -4.75
CA PHE B 602 -8.55 24.20 -3.45
C PHE B 602 -7.18 24.62 -2.92
N PHE B 603 -6.19 24.73 -3.82
CA PHE B 603 -4.81 25.00 -3.44
C PHE B 603 -4.42 26.45 -3.75
N GLN B 604 -5.30 27.20 -4.38
CA GLN B 604 -4.92 28.53 -4.88
C GLN B 604 -4.48 29.54 -3.79
N GLY B 605 -5.09 29.48 -2.59
CA GLY B 605 -4.81 30.36 -1.46
C GLY B 605 -3.57 30.02 -0.67
N LEU B 606 -2.81 29.02 -1.14
CA LEU B 606 -1.51 28.71 -0.60
C LEU B 606 -0.51 29.59 -1.33
N ARG B 607 -0.50 30.86 -0.93
CA ARG B 607 0.14 31.91 -1.72
C ARG B 607 1.66 31.90 -1.76
N SER B 608 2.31 31.15 -0.90
CA SER B 608 3.78 31.03 -0.94
C SER B 608 4.22 29.60 -1.30
N LEU B 609 3.28 28.74 -1.69
CA LEU B 609 3.67 27.33 -1.87
C LEU B 609 4.71 27.13 -2.98
N ILE B 610 5.75 26.37 -2.66
CA ILE B 610 6.78 25.98 -3.58
C ILE B 610 6.84 24.50 -3.95
N ARG B 611 6.32 23.60 -3.11
CA ARG B 611 6.29 22.14 -3.42
C ARG B 611 4.91 21.59 -3.14
N LEU B 612 4.46 20.76 -4.07
CA LEU B 612 3.12 20.18 -3.94
C LEU B 612 3.18 18.75 -4.47
N ASP B 613 2.77 17.81 -3.62
CA ASP B 613 2.67 16.41 -4.02
C ASP B 613 1.18 16.01 -4.17
N LEU B 614 0.79 15.77 -5.40
CA LEU B 614 -0.56 15.27 -5.79
C LEU B 614 -0.49 13.85 -6.27
N SER B 615 0.54 13.11 -5.86
CA SER B 615 0.65 11.72 -6.32
C SER B 615 -0.45 10.84 -5.74
N GLN B 616 -0.85 9.78 -6.46
CA GLN B 616 -1.75 8.78 -5.91
C GLN B 616 -3.06 9.46 -5.47
N ASN B 617 -3.61 10.27 -6.37
CA ASN B 617 -4.92 10.86 -6.14
C ASN B 617 -5.98 10.37 -7.12
N ARG B 618 -5.72 9.24 -7.78
CA ARG B 618 -6.67 8.57 -8.66
C ARG B 618 -7.06 9.45 -9.88
N LEU B 619 -6.18 10.38 -10.29
CA LEU B 619 -6.49 11.36 -11.35
C LEU B 619 -6.43 10.68 -12.72
N HIS B 620 -7.59 10.64 -13.38
CA HIS B 620 -7.62 10.18 -14.74
C HIS B 620 -7.60 11.33 -15.72
N THR B 621 -7.84 12.54 -15.23
N THR B 621 -7.94 12.54 -15.27
CA THR B 621 -7.94 13.68 -16.09
CA THR B 621 -7.85 13.71 -16.12
C THR B 621 -7.58 14.97 -15.30
C THR B 621 -7.45 14.93 -15.29
N LEU B 622 -7.03 15.97 -15.99
CA LEU B 622 -6.83 17.34 -15.44
C LEU B 622 -7.50 18.36 -16.38
N LEU B 623 -7.77 19.57 -15.88
CA LEU B 623 -8.07 20.70 -16.77
C LEU B 623 -6.90 21.68 -16.77
N PRO B 624 -6.61 22.34 -17.91
CA PRO B 624 -5.71 23.49 -17.88
C PRO B 624 -6.16 24.55 -16.88
N CYS B 625 -7.44 24.90 -16.86
CA CYS B 625 -7.97 25.80 -15.83
C CYS B 625 -7.60 25.40 -14.38
N THR B 626 -7.61 24.10 -14.07
CA THR B 626 -7.28 23.61 -12.72
C THR B 626 -5.77 23.69 -12.38
N LEU B 627 -4.92 23.43 -13.37
CA LEU B 627 -3.49 23.67 -13.24
C LEU B 627 -3.15 25.16 -13.06
N GLY B 628 -3.87 26.03 -13.75
CA GLY B 628 -3.69 27.49 -13.61
C GLY B 628 -4.22 27.96 -12.28
N ASN B 629 -4.94 27.11 -11.55
CA ASN B 629 -5.39 27.47 -10.21
C ASN B 629 -4.45 27.01 -9.10
N LEU B 630 -3.37 26.31 -9.42
CA LEU B 630 -2.34 26.04 -8.42
C LEU B 630 -1.53 27.31 -8.21
N PRO B 631 -0.85 27.42 -7.05
CA PRO B 631 -0.12 28.67 -6.76
C PRO B 631 0.98 28.95 -7.79
N LYS B 632 1.06 30.20 -8.24
CA LYS B 632 2.06 30.63 -9.22
C LYS B 632 3.47 30.49 -8.74
N SER B 633 3.64 30.45 -7.41
CA SER B 633 4.96 30.29 -6.78
C SER B 633 5.51 28.87 -6.90
N LEU B 634 4.69 27.93 -7.36
CA LEU B 634 5.11 26.54 -7.33
C LEU B 634 6.39 26.27 -8.10
N GLN B 635 7.29 25.55 -7.48
CA GLN B 635 8.54 25.11 -8.08
C GLN B 635 8.58 23.63 -8.40
N LEU B 636 7.88 22.85 -7.59
CA LEU B 636 7.90 21.41 -7.72
C LEU B 636 6.50 20.87 -7.63
N LEU B 637 6.11 20.10 -8.65
CA LEU B 637 4.80 19.45 -8.69
C LEU B 637 4.93 17.96 -8.97
N ARG B 638 4.43 17.17 -8.05
CA ARG B 638 4.43 15.71 -8.26
C ARG B 638 3.00 15.23 -8.53
N LEU B 639 2.90 14.45 -9.60
CA LEU B 639 1.62 13.80 -10.04
C LEU B 639 1.89 12.33 -10.26
N ARG B 640 2.78 11.76 -9.49
CA ARG B 640 3.16 10.37 -9.68
C ARG B 640 1.99 9.40 -9.44
N ASN B 641 1.98 8.28 -10.17
CA ASN B 641 1.07 7.18 -9.89
C ASN B 641 -0.38 7.60 -9.82
N ASN B 642 -0.74 8.36 -10.82
CA ASN B 642 -2.13 8.61 -11.10
C ASN B 642 -2.44 7.79 -12.34
N TYR B 643 -3.46 8.17 -13.09
CA TYR B 643 -3.88 7.39 -14.23
C TYR B 643 -3.97 8.32 -15.42
N LEU B 644 -3.05 9.24 -15.55
CA LEU B 644 -3.20 10.22 -16.60
C LEU B 644 -2.72 9.65 -17.94
N ALA B 645 -3.57 9.71 -18.97
CA ALA B 645 -3.21 9.27 -20.34
C ALA B 645 -3.00 10.39 -21.33
N PHE B 646 -3.16 11.62 -20.87
CA PHE B 646 -3.00 12.82 -21.69
C PHE B 646 -2.52 13.90 -20.74
N PHE B 647 -1.62 14.76 -21.23
CA PHE B 647 -1.17 15.91 -20.49
C PHE B 647 -0.96 17.10 -21.42
N ASN B 648 -1.60 18.21 -21.08
CA ASN B 648 -1.55 19.40 -21.91
C ASN B 648 -0.30 20.22 -21.54
N TRP B 649 0.77 20.00 -22.30
CA TRP B 649 2.09 20.58 -22.00
C TRP B 649 2.03 22.10 -21.98
N SER B 650 1.19 22.67 -22.81
CA SER B 650 1.18 24.13 -22.92
C SER B 650 0.70 24.78 -21.61
N SER B 651 -0.10 24.06 -20.83
CA SER B 651 -0.53 24.55 -19.50
C SER B 651 0.63 24.81 -18.54
N LEU B 652 1.83 24.27 -18.80
CA LEU B 652 2.98 24.54 -17.94
C LEU B 652 3.35 26.01 -17.90
N THR B 653 3.00 26.76 -18.96
CA THR B 653 3.21 28.21 -18.92
C THR B 653 2.43 28.92 -17.80
N LEU B 654 1.39 28.27 -17.28
CA LEU B 654 0.62 28.81 -16.15
C LEU B 654 1.34 28.70 -14.80
N LEU B 655 2.43 27.92 -14.77
CA LEU B 655 3.28 27.75 -13.59
C LEU B 655 4.69 28.23 -13.96
N PRO B 656 4.84 29.56 -14.00
CA PRO B 656 6.11 30.11 -14.54
C PRO B 656 7.38 29.75 -13.75
N ASN B 657 7.23 29.35 -12.48
CA ASN B 657 8.37 29.08 -11.62
C ASN B 657 8.63 27.59 -11.49
N LEU B 658 7.87 26.77 -12.22
CA LEU B 658 8.07 25.33 -12.14
C LEU B 658 9.47 24.89 -12.65
N GLU B 659 10.17 24.16 -11.80
CA GLU B 659 11.45 23.58 -12.06
C GLU B 659 11.43 22.07 -12.19
N THR B 660 10.56 21.42 -11.44
CA THR B 660 10.49 19.97 -11.42
C THR B 660 9.04 19.51 -11.62
N LEU B 661 8.86 18.63 -12.60
CA LEU B 661 7.53 18.03 -12.88
C LEU B 661 7.72 16.52 -12.86
N ASP B 662 6.98 15.84 -11.98
CA ASP B 662 7.12 14.40 -11.84
C ASP B 662 5.81 13.74 -12.23
N LEU B 663 5.84 13.07 -13.39
CA LEU B 663 4.70 12.35 -13.94
C LEU B 663 4.96 10.81 -13.97
N ALA B 664 5.90 10.36 -13.16
CA ALA B 664 6.24 8.95 -13.18
C ALA B 664 4.98 8.11 -12.86
N GLY B 665 4.81 6.97 -13.53
CA GLY B 665 3.83 5.95 -13.16
C GLY B 665 2.40 6.31 -13.62
N ASN B 666 2.29 7.15 -14.63
CA ASN B 666 0.98 7.41 -15.25
C ASN B 666 0.81 6.49 -16.50
N GLN B 667 -0.08 6.84 -17.44
CA GLN B 667 -0.41 6.02 -18.63
C GLN B 667 -0.25 6.82 -19.96
N LEU B 668 0.68 7.75 -19.95
CA LEU B 668 0.93 8.45 -21.22
C LEU B 668 1.37 7.48 -22.28
N LYS B 669 0.88 7.67 -23.49
CA LYS B 669 1.23 6.79 -24.62
C LYS B 669 2.19 7.48 -25.61
N ALA B 670 2.50 8.75 -25.40
CA ALA B 670 3.34 9.53 -26.33
C ALA B 670 3.68 10.83 -25.65
N LEU B 671 4.79 11.44 -26.08
CA LEU B 671 5.08 12.81 -25.73
C LEU B 671 4.84 13.59 -27.00
N SER B 672 3.69 14.28 -26.99
N SER B 672 3.64 14.20 -27.04
CA SER B 672 3.11 14.86 -28.18
CA SER B 672 3.08 14.77 -28.26
C SER B 672 1.97 15.76 -27.71
C SER B 672 2.25 16.01 -27.86
N ASN B 673 1.21 16.34 -28.64
CA ASN B 673 0.18 17.33 -28.26
C ASN B 673 0.91 18.62 -27.98
N GLY B 674 1.79 18.91 -28.91
CA GLY B 674 2.59 20.07 -28.84
C GLY B 674 3.88 19.52 -28.29
N SER B 675 4.62 20.42 -27.67
N SER B 675 4.48 20.30 -27.45
CA SER B 675 5.95 20.15 -27.16
CA SER B 675 5.78 19.97 -26.98
C SER B 675 5.98 20.86 -25.82
C SER B 675 5.96 20.87 -25.79
N LEU B 676 7.09 20.75 -25.11
CA LEU B 676 7.31 21.56 -23.91
C LEU B 676 7.30 23.02 -24.37
N PRO B 677 6.51 23.88 -23.68
CA PRO B 677 6.35 25.26 -24.19
C PRO B 677 7.59 26.12 -24.03
N SER B 678 7.74 27.17 -24.86
CA SER B 678 8.89 28.05 -24.66
C SER B 678 8.76 28.90 -23.38
N GLY B 679 9.88 29.39 -22.92
CA GLY B 679 10.00 30.15 -21.70
C GLY B 679 10.03 29.29 -20.43
N THR B 680 9.77 27.99 -20.53
CA THR B 680 9.76 27.11 -19.32
C THR B 680 11.08 27.15 -18.56
N GLN B 681 11.02 27.25 -17.23
CA GLN B 681 12.23 27.06 -16.41
C GLN B 681 12.42 25.60 -15.95
N LEU B 682 11.66 24.68 -16.55
CA LEU B 682 11.74 23.29 -16.19
C LEU B 682 13.16 22.79 -16.32
N GLN B 683 13.67 22.23 -15.21
CA GLN B 683 14.98 21.62 -15.10
C GLN B 683 14.91 20.11 -15.05
N ARG B 684 13.85 19.59 -14.42
CA ARG B 684 13.76 18.15 -14.23
C ARG B 684 12.38 17.63 -14.61
N LEU B 685 12.33 16.63 -15.49
CA LEU B 685 11.08 16.01 -15.92
C LEU B 685 11.19 14.49 -15.82
N ASP B 686 10.27 13.87 -15.08
CA ASP B 686 10.25 12.42 -14.88
C ASP B 686 8.97 11.86 -15.48
N VAL B 687 9.12 11.10 -16.57
CA VAL B 687 7.96 10.44 -17.21
C VAL B 687 8.20 8.96 -17.25
N SER B 688 8.97 8.47 -16.30
CA SER B 688 9.23 7.05 -16.26
C SER B 688 7.98 6.26 -15.90
N ARG B 689 7.99 4.97 -16.19
CA ARG B 689 6.87 4.05 -15.91
C ARG B 689 5.54 4.52 -16.46
N ASN B 690 5.57 5.13 -17.65
CA ASN B 690 4.37 5.39 -18.43
C ASN B 690 4.29 4.32 -19.52
N SER B 691 3.53 4.55 -20.62
CA SER B 691 3.50 3.61 -21.72
C SER B 691 3.88 4.32 -23.04
N ILE B 692 4.89 5.18 -22.95
CA ILE B 692 5.19 6.06 -24.04
C ILE B 692 5.81 5.26 -25.19
N ILE B 693 5.23 5.38 -26.39
CA ILE B 693 5.69 4.72 -27.59
C ILE B 693 6.45 5.65 -28.53
N PHE B 694 6.18 6.94 -28.47
N PHE B 694 6.08 6.94 -28.51
CA PHE B 694 6.91 7.83 -29.35
CA PHE B 694 6.52 7.93 -29.52
C PHE B 694 6.87 9.24 -28.85
C PHE B 694 6.85 9.26 -28.81
N VAL B 695 7.88 9.97 -29.27
CA VAL B 695 8.10 11.36 -28.85
C VAL B 695 8.22 12.21 -30.12
N VAL B 696 7.51 13.32 -30.20
CA VAL B 696 7.52 14.07 -31.45
C VAL B 696 8.87 14.74 -31.65
N PRO B 697 9.30 14.91 -32.91
CA PRO B 697 10.49 15.69 -33.12
C PRO B 697 10.39 17.03 -32.43
N GLY B 698 11.47 17.44 -31.76
CA GLY B 698 11.48 18.70 -31.04
C GLY B 698 10.80 18.83 -29.68
N PHE B 699 10.26 17.73 -29.19
CA PHE B 699 9.48 17.75 -27.99
C PHE B 699 10.12 18.55 -26.86
N PHE B 700 11.41 18.29 -26.66
CA PHE B 700 12.15 18.88 -25.57
C PHE B 700 12.91 20.15 -25.94
N ALA B 701 12.86 20.54 -27.20
CA ALA B 701 13.85 21.49 -27.73
C ALA B 701 13.72 22.90 -27.15
N LEU B 702 12.53 23.33 -26.78
CA LEU B 702 12.37 24.70 -26.22
C LEU B 702 12.59 24.83 -24.70
N ALA B 703 12.79 23.69 -24.02
CA ALA B 703 13.03 23.67 -22.60
C ALA B 703 14.52 23.80 -22.41
N THR B 704 14.99 25.05 -22.54
CA THR B 704 16.41 25.32 -22.53
C THR B 704 17.09 25.09 -21.19
N ARG B 705 16.32 25.00 -20.09
CA ARG B 705 16.92 24.76 -18.76
C ARG B 705 16.86 23.26 -18.37
N LEU B 706 16.36 22.41 -19.27
CA LEU B 706 16.24 20.97 -18.94
C LEU B 706 17.60 20.31 -18.71
N ARG B 707 17.74 19.65 -17.56
CA ARG B 707 18.98 19.01 -17.17
C ARG B 707 18.77 17.53 -16.85
N GLU B 708 17.57 17.14 -16.41
CA GLU B 708 17.39 15.76 -15.95
C GLU B 708 16.08 15.25 -16.53
N LEU B 709 16.19 14.14 -17.23
CA LEU B 709 15.06 13.56 -17.93
C LEU B 709 15.05 12.07 -17.68
N ASN B 710 13.95 11.56 -17.13
CA ASN B 710 13.83 10.15 -16.92
C ASN B 710 12.77 9.59 -17.84
N LEU B 711 13.21 8.78 -18.80
CA LEU B 711 12.33 8.09 -19.74
C LEU B 711 12.28 6.59 -19.47
N SER B 712 12.80 6.14 -18.34
CA SER B 712 12.92 4.71 -18.04
C SER B 712 11.54 4.00 -17.99
N ALA B 713 11.52 2.76 -18.44
CA ALA B 713 10.33 1.91 -18.18
C ALA B 713 9.11 2.40 -18.95
N ASN B 714 9.36 2.74 -20.21
CA ASN B 714 8.32 3.08 -21.16
C ASN B 714 8.32 2.03 -22.25
N ALA B 715 7.78 2.34 -23.43
CA ALA B 715 7.76 1.42 -24.57
C ALA B 715 8.48 1.96 -25.78
N LEU B 716 9.55 2.71 -25.49
CA LEU B 716 10.29 3.31 -26.56
C LEU B 716 11.17 2.30 -27.29
N ARG B 717 11.06 2.26 -28.62
CA ARG B 717 11.88 1.37 -29.45
C ARG B 717 13.09 2.08 -30.07
N THR B 718 13.20 3.38 -29.82
N THR B 718 13.17 3.39 -29.87
CA THR B 718 14.38 4.13 -30.24
CA THR B 718 14.27 4.22 -30.35
C THR B 718 14.63 5.27 -29.26
C THR B 718 14.60 5.29 -29.31
N VAL B 719 15.75 5.94 -29.48
CA VAL B 719 16.09 7.14 -28.74
C VAL B 719 16.58 8.08 -29.84
N GLU B 720 15.90 9.20 -30.03
CA GLU B 720 16.19 10.09 -31.16
C GLU B 720 16.80 11.43 -30.75
N PRO B 721 17.94 11.82 -31.39
CA PRO B 721 18.44 13.12 -31.01
C PRO B 721 17.49 14.24 -31.45
N SER B 722 16.68 13.97 -32.47
CA SER B 722 15.68 14.92 -32.94
C SER B 722 14.70 15.34 -31.86
N TRP B 723 14.53 14.55 -30.78
CA TRP B 723 13.59 14.92 -29.72
C TRP B 723 14.10 16.18 -28.98
N PHE B 724 15.41 16.43 -29.12
CA PHE B 724 16.10 17.49 -28.42
C PHE B 724 16.62 18.52 -29.42
N GLY B 725 16.19 18.40 -30.68
CA GLY B 725 16.70 19.24 -31.80
C GLY B 725 18.20 19.05 -31.97
N PHE B 726 18.64 17.82 -31.65
CA PHE B 726 20.05 17.46 -31.69
C PHE B 726 20.87 18.39 -30.79
N LEU B 727 20.29 18.84 -29.68
CA LEU B 727 21.02 19.65 -28.72
C LEU B 727 20.78 19.05 -27.34
N ALA B 728 21.34 17.84 -27.13
CA ALA B 728 21.18 17.09 -25.89
C ALA B 728 22.42 17.14 -25.01
N GLY B 729 23.42 17.90 -25.42
CA GLY B 729 24.63 17.99 -24.64
C GLY B 729 24.57 18.66 -23.27
N SER B 730 23.54 19.46 -23.01
CA SER B 730 23.31 20.06 -21.68
C SER B 730 22.68 19.14 -20.66
N LEU B 731 22.08 18.04 -21.11
CA LEU B 731 21.53 17.10 -20.15
C LEU B 731 22.61 16.48 -19.28
N GLU B 732 22.32 16.43 -17.99
CA GLU B 732 23.15 15.77 -16.99
C GLU B 732 22.70 14.37 -16.74
N VAL B 733 21.39 14.15 -16.84
CA VAL B 733 20.81 12.83 -16.63
C VAL B 733 19.81 12.53 -17.75
N LEU B 734 20.06 11.42 -18.44
CA LEU B 734 19.09 10.90 -19.45
C LEU B 734 18.95 9.41 -19.24
N ASP B 735 17.86 8.97 -18.61
CA ASP B 735 17.68 7.57 -18.28
C ASP B 735 16.73 6.95 -19.25
N VAL B 736 17.25 6.02 -20.04
CA VAL B 736 16.53 5.31 -21.08
C VAL B 736 16.47 3.80 -20.83
N SER B 737 16.77 3.39 -19.58
CA SER B 737 16.77 1.98 -19.22
C SER B 737 15.36 1.43 -19.30
N ALA B 738 15.24 0.11 -19.36
CA ALA B 738 13.94 -0.58 -19.32
C ALA B 738 12.97 -0.14 -20.39
N ASN B 739 13.54 0.11 -21.58
CA ASN B 739 12.78 0.38 -22.80
C ASN B 739 13.12 -0.66 -23.88
N PRO B 740 12.15 -1.10 -24.67
CA PRO B 740 12.34 -2.15 -25.69
C PRO B 740 13.03 -1.71 -26.95
N LEU B 741 14.25 -1.21 -26.80
CA LEU B 741 14.96 -0.70 -27.92
C LEU B 741 15.15 -1.68 -29.03
N HIS B 742 14.99 -1.21 -30.26
CA HIS B 742 15.13 -2.06 -31.43
C HIS B 742 16.55 -2.04 -31.90
N CYS B 743 17.26 -3.14 -31.65
CA CYS B 743 18.68 -3.23 -31.87
C CYS B 743 18.99 -3.72 -33.27
N ALA B 744 18.68 -2.86 -34.23
CA ALA B 744 19.00 -3.12 -35.62
C ALA B 744 20.33 -2.42 -35.91
N CYS B 745 21.06 -2.88 -36.92
CA CYS B 745 22.29 -2.17 -37.33
C CYS B 745 21.97 -0.72 -37.74
N GLY B 746 22.67 0.22 -37.12
CA GLY B 746 22.53 1.64 -37.44
C GLY B 746 21.34 2.42 -36.89
N ALA B 747 20.58 1.83 -35.95
CA ALA B 747 19.49 2.57 -35.26
C ALA B 747 20.02 3.93 -34.79
N ALA B 748 19.17 4.96 -34.69
CA ALA B 748 19.66 6.30 -34.28
C ALA B 748 20.34 6.26 -32.92
N PHE B 749 19.88 5.35 -32.08
CA PHE B 749 20.18 5.49 -30.68
C PHE B 749 21.63 5.19 -30.39
N VAL B 750 22.24 4.33 -31.19
CA VAL B 750 23.60 3.85 -30.97
C VAL B 750 24.58 5.01 -30.86
N ASP B 751 24.67 5.76 -31.95
CA ASP B 751 25.55 6.91 -31.99
C ASP B 751 25.13 7.93 -30.98
N PHE B 752 23.83 8.16 -30.87
CA PHE B 752 23.39 9.20 -29.99
C PHE B 752 23.75 8.92 -28.54
N LEU B 753 23.51 7.69 -28.08
CA LEU B 753 23.78 7.36 -26.68
C LEU B 753 25.27 7.48 -26.39
N LEU B 754 26.10 7.11 -27.36
CA LEU B 754 27.56 7.31 -27.23
C LEU B 754 27.93 8.77 -27.15
N GLN B 755 27.21 9.62 -27.88
CA GLN B 755 27.49 11.03 -27.83
C GLN B 755 27.20 11.64 -26.45
N VAL B 756 26.15 11.18 -25.78
CA VAL B 756 25.76 11.71 -24.45
C VAL B 756 25.94 10.68 -23.33
N GLN B 757 26.92 9.78 -23.52
CA GLN B 757 27.12 8.69 -22.58
C GLN B 757 27.37 9.11 -21.15
N ALA B 758 28.01 10.26 -20.92
CA ALA B 758 28.18 10.72 -19.54
C ALA B 758 26.90 11.01 -18.74
N ALA B 759 25.81 11.23 -19.47
CA ALA B 759 24.51 11.51 -18.90
C ALA B 759 23.65 10.27 -18.68
N VAL B 760 24.03 9.12 -19.23
CA VAL B 760 23.13 7.95 -19.30
C VAL B 760 23.53 6.96 -18.22
N PRO B 761 22.70 6.84 -17.16
CA PRO B 761 23.11 5.95 -16.12
C PRO B 761 23.02 4.50 -16.54
N GLY B 762 23.99 3.71 -16.12
CA GLY B 762 24.00 2.28 -16.41
C GLY B 762 24.11 1.95 -17.88
N LEU B 763 24.65 2.87 -18.69
CA LEU B 763 24.69 2.64 -20.13
C LEU B 763 25.26 1.30 -20.54
N PRO B 764 26.37 0.87 -19.89
CA PRO B 764 26.97 -0.37 -20.38
C PRO B 764 26.16 -1.63 -20.18
N SER B 765 25.25 -1.62 -19.21
CA SER B 765 24.53 -2.85 -18.83
C SER B 765 23.02 -2.76 -18.72
N ARG B 766 22.45 -1.60 -18.38
CA ARG B 766 21.02 -1.52 -18.05
C ARG B 766 20.15 -1.00 -19.20
N VAL B 767 20.79 -0.67 -20.32
CA VAL B 767 20.11 -0.19 -21.52
C VAL B 767 20.10 -1.37 -22.49
N LYS B 768 18.89 -1.94 -22.66
CA LYS B 768 18.71 -3.28 -23.26
C LYS B 768 17.83 -3.23 -24.48
N CYS B 769 17.95 -4.28 -25.29
CA CYS B 769 17.20 -4.47 -26.52
C CYS B 769 15.87 -5.15 -26.20
N GLY B 770 14.84 -4.68 -26.86
CA GLY B 770 13.59 -5.37 -26.93
C GLY B 770 13.43 -6.34 -28.10
N SER B 771 14.32 -6.23 -29.07
CA SER B 771 14.17 -6.84 -30.40
C SER B 771 15.44 -6.49 -31.17
N PRO B 772 15.72 -7.19 -32.29
CA PRO B 772 15.06 -8.38 -32.83
C PRO B 772 15.57 -9.67 -32.22
N GLY B 773 14.77 -10.72 -32.39
CA GLY B 773 15.20 -12.09 -32.19
C GLY B 773 15.88 -12.26 -30.84
N GLN B 774 17.05 -12.90 -30.85
CA GLN B 774 17.72 -13.25 -29.63
C GLN B 774 18.37 -12.08 -28.91
N LEU B 775 18.33 -10.88 -29.49
CA LEU B 775 18.92 -9.73 -28.81
C LEU B 775 18.01 -9.25 -27.68
N GLN B 776 16.73 -9.64 -27.74
CA GLN B 776 15.78 -9.22 -26.71
C GLN B 776 16.27 -9.62 -25.29
N GLY B 777 16.36 -8.66 -24.38
CA GLY B 777 16.83 -8.80 -23.02
C GLY B 777 18.32 -8.68 -22.80
N ARG B 778 19.04 -8.48 -23.89
CA ARG B 778 20.49 -8.26 -23.84
C ARG B 778 20.81 -6.81 -23.88
N SER B 779 21.99 -6.49 -23.38
CA SER B 779 22.52 -5.14 -23.51
C SER B 779 22.62 -4.75 -24.99
N ILE B 780 22.45 -3.44 -25.25
CA ILE B 780 22.68 -2.90 -26.60
C ILE B 780 24.14 -3.11 -27.06
N PHE B 781 25.02 -3.39 -26.09
CA PHE B 781 26.45 -3.63 -26.38
C PHE B 781 26.80 -5.09 -26.41
N ALA B 782 25.82 -5.99 -26.29
CA ALA B 782 26.16 -7.44 -26.36
C ALA B 782 26.73 -7.78 -27.73
N GLN B 783 26.33 -6.98 -28.71
CA GLN B 783 26.75 -7.10 -30.09
C GLN B 783 27.06 -5.68 -30.61
N ASP B 784 27.95 -5.57 -31.61
CA ASP B 784 28.28 -4.26 -32.16
C ASP B 784 27.32 -3.94 -33.28
N LEU B 785 26.45 -2.97 -33.04
CA LEU B 785 25.37 -2.63 -33.97
C LEU B 785 25.85 -1.59 -34.99
#